data_1S2B
# 
_entry.id   1S2B 
# 
_audit_conform.dict_name       mmcif_pdbx.dic 
_audit_conform.dict_version    5.397 
_audit_conform.dict_location   http://mmcif.pdb.org/dictionaries/ascii/mmcif_pdbx.dic 
# 
loop_
_database_2.database_id 
_database_2.database_code 
_database_2.pdbx_database_accession 
_database_2.pdbx_DOI 
PDB   1S2B         pdb_00001s2b 10.2210/pdb1s2b/pdb 
RCSB  RCSB021277   ?            ?                   
WWPDB D_1000021277 ?            ?                   
# 
loop_
_pdbx_audit_revision_history.ordinal 
_pdbx_audit_revision_history.data_content_type 
_pdbx_audit_revision_history.major_revision 
_pdbx_audit_revision_history.minor_revision 
_pdbx_audit_revision_history.revision_date 
1 'Structure model' 1 0 2004-04-27 
2 'Structure model' 1 1 2008-04-29 
3 'Structure model' 1 2 2011-07-13 
4 'Structure model' 1 3 2011-11-16 
5 'Structure model' 1 4 2024-10-30 
# 
_pdbx_audit_revision_details.ordinal             1 
_pdbx_audit_revision_details.revision_ordinal    1 
_pdbx_audit_revision_details.data_content_type   'Structure model' 
_pdbx_audit_revision_details.provider            repository 
_pdbx_audit_revision_details.type                'Initial release' 
_pdbx_audit_revision_details.description         ? 
_pdbx_audit_revision_details.details             ? 
# 
loop_
_pdbx_audit_revision_group.ordinal 
_pdbx_audit_revision_group.revision_ordinal 
_pdbx_audit_revision_group.data_content_type 
_pdbx_audit_revision_group.group 
1 2 'Structure model' 'Version format compliance' 
2 3 'Structure model' 'Version format compliance' 
3 4 'Structure model' 'Atomic model'              
4 5 'Structure model' 'Data collection'           
5 5 'Structure model' 'Database references'       
6 5 'Structure model' 'Structure summary'         
# 
loop_
_pdbx_audit_revision_category.ordinal 
_pdbx_audit_revision_category.revision_ordinal 
_pdbx_audit_revision_category.data_content_type 
_pdbx_audit_revision_category.category 
1 5 'Structure model' chem_comp_atom            
2 5 'Structure model' chem_comp_bond            
3 5 'Structure model' database_2                
4 5 'Structure model' pdbx_entry_details        
5 5 'Structure model' pdbx_modification_feature 
# 
loop_
_pdbx_audit_revision_item.ordinal 
_pdbx_audit_revision_item.revision_ordinal 
_pdbx_audit_revision_item.data_content_type 
_pdbx_audit_revision_item.item 
1 5 'Structure model' '_database_2.pdbx_DOI'                
2 5 'Structure model' '_database_2.pdbx_database_accession' 
# 
_pdbx_database_status.status_code                     REL 
_pdbx_database_status.entry_id                        1S2B 
_pdbx_database_status.recvd_initial_deposition_date   2004-01-08 
_pdbx_database_status.deposit_site                    RCSB 
_pdbx_database_status.process_site                    RCSB 
_pdbx_database_status.SG_entry                        . 
_pdbx_database_status.pdb_format_compatible           Y 
_pdbx_database_status.status_code_mr                  ? 
_pdbx_database_status.status_code_sf                  ? 
_pdbx_database_status.status_code_cs                  ? 
_pdbx_database_status.status_code_nmr_data            ? 
_pdbx_database_status.methods_development_category    ? 
# 
_pdbx_database_related.db_name        PDB 
_pdbx_database_related.db_id          1s2k 
_pdbx_database_related.details        'same protein with bound peptide' 
_pdbx_database_related.content_type   unspecified 
# 
loop_
_audit_author.name 
_audit_author.pdbx_ordinal 
'Fujinaga, M.'  1 
'Cherney, M.M.' 2 
'Oyama, H.'     3 
'Oda, K.'       4 
'James, M.N.'   5 
# 
_citation.id                        primary 
_citation.title                     
'The molecular structure and catalytic mechanism of a novel carboxyl peptidase from Scytalidium lignicolum' 
_citation.journal_abbrev            Proc.Natl.Acad.Sci.USA 
_citation.journal_volume            101 
_citation.page_first                3364 
_citation.page_last                 3369 
_citation.year                      2004 
_citation.journal_id_ASTM           PNASA6 
_citation.country                   US 
_citation.journal_id_ISSN           0027-8424 
_citation.journal_id_CSD            0040 
_citation.book_publisher            ? 
_citation.pdbx_database_id_PubMed   14993599 
_citation.pdbx_database_id_DOI      10.1073/pnas.0400246101 
# 
loop_
_citation_author.citation_id 
_citation_author.name 
_citation_author.ordinal 
_citation_author.identifier_ORCID 
primary 'Fujinaga, M.'  1 ? 
primary 'Cherney, M.M.' 2 ? 
primary 'Oyama, H.'     3 ? 
primary 'Oda, K.'       4 ? 
primary 'James, M.N.'   5 ? 
# 
loop_
_entity.id 
_entity.type 
_entity.src_method 
_entity.pdbx_description 
_entity.formula_weight 
_entity.pdbx_number_of_molecules 
_entity.pdbx_ec 
_entity.pdbx_mutation 
_entity.pdbx_fragment 
_entity.details 
1 polymer man 'Scytalidopepsin B' 21553.812 1   3.4.23.32 ? ? ? 
2 water   nat water               18.015    167 ?         ? ? ? 
# 
_entity_name_com.entity_id   1 
_entity_name_com.name        'Acid protease B, SLB' 
# 
_entity_poly.entity_id                      1 
_entity_poly.type                           'polypeptide(L)' 
_entity_poly.nstd_linkage                   no 
_entity_poly.nstd_monomer                   no 
_entity_poly.pdbx_seq_one_letter_code       
;TVESNWGGAILIGSDFDTVSATANVPSASGGSSAAGTAWVGIDGDTCQTAILQTGFDWYGDGTYDAWYEWYPEVSDDFSG
ITISEGDSIQMSVTATSDTSGSATLENLTTGQKVSKSFSNESSGSLCRTNAEFIIEDFEECNSNGSDCEFVPFASFSPAV
EFTDCSVTSDGESVSLDDAQITQVIINNQDVTDCSVSGTTVSCSYV
;
_entity_poly.pdbx_seq_one_letter_code_can   
;TVESNWGGAILIGSDFDTVSATANVPSASGGSSAAGTAWVGIDGDTCQTAILQTGFDWYGDGTYDAWYEWYPEVSDDFSG
ITISEGDSIQMSVTATSDTSGSATLENLTTGQKVSKSFSNESSGSLCRTNAEFIIEDFEECNSNGSDCEFVPFASFSPAV
EFTDCSVTSDGESVSLDDAQITQVIINNQDVTDCSVSGTTVSCSYV
;
_entity_poly.pdbx_strand_id                 A 
_entity_poly.pdbx_target_identifier         ? 
# 
_pdbx_entity_nonpoly.entity_id   2 
_pdbx_entity_nonpoly.name        water 
_pdbx_entity_nonpoly.comp_id     HOH 
# 
loop_
_entity_poly_seq.entity_id 
_entity_poly_seq.num 
_entity_poly_seq.mon_id 
_entity_poly_seq.hetero 
1 1   THR n 
1 2   VAL n 
1 3   GLU n 
1 4   SER n 
1 5   ASN n 
1 6   TRP n 
1 7   GLY n 
1 8   GLY n 
1 9   ALA n 
1 10  ILE n 
1 11  LEU n 
1 12  ILE n 
1 13  GLY n 
1 14  SER n 
1 15  ASP n 
1 16  PHE n 
1 17  ASP n 
1 18  THR n 
1 19  VAL n 
1 20  SER n 
1 21  ALA n 
1 22  THR n 
1 23  ALA n 
1 24  ASN n 
1 25  VAL n 
1 26  PRO n 
1 27  SER n 
1 28  ALA n 
1 29  SER n 
1 30  GLY n 
1 31  GLY n 
1 32  SER n 
1 33  SER n 
1 34  ALA n 
1 35  ALA n 
1 36  GLY n 
1 37  THR n 
1 38  ALA n 
1 39  TRP n 
1 40  VAL n 
1 41  GLY n 
1 42  ILE n 
1 43  ASP n 
1 44  GLY n 
1 45  ASP n 
1 46  THR n 
1 47  CYS n 
1 48  GLN n 
1 49  THR n 
1 50  ALA n 
1 51  ILE n 
1 52  LEU n 
1 53  GLN n 
1 54  THR n 
1 55  GLY n 
1 56  PHE n 
1 57  ASP n 
1 58  TRP n 
1 59  TYR n 
1 60  GLY n 
1 61  ASP n 
1 62  GLY n 
1 63  THR n 
1 64  TYR n 
1 65  ASP n 
1 66  ALA n 
1 67  TRP n 
1 68  TYR n 
1 69  GLU n 
1 70  TRP n 
1 71  TYR n 
1 72  PRO n 
1 73  GLU n 
1 74  VAL n 
1 75  SER n 
1 76  ASP n 
1 77  ASP n 
1 78  PHE n 
1 79  SER n 
1 80  GLY n 
1 81  ILE n 
1 82  THR n 
1 83  ILE n 
1 84  SER n 
1 85  GLU n 
1 86  GLY n 
1 87  ASP n 
1 88  SER n 
1 89  ILE n 
1 90  GLN n 
1 91  MET n 
1 92  SER n 
1 93  VAL n 
1 94  THR n 
1 95  ALA n 
1 96  THR n 
1 97  SER n 
1 98  ASP n 
1 99  THR n 
1 100 SER n 
1 101 GLY n 
1 102 SER n 
1 103 ALA n 
1 104 THR n 
1 105 LEU n 
1 106 GLU n 
1 107 ASN n 
1 108 LEU n 
1 109 THR n 
1 110 THR n 
1 111 GLY n 
1 112 GLN n 
1 113 LYS n 
1 114 VAL n 
1 115 SER n 
1 116 LYS n 
1 117 SER n 
1 118 PHE n 
1 119 SER n 
1 120 ASN n 
1 121 GLU n 
1 122 SER n 
1 123 SER n 
1 124 GLY n 
1 125 SER n 
1 126 LEU n 
1 127 CYS n 
1 128 ARG n 
1 129 THR n 
1 130 ASN n 
1 131 ALA n 
1 132 GLU n 
1 133 PHE n 
1 134 ILE n 
1 135 ILE n 
1 136 GLU n 
1 137 ASP n 
1 138 PHE n 
1 139 GLU n 
1 140 GLU n 
1 141 CYS n 
1 142 ASN n 
1 143 SER n 
1 144 ASN n 
1 145 GLY n 
1 146 SER n 
1 147 ASP n 
1 148 CYS n 
1 149 GLU n 
1 150 PHE n 
1 151 VAL n 
1 152 PRO n 
1 153 PHE n 
1 154 ALA n 
1 155 SER n 
1 156 PHE n 
1 157 SER n 
1 158 PRO n 
1 159 ALA n 
1 160 VAL n 
1 161 GLU n 
1 162 PHE n 
1 163 THR n 
1 164 ASP n 
1 165 CYS n 
1 166 SER n 
1 167 VAL n 
1 168 THR n 
1 169 SER n 
1 170 ASP n 
1 171 GLY n 
1 172 GLU n 
1 173 SER n 
1 174 VAL n 
1 175 SER n 
1 176 LEU n 
1 177 ASP n 
1 178 ASP n 
1 179 ALA n 
1 180 GLN n 
1 181 ILE n 
1 182 THR n 
1 183 GLN n 
1 184 VAL n 
1 185 ILE n 
1 186 ILE n 
1 187 ASN n 
1 188 ASN n 
1 189 GLN n 
1 190 ASP n 
1 191 VAL n 
1 192 THR n 
1 193 ASP n 
1 194 CYS n 
1 195 SER n 
1 196 VAL n 
1 197 SER n 
1 198 GLY n 
1 199 THR n 
1 200 THR n 
1 201 VAL n 
1 202 SER n 
1 203 CYS n 
1 204 SER n 
1 205 TYR n 
1 206 VAL n 
# 
_entity_src_gen.entity_id                          1 
_entity_src_gen.pdbx_src_id                        1 
_entity_src_gen.pdbx_alt_source_flag               sample 
_entity_src_gen.pdbx_seq_type                      ? 
_entity_src_gen.pdbx_beg_seq_num                   ? 
_entity_src_gen.pdbx_end_seq_num                   ? 
_entity_src_gen.gene_src_common_name               ? 
_entity_src_gen.gene_src_genus                     Scytalidium 
_entity_src_gen.pdbx_gene_src_gene                 ? 
_entity_src_gen.gene_src_species                   ? 
_entity_src_gen.gene_src_strain                    ? 
_entity_src_gen.gene_src_tissue                    ? 
_entity_src_gen.gene_src_tissue_fraction           ? 
_entity_src_gen.gene_src_details                   ? 
_entity_src_gen.pdbx_gene_src_fragment             ? 
_entity_src_gen.pdbx_gene_src_scientific_name      'Scytalidium lignicola' 
_entity_src_gen.pdbx_gene_src_ncbi_taxonomy_id     5539 
_entity_src_gen.pdbx_gene_src_variant              ? 
_entity_src_gen.pdbx_gene_src_cell_line            ? 
_entity_src_gen.pdbx_gene_src_atcc                 ? 
_entity_src_gen.pdbx_gene_src_organ                ? 
_entity_src_gen.pdbx_gene_src_organelle            ? 
_entity_src_gen.pdbx_gene_src_cell                 ? 
_entity_src_gen.pdbx_gene_src_cellular_location    ? 
_entity_src_gen.host_org_common_name               ? 
_entity_src_gen.pdbx_host_org_scientific_name      'Escherichia coli' 
_entity_src_gen.pdbx_host_org_ncbi_taxonomy_id     562 
_entity_src_gen.host_org_genus                     Escherichia 
_entity_src_gen.pdbx_host_org_gene                 ? 
_entity_src_gen.pdbx_host_org_organ                ? 
_entity_src_gen.host_org_species                   ? 
_entity_src_gen.pdbx_host_org_tissue               ? 
_entity_src_gen.pdbx_host_org_tissue_fraction      ? 
_entity_src_gen.pdbx_host_org_strain               ? 
_entity_src_gen.pdbx_host_org_variant              ? 
_entity_src_gen.pdbx_host_org_cell_line            ? 
_entity_src_gen.pdbx_host_org_atcc                 ? 
_entity_src_gen.pdbx_host_org_culture_collection   ? 
_entity_src_gen.pdbx_host_org_cell                 ? 
_entity_src_gen.pdbx_host_org_organelle            ? 
_entity_src_gen.pdbx_host_org_cellular_location    ? 
_entity_src_gen.pdbx_host_org_vector_type          ? 
_entity_src_gen.pdbx_host_org_vector               ? 
_entity_src_gen.host_org_details                   ? 
_entity_src_gen.expression_system_id               ? 
_entity_src_gen.plasmid_name                       ? 
_entity_src_gen.plasmid_details                    ? 
_entity_src_gen.pdbx_description                   ? 
# 
loop_
_chem_comp.id 
_chem_comp.type 
_chem_comp.mon_nstd_flag 
_chem_comp.name 
_chem_comp.pdbx_synonyms 
_chem_comp.formula 
_chem_comp.formula_weight 
ALA 'L-peptide linking' y ALANINE         ? 'C3 H7 N O2'     89.093  
ARG 'L-peptide linking' y ARGININE        ? 'C6 H15 N4 O2 1' 175.209 
ASN 'L-peptide linking' y ASPARAGINE      ? 'C4 H8 N2 O3'    132.118 
ASP 'L-peptide linking' y 'ASPARTIC ACID' ? 'C4 H7 N O4'     133.103 
CYS 'L-peptide linking' y CYSTEINE        ? 'C3 H7 N O2 S'   121.158 
GLN 'L-peptide linking' y GLUTAMINE       ? 'C5 H10 N2 O3'   146.144 
GLU 'L-peptide linking' y 'GLUTAMIC ACID' ? 'C5 H9 N O4'     147.129 
GLY 'peptide linking'   y GLYCINE         ? 'C2 H5 N O2'     75.067  
HOH non-polymer         . WATER           ? 'H2 O'           18.015  
ILE 'L-peptide linking' y ISOLEUCINE      ? 'C6 H13 N O2'    131.173 
LEU 'L-peptide linking' y LEUCINE         ? 'C6 H13 N O2'    131.173 
LYS 'L-peptide linking' y LYSINE          ? 'C6 H15 N2 O2 1' 147.195 
MET 'L-peptide linking' y METHIONINE      ? 'C5 H11 N O2 S'  149.211 
PHE 'L-peptide linking' y PHENYLALANINE   ? 'C9 H11 N O2'    165.189 
PRO 'L-peptide linking' y PROLINE         ? 'C5 H9 N O2'     115.130 
SER 'L-peptide linking' y SERINE          ? 'C3 H7 N O3'     105.093 
THR 'L-peptide linking' y THREONINE       ? 'C4 H9 N O3'     119.119 
TRP 'L-peptide linking' y TRYPTOPHAN      ? 'C11 H12 N2 O2'  204.225 
TYR 'L-peptide linking' y TYROSINE        ? 'C9 H11 N O3'    181.189 
VAL 'L-peptide linking' y VALINE          ? 'C5 H11 N O2'    117.146 
# 
loop_
_pdbx_poly_seq_scheme.asym_id 
_pdbx_poly_seq_scheme.entity_id 
_pdbx_poly_seq_scheme.seq_id 
_pdbx_poly_seq_scheme.mon_id 
_pdbx_poly_seq_scheme.ndb_seq_num 
_pdbx_poly_seq_scheme.pdb_seq_num 
_pdbx_poly_seq_scheme.auth_seq_num 
_pdbx_poly_seq_scheme.pdb_mon_id 
_pdbx_poly_seq_scheme.auth_mon_id 
_pdbx_poly_seq_scheme.pdb_strand_id 
_pdbx_poly_seq_scheme.pdb_ins_code 
_pdbx_poly_seq_scheme.hetero 
A 1 1   THR 1   1   1   THR THR A . n 
A 1 2   VAL 2   2   2   VAL VAL A . n 
A 1 3   GLU 3   3   3   GLU GLU A . n 
A 1 4   SER 4   4   4   SER SER A . n 
A 1 5   ASN 5   5   5   ASN ASN A . n 
A 1 6   TRP 6   6   6   TRP TRP A . n 
A 1 7   GLY 7   7   7   GLY GLY A . n 
A 1 8   GLY 8   8   8   GLY GLY A . n 
A 1 9   ALA 9   9   9   ALA ALA A . n 
A 1 10  ILE 10  10  10  ILE ILE A . n 
A 1 11  LEU 11  11  11  LEU LEU A . n 
A 1 12  ILE 12  12  12  ILE ILE A . n 
A 1 13  GLY 13  13  13  GLY GLY A . n 
A 1 14  SER 14  14  14  SER SER A . n 
A 1 15  ASP 15  15  15  ASP ASP A . n 
A 1 16  PHE 16  16  16  PHE PHE A . n 
A 1 17  ASP 17  17  17  ASP ASP A . n 
A 1 18  THR 18  18  18  THR THR A . n 
A 1 19  VAL 19  19  19  VAL VAL A . n 
A 1 20  SER 20  20  20  SER SER A . n 
A 1 21  ALA 21  21  21  ALA ALA A . n 
A 1 22  THR 22  22  22  THR THR A . n 
A 1 23  ALA 23  23  23  ALA ALA A . n 
A 1 24  ASN 24  24  24  ASN ASN A . n 
A 1 25  VAL 25  25  25  VAL VAL A . n 
A 1 26  PRO 26  26  26  PRO PRO A . n 
A 1 27  SER 27  27  27  SER SER A . n 
A 1 28  ALA 28  28  28  ALA ALA A . n 
A 1 29  SER 29  29  29  SER SER A . n 
A 1 30  GLY 30  30  30  GLY GLY A . n 
A 1 31  GLY 31  31  31  GLY GLY A . n 
A 1 32  SER 32  32  32  SER SER A . n 
A 1 33  SER 33  33  33  SER SER A . n 
A 1 34  ALA 34  34  34  ALA ALA A . n 
A 1 35  ALA 35  35  35  ALA ALA A . n 
A 1 36  GLY 36  36  36  GLY GLY A . n 
A 1 37  THR 37  37  37  THR THR A . n 
A 1 38  ALA 38  38  38  ALA ALA A . n 
A 1 39  TRP 39  39  39  TRP TRP A . n 
A 1 40  VAL 40  40  40  VAL VAL A . n 
A 1 41  GLY 41  41  41  GLY GLY A . n 
A 1 42  ILE 42  42  42  ILE ILE A . n 
A 1 43  ASP 43  43  43  ASP ASP A . n 
A 1 44  GLY 44  44  44  GLY GLY A . n 
A 1 45  ASP 45  45  45  ASP ASP A . n 
A 1 46  THR 46  46  46  THR THR A . n 
A 1 47  CYS 47  47  47  CYS CYS A . n 
A 1 48  GLN 48  48  48  GLN GLN A . n 
A 1 49  THR 49  49  49  THR THR A . n 
A 1 50  ALA 50  50  50  ALA ALA A . n 
A 1 51  ILE 51  51  51  ILE ILE A . n 
A 1 52  LEU 52  52  52  LEU LEU A . n 
A 1 53  GLN 53  53  53  GLN GLN A . n 
A 1 54  THR 54  54  54  THR THR A . n 
A 1 55  GLY 55  55  55  GLY GLY A . n 
A 1 56  PHE 56  56  56  PHE PHE A . n 
A 1 57  ASP 57  57  57  ASP ASP A . n 
A 1 58  TRP 58  58  58  TRP TRP A . n 
A 1 59  TYR 59  59  59  TYR TYR A . n 
A 1 60  GLY 60  60  60  GLY GLY A . n 
A 1 61  ASP 61  61  61  ASP ASP A . n 
A 1 62  GLY 62  62  62  GLY GLY A . n 
A 1 63  THR 63  63  63  THR THR A . n 
A 1 64  TYR 64  64  64  TYR TYR A . n 
A 1 65  ASP 65  65  65  ASP ASP A . n 
A 1 66  ALA 66  66  66  ALA ALA A . n 
A 1 67  TRP 67  67  67  TRP TRP A . n 
A 1 68  TYR 68  68  68  TYR TYR A . n 
A 1 69  GLU 69  69  69  GLU GLU A . n 
A 1 70  TRP 70  70  70  TRP TRP A . n 
A 1 71  TYR 71  71  ?   ?   ?   A . n 
A 1 72  PRO 72  72  ?   ?   ?   A . n 
A 1 73  GLU 73  73  73  GLU ALA A . n 
A 1 74  VAL 74  74  74  VAL ALA A . n 
A 1 75  SER 75  75  75  SER ALA A . n 
A 1 76  ASP 76  76  ?   ?   ?   A . n 
A 1 77  ASP 77  77  ?   ?   ?   A . n 
A 1 78  PHE 78  78  ?   ?   ?   A . n 
A 1 79  SER 79  79  ?   ?   ?   A . n 
A 1 80  GLY 80  80  ?   ?   ?   A . n 
A 1 81  ILE 81  81  81  ILE ILE A . n 
A 1 82  THR 82  82  82  THR THR A . n 
A 1 83  ILE 83  83  83  ILE ILE A . n 
A 1 84  SER 84  84  84  SER SER A . n 
A 1 85  GLU 85  85  85  GLU GLU A . n 
A 1 86  GLY 86  86  86  GLY GLY A . n 
A 1 87  ASP 87  87  87  ASP ASP A . n 
A 1 88  SER 88  88  88  SER SER A . n 
A 1 89  ILE 89  89  89  ILE ILE A . n 
A 1 90  GLN 90  90  90  GLN GLN A . n 
A 1 91  MET 91  91  91  MET MET A . n 
A 1 92  SER 92  92  92  SER SER A . n 
A 1 93  VAL 93  93  93  VAL VAL A . n 
A 1 94  THR 94  94  94  THR THR A . n 
A 1 95  ALA 95  95  95  ALA ALA A . n 
A 1 96  THR 96  96  96  THR THR A . n 
A 1 97  SER 97  97  97  SER SER A . n 
A 1 98  ASP 98  98  98  ASP ASP A . n 
A 1 99  THR 99  99  99  THR THR A . n 
A 1 100 SER 100 100 100 SER SER A . n 
A 1 101 GLY 101 101 101 GLY GLY A . n 
A 1 102 SER 102 102 102 SER SER A . n 
A 1 103 ALA 103 103 103 ALA ALA A . n 
A 1 104 THR 104 104 104 THR THR A . n 
A 1 105 LEU 105 105 105 LEU LEU A . n 
A 1 106 GLU 106 106 106 GLU GLU A . n 
A 1 107 ASN 107 107 107 ASN ASN A . n 
A 1 108 LEU 108 108 108 LEU LEU A . n 
A 1 109 THR 109 109 109 THR THR A . n 
A 1 110 THR 110 110 110 THR THR A . n 
A 1 111 GLY 111 111 111 GLY GLY A . n 
A 1 112 GLN 112 112 112 GLN GLN A . n 
A 1 113 LYS 113 113 113 LYS LYS A . n 
A 1 114 VAL 114 114 114 VAL VAL A . n 
A 1 115 SER 115 115 115 SER SER A . n 
A 1 116 LYS 116 116 116 LYS LYS A . n 
A 1 117 SER 117 117 117 SER SER A . n 
A 1 118 PHE 118 118 118 PHE PHE A . n 
A 1 119 SER 119 119 119 SER SER A . n 
A 1 120 ASN 120 120 120 ASN ASN A . n 
A 1 121 GLU 121 121 121 GLU GLU A . n 
A 1 122 SER 122 122 122 SER SER A . n 
A 1 123 SER 123 123 123 SER SER A . n 
A 1 124 GLY 124 124 124 GLY GLY A . n 
A 1 125 SER 125 125 125 SER SER A . n 
A 1 126 LEU 126 126 126 LEU LEU A . n 
A 1 127 CYS 127 127 127 CYS CYS A . n 
A 1 128 ARG 128 128 128 ARG ARG A . n 
A 1 129 THR 129 129 129 THR THR A . n 
A 1 130 ASN 130 130 130 ASN ASN A . n 
A 1 131 ALA 131 131 131 ALA ALA A . n 
A 1 132 GLU 132 132 132 GLU GLU A . n 
A 1 133 PHE 133 133 133 PHE PHE A . n 
A 1 134 ILE 134 134 134 ILE ILE A . n 
A 1 135 ILE 135 135 135 ILE ILE A . n 
A 1 136 GLU 136 136 136 GLU GLU A . n 
A 1 137 ASP 137 137 137 ASP ASP A . n 
A 1 138 PHE 138 138 138 PHE PHE A . n 
A 1 139 GLU 139 139 139 GLU GLU A . n 
A 1 140 GLU 140 140 140 GLU GLU A . n 
A 1 141 CYS 141 141 141 CYS CYS A . n 
A 1 142 ASN 142 142 142 ASN ASN A . n 
A 1 143 SER 143 143 143 SER SER A . n 
A 1 144 ASN 144 144 144 ASN ASN A . n 
A 1 145 GLY 145 145 145 GLY GLY A . n 
A 1 146 SER 146 146 146 SER SER A . n 
A 1 147 ASP 147 147 147 ASP ASP A . n 
A 1 148 CYS 148 148 148 CYS CYS A . n 
A 1 149 GLU 149 149 149 GLU GLU A . n 
A 1 150 PHE 150 150 150 PHE PHE A . n 
A 1 151 VAL 151 151 151 VAL VAL A . n 
A 1 152 PRO 152 152 152 PRO PRO A . n 
A 1 153 PHE 153 153 153 PHE PHE A . n 
A 1 154 ALA 154 154 154 ALA ALA A . n 
A 1 155 SER 155 155 155 SER SER A . n 
A 1 156 PHE 156 156 156 PHE PHE A . n 
A 1 157 SER 157 157 157 SER SER A . n 
A 1 158 PRO 158 158 158 PRO PRO A . n 
A 1 159 ALA 159 159 159 ALA ALA A . n 
A 1 160 VAL 160 160 160 VAL VAL A . n 
A 1 161 GLU 161 161 161 GLU GLU A . n 
A 1 162 PHE 162 162 162 PHE PHE A . n 
A 1 163 THR 163 163 163 THR THR A . n 
A 1 164 ASP 164 164 164 ASP ASP A . n 
A 1 165 CYS 165 165 165 CYS CYS A . n 
A 1 166 SER 166 166 166 SER SER A . n 
A 1 167 VAL 167 167 167 VAL VAL A . n 
A 1 168 THR 168 168 168 THR THR A . n 
A 1 169 SER 169 169 169 SER SER A . n 
A 1 170 ASP 170 170 170 ASP ASP A . n 
A 1 171 GLY 171 171 171 GLY GLY A . n 
A 1 172 GLU 172 172 172 GLU GLU A . n 
A 1 173 SER 173 173 173 SER SER A . n 
A 1 174 VAL 174 174 174 VAL VAL A . n 
A 1 175 SER 175 175 175 SER SER A . n 
A 1 176 LEU 176 176 176 LEU LEU A . n 
A 1 177 ASP 177 177 177 ASP ASP A . n 
A 1 178 ASP 178 178 178 ASP ASP A . n 
A 1 179 ALA 179 179 179 ALA ALA A . n 
A 1 180 GLN 180 180 180 GLN GLN A . n 
A 1 181 ILE 181 181 181 ILE ILE A . n 
A 1 182 THR 182 182 182 THR THR A . n 
A 1 183 GLN 183 183 183 GLN GLN A . n 
A 1 184 VAL 184 184 184 VAL VAL A . n 
A 1 185 ILE 185 185 185 ILE ILE A . n 
A 1 186 ILE 186 186 186 ILE ILE A . n 
A 1 187 ASN 187 187 187 ASN ASN A . n 
A 1 188 ASN 188 188 188 ASN ASN A . n 
A 1 189 GLN 189 189 189 GLN GLN A . n 
A 1 190 ASP 190 190 190 ASP ASP A . n 
A 1 191 VAL 191 191 191 VAL VAL A . n 
A 1 192 THR 192 192 192 THR THR A . n 
A 1 193 ASP 193 193 193 ASP ASP A . n 
A 1 194 CYS 194 194 194 CYS CYS A . n 
A 1 195 SER 195 195 195 SER SER A . n 
A 1 196 VAL 196 196 196 VAL VAL A . n 
A 1 197 SER 197 197 197 SER SER A . n 
A 1 198 GLY 198 198 198 GLY GLY A . n 
A 1 199 THR 199 199 199 THR THR A . n 
A 1 200 THR 200 200 200 THR THR A . n 
A 1 201 VAL 201 201 201 VAL VAL A . n 
A 1 202 SER 202 202 202 SER SER A . n 
A 1 203 CYS 203 203 203 CYS CYS A . n 
A 1 204 SER 204 204 204 SER SER A . n 
A 1 205 TYR 205 205 205 TYR TYR A . n 
A 1 206 VAL 206 206 206 VAL VAL A . n 
# 
loop_
_pdbx_nonpoly_scheme.asym_id 
_pdbx_nonpoly_scheme.entity_id 
_pdbx_nonpoly_scheme.mon_id 
_pdbx_nonpoly_scheme.ndb_seq_num 
_pdbx_nonpoly_scheme.pdb_seq_num 
_pdbx_nonpoly_scheme.auth_seq_num 
_pdbx_nonpoly_scheme.pdb_mon_id 
_pdbx_nonpoly_scheme.auth_mon_id 
_pdbx_nonpoly_scheme.pdb_strand_id 
_pdbx_nonpoly_scheme.pdb_ins_code 
B 2 HOH 1   207 126 HOH HOH A . 
B 2 HOH 2   208 128 HOH HOH A . 
B 2 HOH 3   209 130 HOH HOH A . 
B 2 HOH 4   210 131 HOH HOH A . 
B 2 HOH 5   211 132 HOH HOH A . 
B 2 HOH 6   212 134 HOH HOH A . 
B 2 HOH 7   213 135 HOH HOH A . 
B 2 HOH 8   214 136 HOH HOH A . 
B 2 HOH 9   215 137 HOH HOH A . 
B 2 HOH 10  216 138 HOH HOH A . 
B 2 HOH 11  217 140 HOH HOH A . 
B 2 HOH 12  218 141 HOH HOH A . 
B 2 HOH 13  219 143 HOH HOH A . 
B 2 HOH 14  220 144 HOH HOH A . 
B 2 HOH 15  221 149 HOH HOH A . 
B 2 HOH 16  222 150 HOH HOH A . 
B 2 HOH 17  223 152 HOH HOH A . 
B 2 HOH 18  224 153 HOH HOH A . 
B 2 HOH 19  225 154 HOH HOH A . 
B 2 HOH 20  226 155 HOH HOH A . 
B 2 HOH 21  227 156 HOH HOH A . 
B 2 HOH 22  228 157 HOH HOH A . 
B 2 HOH 23  229 158 HOH HOH A . 
B 2 HOH 24  230 159 HOH HOH A . 
B 2 HOH 25  231 160 HOH HOH A . 
B 2 HOH 26  232 161 HOH HOH A . 
B 2 HOH 27  233 163 HOH HOH A . 
B 2 HOH 28  234 164 HOH HOH A . 
B 2 HOH 29  235 165 HOH HOH A . 
B 2 HOH 30  236 166 HOH HOH A . 
B 2 HOH 31  237 168 HOH HOH A . 
B 2 HOH 32  238 169 HOH HOH A . 
B 2 HOH 33  239 170 HOH HOH A . 
B 2 HOH 34  240 171 HOH HOH A . 
B 2 HOH 35  241 172 HOH HOH A . 
B 2 HOH 36  242 173 HOH HOH A . 
B 2 HOH 37  243 174 HOH HOH A . 
B 2 HOH 38  244 176 HOH HOH A . 
B 2 HOH 39  245 177 HOH HOH A . 
B 2 HOH 40  246 178 HOH HOH A . 
B 2 HOH 41  247 179 HOH HOH A . 
B 2 HOH 42  248 180 HOH HOH A . 
B 2 HOH 43  249 181 HOH HOH A . 
B 2 HOH 44  250 183 HOH HOH A . 
B 2 HOH 45  251 187 HOH HOH A . 
B 2 HOH 46  252 188 HOH HOH A . 
B 2 HOH 47  253 189 HOH HOH A . 
B 2 HOH 48  254 190 HOH HOH A . 
B 2 HOH 49  255 193 HOH HOH A . 
B 2 HOH 50  256 194 HOH HOH A . 
B 2 HOH 51  257 196 HOH HOH A . 
B 2 HOH 52  258 199 HOH HOH A . 
B 2 HOH 53  259 200 HOH HOH A . 
B 2 HOH 54  260 201 HOH HOH A . 
B 2 HOH 55  261 203 HOH HOH A . 
B 2 HOH 56  262 205 HOH HOH A . 
B 2 HOH 57  263 206 HOH HOH A . 
B 2 HOH 58  264 207 HOH HOH A . 
B 2 HOH 59  265 210 HOH HOH A . 
B 2 HOH 60  266 211 HOH HOH A . 
B 2 HOH 61  267 212 HOH HOH A . 
B 2 HOH 62  268 213 HOH HOH A . 
B 2 HOH 63  269 214 HOH HOH A . 
B 2 HOH 64  270 215 HOH HOH A . 
B 2 HOH 65  271 216 HOH HOH A . 
B 2 HOH 66  272 217 HOH HOH A . 
B 2 HOH 67  273 218 HOH HOH A . 
B 2 HOH 68  274 219 HOH HOH A . 
B 2 HOH 69  275 220 HOH HOH A . 
B 2 HOH 70  276 221 HOH HOH A . 
B 2 HOH 71  277 222 HOH HOH A . 
B 2 HOH 72  278 224 HOH HOH A . 
B 2 HOH 73  279 225 HOH HOH A . 
B 2 HOH 74  280 226 HOH HOH A . 
B 2 HOH 75  281 227 HOH HOH A . 
B 2 HOH 76  282 228 HOH HOH A . 
B 2 HOH 77  283 229 HOH HOH A . 
B 2 HOH 78  284 230 HOH HOH A . 
B 2 HOH 79  285 232 HOH HOH A . 
B 2 HOH 80  286 235 HOH HOH A . 
B 2 HOH 81  287 236 HOH HOH A . 
B 2 HOH 82  288 237 HOH HOH A . 
B 2 HOH 83  289 240 HOH HOH A . 
B 2 HOH 84  290 242 HOH HOH A . 
B 2 HOH 85  291 243 HOH HOH A . 
B 2 HOH 86  292 245 HOH HOH A . 
B 2 HOH 87  293 246 HOH HOH A . 
B 2 HOH 88  294 247 HOH HOH A . 
B 2 HOH 89  295 248 HOH HOH A . 
B 2 HOH 90  296 250 HOH HOH A . 
B 2 HOH 91  297 251 HOH HOH A . 
B 2 HOH 92  298 252 HOH HOH A . 
B 2 HOH 93  299 254 HOH HOH A . 
B 2 HOH 94  300 255 HOH HOH A . 
B 2 HOH 95  301 257 HOH HOH A . 
B 2 HOH 96  302 258 HOH HOH A . 
B 2 HOH 97  303 260 HOH HOH A . 
B 2 HOH 98  304 265 HOH HOH A . 
B 2 HOH 99  305 267 HOH HOH A . 
B 2 HOH 100 306 268 HOH HOH A . 
B 2 HOH 101 307 269 HOH HOH A . 
B 2 HOH 102 308 273 HOH HOH A . 
B 2 HOH 103 309 276 HOH HOH A . 
B 2 HOH 104 310 277 HOH HOH A . 
B 2 HOH 105 311 278 HOH HOH A . 
B 2 HOH 106 312 282 HOH HOH A . 
B 2 HOH 107 313 283 HOH HOH A . 
B 2 HOH 108 314 284 HOH HOH A . 
B 2 HOH 109 315 286 HOH HOH A . 
B 2 HOH 110 316 288 HOH HOH A . 
B 2 HOH 111 317 289 HOH HOH A . 
B 2 HOH 112 318 290 HOH HOH A . 
B 2 HOH 113 319 291 HOH HOH A . 
B 2 HOH 114 320 292 HOH HOH A . 
B 2 HOH 115 321 293 HOH HOH A . 
B 2 HOH 116 322 295 HOH HOH A . 
B 2 HOH 117 323 296 HOH HOH A . 
B 2 HOH 118 324 297 HOH HOH A . 
B 2 HOH 119 325 298 HOH HOH A . 
B 2 HOH 120 326 299 HOH HOH A . 
B 2 HOH 121 327 300 HOH HOH A . 
B 2 HOH 122 328 303 HOH HOH A . 
B 2 HOH 123 329 304 HOH HOH A . 
B 2 HOH 124 330 305 HOH HOH A . 
B 2 HOH 125 331 308 HOH HOH A . 
B 2 HOH 126 332 309 HOH HOH A . 
B 2 HOH 127 333 311 HOH HOH A . 
B 2 HOH 128 334 312 HOH HOH A . 
B 2 HOH 129 335 313 HOH HOH A . 
B 2 HOH 130 336 314 HOH HOH A . 
B 2 HOH 131 337 315 HOH HOH A . 
B 2 HOH 132 338 316 HOH HOH A . 
B 2 HOH 133 339 317 HOH HOH A . 
B 2 HOH 134 340 318 HOH HOH A . 
B 2 HOH 135 341 319 HOH HOH A . 
B 2 HOH 136 342 320 HOH HOH A . 
B 2 HOH 137 343 321 HOH HOH A . 
B 2 HOH 138 344 322 HOH HOH A . 
B 2 HOH 139 345 323 HOH HOH A . 
B 2 HOH 140 346 324 HOH HOH A . 
B 2 HOH 141 347 325 HOH HOH A . 
B 2 HOH 142 348 326 HOH HOH A . 
B 2 HOH 143 349 327 HOH HOH A . 
B 2 HOH 144 350 328 HOH HOH A . 
B 2 HOH 145 351 329 HOH HOH A . 
B 2 HOH 146 352 330 HOH HOH A . 
B 2 HOH 147 353 332 HOH HOH A . 
B 2 HOH 148 354 335 HOH HOH A . 
B 2 HOH 149 355 336 HOH HOH A . 
B 2 HOH 150 356 337 HOH HOH A . 
B 2 HOH 151 357 338 HOH HOH A . 
B 2 HOH 152 358 339 HOH HOH A . 
B 2 HOH 153 359 340 HOH HOH A . 
B 2 HOH 154 360 341 HOH HOH A . 
B 2 HOH 155 361 342 HOH HOH A . 
B 2 HOH 156 362 343 HOH HOH A . 
B 2 HOH 157 363 344 HOH HOH A . 
B 2 HOH 158 364 345 HOH HOH A . 
B 2 HOH 159 365 346 HOH HOH A . 
B 2 HOH 160 366 347 HOH HOH A . 
B 2 HOH 161 367 348 HOH HOH A . 
B 2 HOH 162 368 349 HOH HOH A . 
B 2 HOH 163 369 350 HOH HOH A . 
B 2 HOH 164 370 351 HOH HOH A . 
B 2 HOH 165 371 352 HOH HOH A . 
B 2 HOH 166 372 353 HOH HOH A . 
B 2 HOH 167 373 354 HOH HOH A . 
# 
loop_
_pdbx_unobs_or_zero_occ_atoms.id 
_pdbx_unobs_or_zero_occ_atoms.PDB_model_num 
_pdbx_unobs_or_zero_occ_atoms.polymer_flag 
_pdbx_unobs_or_zero_occ_atoms.occupancy_flag 
_pdbx_unobs_or_zero_occ_atoms.auth_asym_id 
_pdbx_unobs_or_zero_occ_atoms.auth_comp_id 
_pdbx_unobs_or_zero_occ_atoms.auth_seq_id 
_pdbx_unobs_or_zero_occ_atoms.PDB_ins_code 
_pdbx_unobs_or_zero_occ_atoms.auth_atom_id 
_pdbx_unobs_or_zero_occ_atoms.label_alt_id 
_pdbx_unobs_or_zero_occ_atoms.label_asym_id 
_pdbx_unobs_or_zero_occ_atoms.label_comp_id 
_pdbx_unobs_or_zero_occ_atoms.label_seq_id 
_pdbx_unobs_or_zero_occ_atoms.label_atom_id 
1 1 Y 1 A GLU 73 ? CG  ? A GLU 73 CG  
2 1 Y 1 A GLU 73 ? CD  ? A GLU 73 CD  
3 1 Y 1 A GLU 73 ? OE1 ? A GLU 73 OE1 
4 1 Y 1 A GLU 73 ? OE2 ? A GLU 73 OE2 
5 1 Y 1 A VAL 74 ? CG1 ? A VAL 74 CG1 
6 1 Y 1 A VAL 74 ? CG2 ? A VAL 74 CG2 
7 1 Y 1 A SER 75 ? OG  ? A SER 75 OG  
# 
loop_
_software.name 
_software.classification 
_software.version 
_software.citation_id 
_software.pdbx_ordinal 
DENZO     'data reduction' . ? 1 
SCALEPACK 'data scaling'   . ? 2 
SOLVE     phasing          . ? 3 
CNS       refinement       . ? 4 
# 
_cell.entry_id           1S2B 
_cell.length_a           108.601 
_cell.length_b           108.601 
_cell.length_c           114.15 
_cell.angle_alpha        90.00 
_cell.angle_beta         90.00 
_cell.angle_gamma        120.00 
_cell.Z_PDB              12 
_cell.pdbx_unique_axis   ? 
# 
_symmetry.entry_id                         1S2B 
_symmetry.space_group_name_H-M             'P 63 2 2' 
_symmetry.pdbx_full_space_group_name_H-M   ? 
_symmetry.cell_setting                     ? 
_symmetry.Int_Tables_number                182 
# 
_exptl.entry_id          1S2B 
_exptl.method            'X-RAY DIFFRACTION' 
_exptl.crystals_number   1 
# 
_exptl_crystal.id                    1 
_exptl_crystal.density_meas          ? 
_exptl_crystal.density_percent_sol   72.71 
_exptl_crystal.description           ? 
_exptl_crystal.density_Matthews      4.51 
# 
_exptl_crystal_grow.crystal_id      1 
_exptl_crystal_grow.method          'VAPOR DIFFUSION, HANGING DROP' 
_exptl_crystal_grow.temp            295 
_exptl_crystal_grow.temp_details    ? 
_exptl_crystal_grow.pH              4.0 
_exptl_crystal_grow.pdbx_details    
'42% ammonium sulphate, 0.1M sodium acetate, 10% v/v ethelene glycol, pH 4.0, VAPOR DIFFUSION, HANGING DROP, temperature 295K' 
_exptl_crystal_grow.pdbx_pH_range   . 
# 
_diffrn.id                     1 
_diffrn.ambient_temp           100 
_diffrn.ambient_temp_details   ? 
_diffrn.crystal_id             1 
# 
_diffrn_detector.diffrn_id              1 
_diffrn_detector.detector               CCD 
_diffrn_detector.type                   'ADSC QUANTUM 4' 
_diffrn_detector.pdbx_collection_date   2001-01-01 
_diffrn_detector.details                ? 
# 
_diffrn_radiation.diffrn_id                        1 
_diffrn_radiation.wavelength_id                    1 
_diffrn_radiation.pdbx_monochromatic_or_laue_m_l   M 
_diffrn_radiation.monochromator                    'Beamline 9.1 SSRL' 
_diffrn_radiation.pdbx_diffrn_protocol             'SINGLE WAVELENGTH' 
_diffrn_radiation.pdbx_scattering_type             x-ray 
# 
_diffrn_radiation_wavelength.id           1 
_diffrn_radiation_wavelength.wavelength   0.979 
_diffrn_radiation_wavelength.wt           1.0 
# 
_diffrn_source.diffrn_id                   1 
_diffrn_source.source                      SYNCHROTRON 
_diffrn_source.type                        'SSRL BEAMLINE BL9-1' 
_diffrn_source.pdbx_synchrotron_site       SSRL 
_diffrn_source.pdbx_synchrotron_beamline   BL9-1 
_diffrn_source.pdbx_wavelength             ? 
_diffrn_source.pdbx_wavelength_list        0.979 
# 
_reflns.entry_id                     1S2B 
_reflns.observed_criterion_sigma_F   ? 
_reflns.observed_criterion_sigma_I   ? 
_reflns.d_resolution_high            1.9 
_reflns.d_resolution_low             20.0 
_reflns.number_all                   ? 
_reflns.number_obs                   18539 
_reflns.percent_possible_obs         96.5 
_reflns.pdbx_Rmerge_I_obs            0.058 
_reflns.pdbx_Rsym_value              ? 
_reflns.pdbx_netI_over_sigmaI        8.1 
_reflns.B_iso_Wilson_estimate        ? 
_reflns.pdbx_redundancy              ? 
_reflns.R_free_details               ? 
_reflns.limit_h_max                  ? 
_reflns.limit_h_min                  ? 
_reflns.limit_k_max                  ? 
_reflns.limit_k_min                  ? 
_reflns.limit_l_max                  ? 
_reflns.limit_l_min                  ? 
_reflns.observed_criterion_F_max     ? 
_reflns.observed_criterion_F_min     ? 
_reflns.pdbx_diffrn_id               1 
_reflns.pdbx_ordinal                 1 
# 
_refine.entry_id                                 1S2B 
_refine.ls_d_res_high                            2.1 
_refine.ls_d_res_low                             20.0 
_refine.pdbx_ls_sigma_F                          ? 
_refine.pdbx_ls_sigma_I                          ? 
_refine.ls_number_reflns_all                     ? 
_refine.ls_number_reflns_obs                     18539 
_refine.ls_number_reflns_R_free                  1032 
_refine.ls_percent_reflns_obs                    ? 
_refine.ls_R_factor_all                          ? 
_refine.ls_R_factor_obs                          ? 
_refine.ls_R_factor_R_work                       0.23 
_refine.ls_R_factor_R_free                       0.246 
_refine.ls_redundancy_reflns_obs                 ? 
_refine.pdbx_data_cutoff_high_absF               ? 
_refine.pdbx_data_cutoff_low_absF                ? 
_refine.ls_number_parameters                     ? 
_refine.ls_number_restraints                     ? 
_refine.ls_percent_reflns_R_free                 ? 
_refine.ls_R_factor_R_free_error                 ? 
_refine.ls_R_factor_R_free_error_details         ? 
_refine.pdbx_method_to_determine_struct          MIR 
_refine.pdbx_starting_model                      ? 
_refine.pdbx_ls_cross_valid_method               ? 
_refine.pdbx_R_Free_selection_details            ? 
_refine.pdbx_stereochem_target_val_spec_case     ? 
_refine.pdbx_stereochemistry_target_values       'Engh & Huber' 
_refine.solvent_model_details                    ? 
_refine.solvent_model_param_bsol                 ? 
_refine.solvent_model_param_ksol                 ? 
_refine.occupancy_max                            ? 
_refine.occupancy_min                            ? 
_refine.pdbx_isotropic_thermal_model             ? 
_refine.B_iso_mean                               ? 
_refine.aniso_B[1][1]                            ? 
_refine.aniso_B[1][2]                            ? 
_refine.aniso_B[1][3]                            ? 
_refine.aniso_B[2][2]                            ? 
_refine.aniso_B[2][3]                            ? 
_refine.aniso_B[3][3]                            ? 
_refine.details                                  ? 
_refine.B_iso_min                                ? 
_refine.B_iso_max                                ? 
_refine.correlation_coeff_Fo_to_Fc               ? 
_refine.correlation_coeff_Fo_to_Fc_free          ? 
_refine.pdbx_solvent_vdw_probe_radii             ? 
_refine.pdbx_solvent_ion_probe_radii             ? 
_refine.pdbx_solvent_shrinkage_radii             ? 
_refine.overall_SU_R_Cruickshank_DPI             ? 
_refine.overall_SU_R_free                        ? 
_refine.overall_SU_B                             ? 
_refine.overall_SU_ML                            ? 
_refine.pdbx_overall_ESU_R                       ? 
_refine.pdbx_overall_ESU_R_Free                  ? 
_refine.pdbx_data_cutoff_high_rms_absF           ? 
_refine.pdbx_refine_id                           'X-RAY DIFFRACTION' 
_refine.pdbx_diffrn_id                           1 
_refine.pdbx_TLS_residual_ADP_flag               ? 
_refine.pdbx_overall_phase_error                 ? 
_refine.pdbx_overall_SU_R_free_Cruickshank_DPI   ? 
_refine.pdbx_overall_SU_R_Blow_DPI               ? 
_refine.pdbx_overall_SU_R_free_Blow_DPI          ? 
# 
_refine_hist.pdbx_refine_id                   'X-RAY DIFFRACTION' 
_refine_hist.cycle_id                         LAST 
_refine_hist.pdbx_number_atoms_protein        1448 
_refine_hist.pdbx_number_atoms_nucleic_acid   0 
_refine_hist.pdbx_number_atoms_ligand         0 
_refine_hist.number_atoms_solvent             167 
_refine_hist.number_atoms_total               1615 
_refine_hist.d_res_high                       2.1 
_refine_hist.d_res_low                        20.0 
# 
loop_
_refine_ls_restr.type 
_refine_ls_restr.dev_ideal 
_refine_ls_restr.dev_ideal_target 
_refine_ls_restr.weight 
_refine_ls_restr.number 
_refine_ls_restr.pdbx_refine_id 
_refine_ls_restr.pdbx_restraint_function 
c_angle_deg 1.4   ? ? ? 'X-RAY DIFFRACTION' ? 
c_bond_d    0.006 ? ? ? 'X-RAY DIFFRACTION' ? 
# 
_struct.entry_id                  1S2B 
_struct.title                     
'Structure of SCP-B the first member of the Eqolisin family of Peptidases to have its structure determined' 
_struct.pdbx_model_details        ? 
_struct.pdbx_CASP_flag            ? 
_struct.pdbx_model_type_details   ? 
# 
_struct_keywords.entry_id        1S2B 
_struct_keywords.pdbx_keywords   HYDROLASE 
_struct_keywords.text            'BETA SANDWICH, carboxyl peptidase, protease, proteinase, Eqolisin family, hydrolase' 
# 
loop_
_struct_asym.id 
_struct_asym.pdbx_blank_PDB_chainid_flag 
_struct_asym.pdbx_modified 
_struct_asym.entity_id 
_struct_asym.details 
A N N 1 ? 
B N N 2 ? 
# 
_struct_ref.id                         1 
_struct_ref.db_name                    UNP 
_struct_ref.db_code                    PRTB_SCYLI 
_struct_ref.pdbx_db_accession          P15369 
_struct_ref.entity_id                  1 
_struct_ref.pdbx_seq_one_letter_code   
;TVESNWGGAILIGSDFDTVSATANVPSASGGSSAAGTAWVGIDGDTCQTAILQTGFDWYGDGTYDAWYEWYPEVSDDFSG
ITISEGDSIQMSVTATSDTSGSATLENLTTGQKVSKSFSNESSGSLCRTNAEFIIEDFEECNSNGSDCEFVPFASFSPAV
EFTDCSVTSDGESVSLDDAQITQVIINNQDVTDCSVSGTTVSCSYV
;
_struct_ref.pdbx_align_begin           55 
_struct_ref.pdbx_db_isoform            ? 
# 
_struct_ref_seq.align_id                      1 
_struct_ref_seq.ref_id                        1 
_struct_ref_seq.pdbx_PDB_id_code              1S2B 
_struct_ref_seq.pdbx_strand_id                A 
_struct_ref_seq.seq_align_beg                 1 
_struct_ref_seq.pdbx_seq_align_beg_ins_code   ? 
_struct_ref_seq.seq_align_end                 206 
_struct_ref_seq.pdbx_seq_align_end_ins_code   ? 
_struct_ref_seq.pdbx_db_accession             P15369 
_struct_ref_seq.db_align_beg                  55 
_struct_ref_seq.pdbx_db_align_beg_ins_code    ? 
_struct_ref_seq.db_align_end                  260 
_struct_ref_seq.pdbx_db_align_end_ins_code    ? 
_struct_ref_seq.pdbx_auth_seq_align_beg       1 
_struct_ref_seq.pdbx_auth_seq_align_end       206 
# 
_pdbx_struct_assembly.id                   1 
_pdbx_struct_assembly.details              author_defined_assembly 
_pdbx_struct_assembly.method_details       ? 
_pdbx_struct_assembly.oligomeric_details   monomeric 
_pdbx_struct_assembly.oligomeric_count     1 
# 
_pdbx_struct_assembly_gen.assembly_id       1 
_pdbx_struct_assembly_gen.oper_expression   1 
_pdbx_struct_assembly_gen.asym_id_list      A,B 
# 
_pdbx_struct_oper_list.id                   1 
_pdbx_struct_oper_list.type                 'identity operation' 
_pdbx_struct_oper_list.name                 1_555 
_pdbx_struct_oper_list.symmetry_operation   x,y,z 
_pdbx_struct_oper_list.matrix[1][1]         1.0000000000 
_pdbx_struct_oper_list.matrix[1][2]         0.0000000000 
_pdbx_struct_oper_list.matrix[1][3]         0.0000000000 
_pdbx_struct_oper_list.vector[1]            0.0000000000 
_pdbx_struct_oper_list.matrix[2][1]         0.0000000000 
_pdbx_struct_oper_list.matrix[2][2]         1.0000000000 
_pdbx_struct_oper_list.matrix[2][3]         0.0000000000 
_pdbx_struct_oper_list.vector[2]            0.0000000000 
_pdbx_struct_oper_list.matrix[3][1]         0.0000000000 
_pdbx_struct_oper_list.matrix[3][2]         0.0000000000 
_pdbx_struct_oper_list.matrix[3][3]         1.0000000000 
_pdbx_struct_oper_list.vector[3]            0.0000000000 
# 
loop_
_struct_conn.id 
_struct_conn.conn_type_id 
_struct_conn.pdbx_leaving_atom_flag 
_struct_conn.pdbx_PDB_id 
_struct_conn.ptnr1_label_asym_id 
_struct_conn.ptnr1_label_comp_id 
_struct_conn.ptnr1_label_seq_id 
_struct_conn.ptnr1_label_atom_id 
_struct_conn.pdbx_ptnr1_label_alt_id 
_struct_conn.pdbx_ptnr1_PDB_ins_code 
_struct_conn.pdbx_ptnr1_standard_comp_id 
_struct_conn.ptnr1_symmetry 
_struct_conn.ptnr2_label_asym_id 
_struct_conn.ptnr2_label_comp_id 
_struct_conn.ptnr2_label_seq_id 
_struct_conn.ptnr2_label_atom_id 
_struct_conn.pdbx_ptnr2_label_alt_id 
_struct_conn.pdbx_ptnr2_PDB_ins_code 
_struct_conn.ptnr1_auth_asym_id 
_struct_conn.ptnr1_auth_comp_id 
_struct_conn.ptnr1_auth_seq_id 
_struct_conn.ptnr2_auth_asym_id 
_struct_conn.ptnr2_auth_comp_id 
_struct_conn.ptnr2_auth_seq_id 
_struct_conn.ptnr2_symmetry 
_struct_conn.pdbx_ptnr3_label_atom_id 
_struct_conn.pdbx_ptnr3_label_seq_id 
_struct_conn.pdbx_ptnr3_label_comp_id 
_struct_conn.pdbx_ptnr3_label_asym_id 
_struct_conn.pdbx_ptnr3_label_alt_id 
_struct_conn.pdbx_ptnr3_PDB_ins_code 
_struct_conn.details 
_struct_conn.pdbx_dist_value 
_struct_conn.pdbx_value_order 
_struct_conn.pdbx_role 
disulf1 disulf ? ? A CYS 47  SG ? ? ? 1_555 A CYS 127 SG ? ? A CYS 47  A CYS 127 1_555 ? ? ? ? ? ? ? 2.031 ? ? 
disulf2 disulf ? ? A CYS 141 SG ? ? ? 1_555 A CYS 148 SG ? ? A CYS 141 A CYS 148 1_555 ? ? ? ? ? ? ? 2.033 ? ? 
disulf3 disulf ? ? A CYS 194 SG ? ? ? 1_555 A CYS 203 SG ? ? A CYS 194 A CYS 203 1_555 ? ? ? ? ? ? ? 2.033 ? ? 
# 
_struct_conn_type.id          disulf 
_struct_conn_type.criteria    ? 
_struct_conn_type.reference   ? 
# 
loop_
_pdbx_modification_feature.ordinal 
_pdbx_modification_feature.label_comp_id 
_pdbx_modification_feature.label_asym_id 
_pdbx_modification_feature.label_seq_id 
_pdbx_modification_feature.label_alt_id 
_pdbx_modification_feature.modified_residue_label_comp_id 
_pdbx_modification_feature.modified_residue_label_asym_id 
_pdbx_modification_feature.modified_residue_label_seq_id 
_pdbx_modification_feature.modified_residue_label_alt_id 
_pdbx_modification_feature.auth_comp_id 
_pdbx_modification_feature.auth_asym_id 
_pdbx_modification_feature.auth_seq_id 
_pdbx_modification_feature.PDB_ins_code 
_pdbx_modification_feature.symmetry 
_pdbx_modification_feature.modified_residue_auth_comp_id 
_pdbx_modification_feature.modified_residue_auth_asym_id 
_pdbx_modification_feature.modified_residue_auth_seq_id 
_pdbx_modification_feature.modified_residue_PDB_ins_code 
_pdbx_modification_feature.modified_residue_symmetry 
_pdbx_modification_feature.comp_id_linking_atom 
_pdbx_modification_feature.modified_residue_id_linking_atom 
_pdbx_modification_feature.modified_residue_id 
_pdbx_modification_feature.ref_pcm_id 
_pdbx_modification_feature.ref_comp_id 
_pdbx_modification_feature.type 
_pdbx_modification_feature.category 
1 CYS A 47  ? CYS A 127 ? CYS A 47  ? 1_555 CYS A 127 ? 1_555 SG SG . . . None 'Disulfide bridge' 
2 CYS A 141 ? CYS A 148 ? CYS A 141 ? 1_555 CYS A 148 ? 1_555 SG SG . . . None 'Disulfide bridge' 
3 CYS A 194 ? CYS A 203 ? CYS A 194 ? 1_555 CYS A 203 ? 1_555 SG SG . . . None 'Disulfide bridge' 
# 
_struct_mon_prot_cis.pdbx_id                1 
_struct_mon_prot_cis.label_comp_id          SER 
_struct_mon_prot_cis.label_seq_id           157 
_struct_mon_prot_cis.label_asym_id          A 
_struct_mon_prot_cis.label_alt_id           . 
_struct_mon_prot_cis.pdbx_PDB_ins_code      ? 
_struct_mon_prot_cis.auth_comp_id           SER 
_struct_mon_prot_cis.auth_seq_id            157 
_struct_mon_prot_cis.auth_asym_id           A 
_struct_mon_prot_cis.pdbx_label_comp_id_2   PRO 
_struct_mon_prot_cis.pdbx_label_seq_id_2    158 
_struct_mon_prot_cis.pdbx_label_asym_id_2   A 
_struct_mon_prot_cis.pdbx_PDB_ins_code_2    ? 
_struct_mon_prot_cis.pdbx_auth_comp_id_2    PRO 
_struct_mon_prot_cis.pdbx_auth_seq_id_2     158 
_struct_mon_prot_cis.pdbx_auth_asym_id_2    A 
_struct_mon_prot_cis.pdbx_PDB_model_num     1 
_struct_mon_prot_cis.pdbx_omega_angle       -0.17 
# 
loop_
_struct_sheet.id 
_struct_sheet.type 
_struct_sheet.number_strands 
_struct_sheet.details 
A ? 3 ? 
B ? 6 ? 
C ? 6 ? 
D ? 7 ? 
E ? 2 ? 
F ? 2 ? 
# 
loop_
_struct_sheet_order.sheet_id 
_struct_sheet_order.range_id_1 
_struct_sheet_order.range_id_2 
_struct_sheet_order.offset 
_struct_sheet_order.sense 
A 1 2 ? anti-parallel 
A 2 3 ? anti-parallel 
B 1 2 ? anti-parallel 
B 2 3 ? anti-parallel 
B 3 4 ? anti-parallel 
B 4 5 ? anti-parallel 
B 5 6 ? anti-parallel 
C 1 2 ? anti-parallel 
C 2 3 ? anti-parallel 
C 3 4 ? anti-parallel 
C 4 5 ? anti-parallel 
C 5 6 ? anti-parallel 
D 1 2 ? anti-parallel 
D 2 3 ? anti-parallel 
D 3 4 ? anti-parallel 
D 4 5 ? anti-parallel 
D 5 6 ? anti-parallel 
D 6 7 ? anti-parallel 
E 1 2 ? anti-parallel 
F 1 2 ? anti-parallel 
# 
loop_
_struct_sheet_range.sheet_id 
_struct_sheet_range.id 
_struct_sheet_range.beg_label_comp_id 
_struct_sheet_range.beg_label_asym_id 
_struct_sheet_range.beg_label_seq_id 
_struct_sheet_range.pdbx_beg_PDB_ins_code 
_struct_sheet_range.end_label_comp_id 
_struct_sheet_range.end_label_asym_id 
_struct_sheet_range.end_label_seq_id 
_struct_sheet_range.pdbx_end_PDB_ins_code 
_struct_sheet_range.beg_auth_comp_id 
_struct_sheet_range.beg_auth_asym_id 
_struct_sheet_range.beg_auth_seq_id 
_struct_sheet_range.end_auth_comp_id 
_struct_sheet_range.end_auth_asym_id 
_struct_sheet_range.end_auth_seq_id 
A 1 VAL A 2   ? SER A 4   ? VAL A 2   SER A 4   
A 2 ILE A 185 ? ILE A 186 ? ILE A 185 ILE A 186 
A 3 GLN A 189 ? ASP A 190 ? GLN A 189 ASP A 190 
B 1 TYR A 64  ? GLU A 69  ? TYR A 64  GLU A 69  
B 2 LEU A 52  ? GLY A 60  ? LEU A 52  GLY A 60  
B 3 GLY A 31  ? ILE A 42  ? GLY A 31  ILE A 42  
B 4 ASN A 130 ? GLU A 136 ? ASN A 130 GLU A 136 
B 5 TRP A 6   ? ILE A 12  ? TRP A 6   ILE A 12  
B 6 GLN A 180 ? THR A 182 ? GLN A 180 THR A 182 
C 1 LYS A 113 ? PHE A 118 ? LYS A 113 PHE A 118 
C 2 SER A 100 ? GLU A 106 ? SER A 100 GLU A 106 
C 3 SER A 88  ? SER A 97  ? SER A 88  SER A 97  
C 4 PHE A 16  ? ASN A 24  ? PHE A 16  ASN A 24  
C 5 VAL A 160 ? SER A 169 ? VAL A 160 SER A 169 
C 6 GLU A 172 ? SER A 173 ? GLU A 172 SER A 173 
D 1 LYS A 113 ? PHE A 118 ? LYS A 113 PHE A 118 
D 2 SER A 100 ? GLU A 106 ? SER A 100 GLU A 106 
D 3 SER A 88  ? SER A 97  ? SER A 88  SER A 97  
D 4 PHE A 16  ? ASN A 24  ? PHE A 16  ASN A 24  
D 5 VAL A 160 ? SER A 169 ? VAL A 160 SER A 169 
D 6 THR A 200 ? TYR A 205 ? THR A 200 TYR A 205 
D 7 THR A 192 ? SER A 197 ? THR A 192 SER A 197 
E 1 SER A 27  ? SER A 29  ? SER A 27  SER A 29  
E 2 SER A 155 ? SER A 157 ? SER A 155 SER A 157 
F 1 GLU A 139 ? CYS A 141 ? GLU A 139 CYS A 141 
F 2 CYS A 148 ? PHE A 150 ? CYS A 148 PHE A 150 
# 
loop_
_pdbx_struct_sheet_hbond.sheet_id 
_pdbx_struct_sheet_hbond.range_id_1 
_pdbx_struct_sheet_hbond.range_id_2 
_pdbx_struct_sheet_hbond.range_1_label_atom_id 
_pdbx_struct_sheet_hbond.range_1_label_comp_id 
_pdbx_struct_sheet_hbond.range_1_label_asym_id 
_pdbx_struct_sheet_hbond.range_1_label_seq_id 
_pdbx_struct_sheet_hbond.range_1_PDB_ins_code 
_pdbx_struct_sheet_hbond.range_1_auth_atom_id 
_pdbx_struct_sheet_hbond.range_1_auth_comp_id 
_pdbx_struct_sheet_hbond.range_1_auth_asym_id 
_pdbx_struct_sheet_hbond.range_1_auth_seq_id 
_pdbx_struct_sheet_hbond.range_2_label_atom_id 
_pdbx_struct_sheet_hbond.range_2_label_comp_id 
_pdbx_struct_sheet_hbond.range_2_label_asym_id 
_pdbx_struct_sheet_hbond.range_2_label_seq_id 
_pdbx_struct_sheet_hbond.range_2_PDB_ins_code 
_pdbx_struct_sheet_hbond.range_2_auth_atom_id 
_pdbx_struct_sheet_hbond.range_2_auth_comp_id 
_pdbx_struct_sheet_hbond.range_2_auth_asym_id 
_pdbx_struct_sheet_hbond.range_2_auth_seq_id 
A 1 2 N SER A 4   ? N SER A 4   O ILE A 185 ? O ILE A 185 
A 2 3 N ILE A 186 ? N ILE A 186 O GLN A 189 ? O GLN A 189 
B 1 2 O ASP A 65  ? O ASP A 65  N ASP A 57  ? N ASP A 57  
B 2 3 O LEU A 52  ? O LEU A 52  N ILE A 42  ? N ILE A 42  
B 3 4 N TRP A 39  ? N TRP A 39  O ILE A 134 ? O ILE A 134 
B 4 5 O ALA A 131 ? O ALA A 131 N LEU A 11  ? N LEU A 11  
B 5 6 N ILE A 10  ? N ILE A 10  O GLN A 180 ? O GLN A 180 
C 1 2 O PHE A 118 ? O PHE A 118 N GLY A 101 ? N GLY A 101 
C 2 3 O THR A 104 ? O THR A 104 N SER A 92  ? N SER A 92  
C 3 4 O ILE A 89  ? O ILE A 89  N ALA A 23  ? N ALA A 23  
C 4 5 N THR A 22  ? N THR A 22  O THR A 163 ? O THR A 163 
C 5 6 N SER A 169 ? N SER A 169 O GLU A 172 ? O GLU A 172 
D 1 2 O PHE A 118 ? O PHE A 118 N GLY A 101 ? N GLY A 101 
D 2 3 O THR A 104 ? O THR A 104 N SER A 92  ? N SER A 92  
D 3 4 O ILE A 89  ? O ILE A 89  N ALA A 23  ? N ALA A 23  
D 4 5 N THR A 22  ? N THR A 22  O THR A 163 ? O THR A 163 
D 5 6 N PHE A 162 ? N PHE A 162 O VAL A 201 ? O VAL A 201 
D 6 7 O SER A 202 ? O SER A 202 N SER A 195 ? N SER A 195 
E 1 2 N SER A 27  ? N SER A 27  O SER A 157 ? O SER A 157 
F 1 2 N GLU A 140 ? N GLU A 140 O GLU A 149 ? O GLU A 149 
# 
_pdbx_entry_details.entry_id                   1S2B 
_pdbx_entry_details.compound_details           ? 
_pdbx_entry_details.source_details             ? 
_pdbx_entry_details.nonpolymer_details         ? 
_pdbx_entry_details.sequence_details           ? 
_pdbx_entry_details.has_ligand_of_interest     ? 
_pdbx_entry_details.has_protein_modification   Y 
# 
loop_
_pdbx_validate_symm_contact.id 
_pdbx_validate_symm_contact.PDB_model_num 
_pdbx_validate_symm_contact.auth_atom_id_1 
_pdbx_validate_symm_contact.auth_asym_id_1 
_pdbx_validate_symm_contact.auth_comp_id_1 
_pdbx_validate_symm_contact.auth_seq_id_1 
_pdbx_validate_symm_contact.PDB_ins_code_1 
_pdbx_validate_symm_contact.label_alt_id_1 
_pdbx_validate_symm_contact.site_symmetry_1 
_pdbx_validate_symm_contact.auth_atom_id_2 
_pdbx_validate_symm_contact.auth_asym_id_2 
_pdbx_validate_symm_contact.auth_comp_id_2 
_pdbx_validate_symm_contact.auth_seq_id_2 
_pdbx_validate_symm_contact.PDB_ins_code_2 
_pdbx_validate_symm_contact.label_alt_id_2 
_pdbx_validate_symm_contact.site_symmetry_2 
_pdbx_validate_symm_contact.dist 
1 1 O A HOH 311 ? ? 1_555 O A HOH 311 ? ? 12_555 1.81 
2 1 O A HOH 244 ? ? 1_555 O A HOH 244 ? ? 9_765  1.96 
3 1 O A HOH 314 ? ? 1_555 O A HOH 314 ? ? 12_555 2.10 
# 
loop_
_pdbx_validate_torsion.id 
_pdbx_validate_torsion.PDB_model_num 
_pdbx_validate_torsion.auth_comp_id 
_pdbx_validate_torsion.auth_asym_id 
_pdbx_validate_torsion.auth_seq_id 
_pdbx_validate_torsion.PDB_ins_code 
_pdbx_validate_torsion.label_alt_id 
_pdbx_validate_torsion.phi 
_pdbx_validate_torsion.psi 
1  1 ASP A 17  ? ? -106.84 -67.10  
2  1 ASP A 43  ? ? 67.86   -177.44 
3  1 ASP A 45  ? ? -97.76  -92.04  
4  1 VAL A 74  ? ? -107.25 -140.66 
5  1 LEU A 108 ? ? 54.53   -44.01  
6  1 SER A 123 ? ? -55.62  1.45    
7  1 ASN A 142 ? ? 178.64  -160.37 
8  1 ASN A 144 ? ? 82.88   -75.78  
9  1 SER A 146 ? ? -70.63  -80.02  
10 1 PRO A 158 ? ? -71.91  -165.71 
11 1 SER A 197 ? ? -178.58 105.01  
# 
loop_
_pdbx_struct_special_symmetry.id 
_pdbx_struct_special_symmetry.PDB_model_num 
_pdbx_struct_special_symmetry.auth_asym_id 
_pdbx_struct_special_symmetry.auth_comp_id 
_pdbx_struct_special_symmetry.auth_seq_id 
_pdbx_struct_special_symmetry.PDB_ins_code 
_pdbx_struct_special_symmetry.label_asym_id 
_pdbx_struct_special_symmetry.label_comp_id 
_pdbx_struct_special_symmetry.label_seq_id 
1 1 A HOH 208 ? B HOH . 
2 1 A HOH 214 ? B HOH . 
3 1 A HOH 215 ? B HOH . 
4 1 A HOH 291 ? B HOH . 
5 1 A HOH 341 ? B HOH . 
# 
loop_
_pdbx_unobs_or_zero_occ_residues.id 
_pdbx_unobs_or_zero_occ_residues.PDB_model_num 
_pdbx_unobs_or_zero_occ_residues.polymer_flag 
_pdbx_unobs_or_zero_occ_residues.occupancy_flag 
_pdbx_unobs_or_zero_occ_residues.auth_asym_id 
_pdbx_unobs_or_zero_occ_residues.auth_comp_id 
_pdbx_unobs_or_zero_occ_residues.auth_seq_id 
_pdbx_unobs_or_zero_occ_residues.PDB_ins_code 
_pdbx_unobs_or_zero_occ_residues.label_asym_id 
_pdbx_unobs_or_zero_occ_residues.label_comp_id 
_pdbx_unobs_or_zero_occ_residues.label_seq_id 
1 1 Y 1 A TYR 71 ? A TYR 71 
2 1 Y 1 A PRO 72 ? A PRO 72 
3 1 Y 1 A ASP 76 ? A ASP 76 
4 1 Y 1 A ASP 77 ? A ASP 77 
5 1 Y 1 A PHE 78 ? A PHE 78 
6 1 Y 1 A SER 79 ? A SER 79 
7 1 Y 1 A GLY 80 ? A GLY 80 
# 
loop_
_chem_comp_atom.comp_id 
_chem_comp_atom.atom_id 
_chem_comp_atom.type_symbol 
_chem_comp_atom.pdbx_aromatic_flag 
_chem_comp_atom.pdbx_stereo_config 
_chem_comp_atom.pdbx_ordinal 
ALA N    N N N 1   
ALA CA   C N S 2   
ALA C    C N N 3   
ALA O    O N N 4   
ALA CB   C N N 5   
ALA OXT  O N N 6   
ALA H    H N N 7   
ALA H2   H N N 8   
ALA HA   H N N 9   
ALA HB1  H N N 10  
ALA HB2  H N N 11  
ALA HB3  H N N 12  
ALA HXT  H N N 13  
ARG N    N N N 14  
ARG CA   C N S 15  
ARG C    C N N 16  
ARG O    O N N 17  
ARG CB   C N N 18  
ARG CG   C N N 19  
ARG CD   C N N 20  
ARG NE   N N N 21  
ARG CZ   C N N 22  
ARG NH1  N N N 23  
ARG NH2  N N N 24  
ARG OXT  O N N 25  
ARG H    H N N 26  
ARG H2   H N N 27  
ARG HA   H N N 28  
ARG HB2  H N N 29  
ARG HB3  H N N 30  
ARG HG2  H N N 31  
ARG HG3  H N N 32  
ARG HD2  H N N 33  
ARG HD3  H N N 34  
ARG HE   H N N 35  
ARG HH11 H N N 36  
ARG HH12 H N N 37  
ARG HH21 H N N 38  
ARG HH22 H N N 39  
ARG HXT  H N N 40  
ASN N    N N N 41  
ASN CA   C N S 42  
ASN C    C N N 43  
ASN O    O N N 44  
ASN CB   C N N 45  
ASN CG   C N N 46  
ASN OD1  O N N 47  
ASN ND2  N N N 48  
ASN OXT  O N N 49  
ASN H    H N N 50  
ASN H2   H N N 51  
ASN HA   H N N 52  
ASN HB2  H N N 53  
ASN HB3  H N N 54  
ASN HD21 H N N 55  
ASN HD22 H N N 56  
ASN HXT  H N N 57  
ASP N    N N N 58  
ASP CA   C N S 59  
ASP C    C N N 60  
ASP O    O N N 61  
ASP CB   C N N 62  
ASP CG   C N N 63  
ASP OD1  O N N 64  
ASP OD2  O N N 65  
ASP OXT  O N N 66  
ASP H    H N N 67  
ASP H2   H N N 68  
ASP HA   H N N 69  
ASP HB2  H N N 70  
ASP HB3  H N N 71  
ASP HD2  H N N 72  
ASP HXT  H N N 73  
CYS N    N N N 74  
CYS CA   C N R 75  
CYS C    C N N 76  
CYS O    O N N 77  
CYS CB   C N N 78  
CYS SG   S N N 79  
CYS OXT  O N N 80  
CYS H    H N N 81  
CYS H2   H N N 82  
CYS HA   H N N 83  
CYS HB2  H N N 84  
CYS HB3  H N N 85  
CYS HG   H N N 86  
CYS HXT  H N N 87  
GLN N    N N N 88  
GLN CA   C N S 89  
GLN C    C N N 90  
GLN O    O N N 91  
GLN CB   C N N 92  
GLN CG   C N N 93  
GLN CD   C N N 94  
GLN OE1  O N N 95  
GLN NE2  N N N 96  
GLN OXT  O N N 97  
GLN H    H N N 98  
GLN H2   H N N 99  
GLN HA   H N N 100 
GLN HB2  H N N 101 
GLN HB3  H N N 102 
GLN HG2  H N N 103 
GLN HG3  H N N 104 
GLN HE21 H N N 105 
GLN HE22 H N N 106 
GLN HXT  H N N 107 
GLU N    N N N 108 
GLU CA   C N S 109 
GLU C    C N N 110 
GLU O    O N N 111 
GLU CB   C N N 112 
GLU CG   C N N 113 
GLU CD   C N N 114 
GLU OE1  O N N 115 
GLU OE2  O N N 116 
GLU OXT  O N N 117 
GLU H    H N N 118 
GLU H2   H N N 119 
GLU HA   H N N 120 
GLU HB2  H N N 121 
GLU HB3  H N N 122 
GLU HG2  H N N 123 
GLU HG3  H N N 124 
GLU HE2  H N N 125 
GLU HXT  H N N 126 
GLY N    N N N 127 
GLY CA   C N N 128 
GLY C    C N N 129 
GLY O    O N N 130 
GLY OXT  O N N 131 
GLY H    H N N 132 
GLY H2   H N N 133 
GLY HA2  H N N 134 
GLY HA3  H N N 135 
GLY HXT  H N N 136 
HOH O    O N N 137 
HOH H1   H N N 138 
HOH H2   H N N 139 
ILE N    N N N 140 
ILE CA   C N S 141 
ILE C    C N N 142 
ILE O    O N N 143 
ILE CB   C N S 144 
ILE CG1  C N N 145 
ILE CG2  C N N 146 
ILE CD1  C N N 147 
ILE OXT  O N N 148 
ILE H    H N N 149 
ILE H2   H N N 150 
ILE HA   H N N 151 
ILE HB   H N N 152 
ILE HG12 H N N 153 
ILE HG13 H N N 154 
ILE HG21 H N N 155 
ILE HG22 H N N 156 
ILE HG23 H N N 157 
ILE HD11 H N N 158 
ILE HD12 H N N 159 
ILE HD13 H N N 160 
ILE HXT  H N N 161 
LEU N    N N N 162 
LEU CA   C N S 163 
LEU C    C N N 164 
LEU O    O N N 165 
LEU CB   C N N 166 
LEU CG   C N N 167 
LEU CD1  C N N 168 
LEU CD2  C N N 169 
LEU OXT  O N N 170 
LEU H    H N N 171 
LEU H2   H N N 172 
LEU HA   H N N 173 
LEU HB2  H N N 174 
LEU HB3  H N N 175 
LEU HG   H N N 176 
LEU HD11 H N N 177 
LEU HD12 H N N 178 
LEU HD13 H N N 179 
LEU HD21 H N N 180 
LEU HD22 H N N 181 
LEU HD23 H N N 182 
LEU HXT  H N N 183 
LYS N    N N N 184 
LYS CA   C N S 185 
LYS C    C N N 186 
LYS O    O N N 187 
LYS CB   C N N 188 
LYS CG   C N N 189 
LYS CD   C N N 190 
LYS CE   C N N 191 
LYS NZ   N N N 192 
LYS OXT  O N N 193 
LYS H    H N N 194 
LYS H2   H N N 195 
LYS HA   H N N 196 
LYS HB2  H N N 197 
LYS HB3  H N N 198 
LYS HG2  H N N 199 
LYS HG3  H N N 200 
LYS HD2  H N N 201 
LYS HD3  H N N 202 
LYS HE2  H N N 203 
LYS HE3  H N N 204 
LYS HZ1  H N N 205 
LYS HZ2  H N N 206 
LYS HZ3  H N N 207 
LYS HXT  H N N 208 
MET N    N N N 209 
MET CA   C N S 210 
MET C    C N N 211 
MET O    O N N 212 
MET CB   C N N 213 
MET CG   C N N 214 
MET SD   S N N 215 
MET CE   C N N 216 
MET OXT  O N N 217 
MET H    H N N 218 
MET H2   H N N 219 
MET HA   H N N 220 
MET HB2  H N N 221 
MET HB3  H N N 222 
MET HG2  H N N 223 
MET HG3  H N N 224 
MET HE1  H N N 225 
MET HE2  H N N 226 
MET HE3  H N N 227 
MET HXT  H N N 228 
PHE N    N N N 229 
PHE CA   C N S 230 
PHE C    C N N 231 
PHE O    O N N 232 
PHE CB   C N N 233 
PHE CG   C Y N 234 
PHE CD1  C Y N 235 
PHE CD2  C Y N 236 
PHE CE1  C Y N 237 
PHE CE2  C Y N 238 
PHE CZ   C Y N 239 
PHE OXT  O N N 240 
PHE H    H N N 241 
PHE H2   H N N 242 
PHE HA   H N N 243 
PHE HB2  H N N 244 
PHE HB3  H N N 245 
PHE HD1  H N N 246 
PHE HD2  H N N 247 
PHE HE1  H N N 248 
PHE HE2  H N N 249 
PHE HZ   H N N 250 
PHE HXT  H N N 251 
PRO N    N N N 252 
PRO CA   C N S 253 
PRO C    C N N 254 
PRO O    O N N 255 
PRO CB   C N N 256 
PRO CG   C N N 257 
PRO CD   C N N 258 
PRO OXT  O N N 259 
PRO H    H N N 260 
PRO HA   H N N 261 
PRO HB2  H N N 262 
PRO HB3  H N N 263 
PRO HG2  H N N 264 
PRO HG3  H N N 265 
PRO HD2  H N N 266 
PRO HD3  H N N 267 
PRO HXT  H N N 268 
SER N    N N N 269 
SER CA   C N S 270 
SER C    C N N 271 
SER O    O N N 272 
SER CB   C N N 273 
SER OG   O N N 274 
SER OXT  O N N 275 
SER H    H N N 276 
SER H2   H N N 277 
SER HA   H N N 278 
SER HB2  H N N 279 
SER HB3  H N N 280 
SER HG   H N N 281 
SER HXT  H N N 282 
THR N    N N N 283 
THR CA   C N S 284 
THR C    C N N 285 
THR O    O N N 286 
THR CB   C N R 287 
THR OG1  O N N 288 
THR CG2  C N N 289 
THR OXT  O N N 290 
THR H    H N N 291 
THR H2   H N N 292 
THR HA   H N N 293 
THR HB   H N N 294 
THR HG1  H N N 295 
THR HG21 H N N 296 
THR HG22 H N N 297 
THR HG23 H N N 298 
THR HXT  H N N 299 
TRP N    N N N 300 
TRP CA   C N S 301 
TRP C    C N N 302 
TRP O    O N N 303 
TRP CB   C N N 304 
TRP CG   C Y N 305 
TRP CD1  C Y N 306 
TRP CD2  C Y N 307 
TRP NE1  N Y N 308 
TRP CE2  C Y N 309 
TRP CE3  C Y N 310 
TRP CZ2  C Y N 311 
TRP CZ3  C Y N 312 
TRP CH2  C Y N 313 
TRP OXT  O N N 314 
TRP H    H N N 315 
TRP H2   H N N 316 
TRP HA   H N N 317 
TRP HB2  H N N 318 
TRP HB3  H N N 319 
TRP HD1  H N N 320 
TRP HE1  H N N 321 
TRP HE3  H N N 322 
TRP HZ2  H N N 323 
TRP HZ3  H N N 324 
TRP HH2  H N N 325 
TRP HXT  H N N 326 
TYR N    N N N 327 
TYR CA   C N S 328 
TYR C    C N N 329 
TYR O    O N N 330 
TYR CB   C N N 331 
TYR CG   C Y N 332 
TYR CD1  C Y N 333 
TYR CD2  C Y N 334 
TYR CE1  C Y N 335 
TYR CE2  C Y N 336 
TYR CZ   C Y N 337 
TYR OH   O N N 338 
TYR OXT  O N N 339 
TYR H    H N N 340 
TYR H2   H N N 341 
TYR HA   H N N 342 
TYR HB2  H N N 343 
TYR HB3  H N N 344 
TYR HD1  H N N 345 
TYR HD2  H N N 346 
TYR HE1  H N N 347 
TYR HE2  H N N 348 
TYR HH   H N N 349 
TYR HXT  H N N 350 
VAL N    N N N 351 
VAL CA   C N S 352 
VAL C    C N N 353 
VAL O    O N N 354 
VAL CB   C N N 355 
VAL CG1  C N N 356 
VAL CG2  C N N 357 
VAL OXT  O N N 358 
VAL H    H N N 359 
VAL H2   H N N 360 
VAL HA   H N N 361 
VAL HB   H N N 362 
VAL HG11 H N N 363 
VAL HG12 H N N 364 
VAL HG13 H N N 365 
VAL HG21 H N N 366 
VAL HG22 H N N 367 
VAL HG23 H N N 368 
VAL HXT  H N N 369 
# 
loop_
_chem_comp_bond.comp_id 
_chem_comp_bond.atom_id_1 
_chem_comp_bond.atom_id_2 
_chem_comp_bond.value_order 
_chem_comp_bond.pdbx_aromatic_flag 
_chem_comp_bond.pdbx_stereo_config 
_chem_comp_bond.pdbx_ordinal 
ALA N   CA   sing N N 1   
ALA N   H    sing N N 2   
ALA N   H2   sing N N 3   
ALA CA  C    sing N N 4   
ALA CA  CB   sing N N 5   
ALA CA  HA   sing N N 6   
ALA C   O    doub N N 7   
ALA C   OXT  sing N N 8   
ALA CB  HB1  sing N N 9   
ALA CB  HB2  sing N N 10  
ALA CB  HB3  sing N N 11  
ALA OXT HXT  sing N N 12  
ARG N   CA   sing N N 13  
ARG N   H    sing N N 14  
ARG N   H2   sing N N 15  
ARG CA  C    sing N N 16  
ARG CA  CB   sing N N 17  
ARG CA  HA   sing N N 18  
ARG C   O    doub N N 19  
ARG C   OXT  sing N N 20  
ARG CB  CG   sing N N 21  
ARG CB  HB2  sing N N 22  
ARG CB  HB3  sing N N 23  
ARG CG  CD   sing N N 24  
ARG CG  HG2  sing N N 25  
ARG CG  HG3  sing N N 26  
ARG CD  NE   sing N N 27  
ARG CD  HD2  sing N N 28  
ARG CD  HD3  sing N N 29  
ARG NE  CZ   sing N N 30  
ARG NE  HE   sing N N 31  
ARG CZ  NH1  sing N N 32  
ARG CZ  NH2  doub N N 33  
ARG NH1 HH11 sing N N 34  
ARG NH1 HH12 sing N N 35  
ARG NH2 HH21 sing N N 36  
ARG NH2 HH22 sing N N 37  
ARG OXT HXT  sing N N 38  
ASN N   CA   sing N N 39  
ASN N   H    sing N N 40  
ASN N   H2   sing N N 41  
ASN CA  C    sing N N 42  
ASN CA  CB   sing N N 43  
ASN CA  HA   sing N N 44  
ASN C   O    doub N N 45  
ASN C   OXT  sing N N 46  
ASN CB  CG   sing N N 47  
ASN CB  HB2  sing N N 48  
ASN CB  HB3  sing N N 49  
ASN CG  OD1  doub N N 50  
ASN CG  ND2  sing N N 51  
ASN ND2 HD21 sing N N 52  
ASN ND2 HD22 sing N N 53  
ASN OXT HXT  sing N N 54  
ASP N   CA   sing N N 55  
ASP N   H    sing N N 56  
ASP N   H2   sing N N 57  
ASP CA  C    sing N N 58  
ASP CA  CB   sing N N 59  
ASP CA  HA   sing N N 60  
ASP C   O    doub N N 61  
ASP C   OXT  sing N N 62  
ASP CB  CG   sing N N 63  
ASP CB  HB2  sing N N 64  
ASP CB  HB3  sing N N 65  
ASP CG  OD1  doub N N 66  
ASP CG  OD2  sing N N 67  
ASP OD2 HD2  sing N N 68  
ASP OXT HXT  sing N N 69  
CYS N   CA   sing N N 70  
CYS N   H    sing N N 71  
CYS N   H2   sing N N 72  
CYS CA  C    sing N N 73  
CYS CA  CB   sing N N 74  
CYS CA  HA   sing N N 75  
CYS C   O    doub N N 76  
CYS C   OXT  sing N N 77  
CYS CB  SG   sing N N 78  
CYS CB  HB2  sing N N 79  
CYS CB  HB3  sing N N 80  
CYS SG  HG   sing N N 81  
CYS OXT HXT  sing N N 82  
GLN N   CA   sing N N 83  
GLN N   H    sing N N 84  
GLN N   H2   sing N N 85  
GLN CA  C    sing N N 86  
GLN CA  CB   sing N N 87  
GLN CA  HA   sing N N 88  
GLN C   O    doub N N 89  
GLN C   OXT  sing N N 90  
GLN CB  CG   sing N N 91  
GLN CB  HB2  sing N N 92  
GLN CB  HB3  sing N N 93  
GLN CG  CD   sing N N 94  
GLN CG  HG2  sing N N 95  
GLN CG  HG3  sing N N 96  
GLN CD  OE1  doub N N 97  
GLN CD  NE2  sing N N 98  
GLN NE2 HE21 sing N N 99  
GLN NE2 HE22 sing N N 100 
GLN OXT HXT  sing N N 101 
GLU N   CA   sing N N 102 
GLU N   H    sing N N 103 
GLU N   H2   sing N N 104 
GLU CA  C    sing N N 105 
GLU CA  CB   sing N N 106 
GLU CA  HA   sing N N 107 
GLU C   O    doub N N 108 
GLU C   OXT  sing N N 109 
GLU CB  CG   sing N N 110 
GLU CB  HB2  sing N N 111 
GLU CB  HB3  sing N N 112 
GLU CG  CD   sing N N 113 
GLU CG  HG2  sing N N 114 
GLU CG  HG3  sing N N 115 
GLU CD  OE1  doub N N 116 
GLU CD  OE2  sing N N 117 
GLU OE2 HE2  sing N N 118 
GLU OXT HXT  sing N N 119 
GLY N   CA   sing N N 120 
GLY N   H    sing N N 121 
GLY N   H2   sing N N 122 
GLY CA  C    sing N N 123 
GLY CA  HA2  sing N N 124 
GLY CA  HA3  sing N N 125 
GLY C   O    doub N N 126 
GLY C   OXT  sing N N 127 
GLY OXT HXT  sing N N 128 
HOH O   H1   sing N N 129 
HOH O   H2   sing N N 130 
ILE N   CA   sing N N 131 
ILE N   H    sing N N 132 
ILE N   H2   sing N N 133 
ILE CA  C    sing N N 134 
ILE CA  CB   sing N N 135 
ILE CA  HA   sing N N 136 
ILE C   O    doub N N 137 
ILE C   OXT  sing N N 138 
ILE CB  CG1  sing N N 139 
ILE CB  CG2  sing N N 140 
ILE CB  HB   sing N N 141 
ILE CG1 CD1  sing N N 142 
ILE CG1 HG12 sing N N 143 
ILE CG1 HG13 sing N N 144 
ILE CG2 HG21 sing N N 145 
ILE CG2 HG22 sing N N 146 
ILE CG2 HG23 sing N N 147 
ILE CD1 HD11 sing N N 148 
ILE CD1 HD12 sing N N 149 
ILE CD1 HD13 sing N N 150 
ILE OXT HXT  sing N N 151 
LEU N   CA   sing N N 152 
LEU N   H    sing N N 153 
LEU N   H2   sing N N 154 
LEU CA  C    sing N N 155 
LEU CA  CB   sing N N 156 
LEU CA  HA   sing N N 157 
LEU C   O    doub N N 158 
LEU C   OXT  sing N N 159 
LEU CB  CG   sing N N 160 
LEU CB  HB2  sing N N 161 
LEU CB  HB3  sing N N 162 
LEU CG  CD1  sing N N 163 
LEU CG  CD2  sing N N 164 
LEU CG  HG   sing N N 165 
LEU CD1 HD11 sing N N 166 
LEU CD1 HD12 sing N N 167 
LEU CD1 HD13 sing N N 168 
LEU CD2 HD21 sing N N 169 
LEU CD2 HD22 sing N N 170 
LEU CD2 HD23 sing N N 171 
LEU OXT HXT  sing N N 172 
LYS N   CA   sing N N 173 
LYS N   H    sing N N 174 
LYS N   H2   sing N N 175 
LYS CA  C    sing N N 176 
LYS CA  CB   sing N N 177 
LYS CA  HA   sing N N 178 
LYS C   O    doub N N 179 
LYS C   OXT  sing N N 180 
LYS CB  CG   sing N N 181 
LYS CB  HB2  sing N N 182 
LYS CB  HB3  sing N N 183 
LYS CG  CD   sing N N 184 
LYS CG  HG2  sing N N 185 
LYS CG  HG3  sing N N 186 
LYS CD  CE   sing N N 187 
LYS CD  HD2  sing N N 188 
LYS CD  HD3  sing N N 189 
LYS CE  NZ   sing N N 190 
LYS CE  HE2  sing N N 191 
LYS CE  HE3  sing N N 192 
LYS NZ  HZ1  sing N N 193 
LYS NZ  HZ2  sing N N 194 
LYS NZ  HZ3  sing N N 195 
LYS OXT HXT  sing N N 196 
MET N   CA   sing N N 197 
MET N   H    sing N N 198 
MET N   H2   sing N N 199 
MET CA  C    sing N N 200 
MET CA  CB   sing N N 201 
MET CA  HA   sing N N 202 
MET C   O    doub N N 203 
MET C   OXT  sing N N 204 
MET CB  CG   sing N N 205 
MET CB  HB2  sing N N 206 
MET CB  HB3  sing N N 207 
MET CG  SD   sing N N 208 
MET CG  HG2  sing N N 209 
MET CG  HG3  sing N N 210 
MET SD  CE   sing N N 211 
MET CE  HE1  sing N N 212 
MET CE  HE2  sing N N 213 
MET CE  HE3  sing N N 214 
MET OXT HXT  sing N N 215 
PHE N   CA   sing N N 216 
PHE N   H    sing N N 217 
PHE N   H2   sing N N 218 
PHE CA  C    sing N N 219 
PHE CA  CB   sing N N 220 
PHE CA  HA   sing N N 221 
PHE C   O    doub N N 222 
PHE C   OXT  sing N N 223 
PHE CB  CG   sing N N 224 
PHE CB  HB2  sing N N 225 
PHE CB  HB3  sing N N 226 
PHE CG  CD1  doub Y N 227 
PHE CG  CD2  sing Y N 228 
PHE CD1 CE1  sing Y N 229 
PHE CD1 HD1  sing N N 230 
PHE CD2 CE2  doub Y N 231 
PHE CD2 HD2  sing N N 232 
PHE CE1 CZ   doub Y N 233 
PHE CE1 HE1  sing N N 234 
PHE CE2 CZ   sing Y N 235 
PHE CE2 HE2  sing N N 236 
PHE CZ  HZ   sing N N 237 
PHE OXT HXT  sing N N 238 
PRO N   CA   sing N N 239 
PRO N   CD   sing N N 240 
PRO N   H    sing N N 241 
PRO CA  C    sing N N 242 
PRO CA  CB   sing N N 243 
PRO CA  HA   sing N N 244 
PRO C   O    doub N N 245 
PRO C   OXT  sing N N 246 
PRO CB  CG   sing N N 247 
PRO CB  HB2  sing N N 248 
PRO CB  HB3  sing N N 249 
PRO CG  CD   sing N N 250 
PRO CG  HG2  sing N N 251 
PRO CG  HG3  sing N N 252 
PRO CD  HD2  sing N N 253 
PRO CD  HD3  sing N N 254 
PRO OXT HXT  sing N N 255 
SER N   CA   sing N N 256 
SER N   H    sing N N 257 
SER N   H2   sing N N 258 
SER CA  C    sing N N 259 
SER CA  CB   sing N N 260 
SER CA  HA   sing N N 261 
SER C   O    doub N N 262 
SER C   OXT  sing N N 263 
SER CB  OG   sing N N 264 
SER CB  HB2  sing N N 265 
SER CB  HB3  sing N N 266 
SER OG  HG   sing N N 267 
SER OXT HXT  sing N N 268 
THR N   CA   sing N N 269 
THR N   H    sing N N 270 
THR N   H2   sing N N 271 
THR CA  C    sing N N 272 
THR CA  CB   sing N N 273 
THR CA  HA   sing N N 274 
THR C   O    doub N N 275 
THR C   OXT  sing N N 276 
THR CB  OG1  sing N N 277 
THR CB  CG2  sing N N 278 
THR CB  HB   sing N N 279 
THR OG1 HG1  sing N N 280 
THR CG2 HG21 sing N N 281 
THR CG2 HG22 sing N N 282 
THR CG2 HG23 sing N N 283 
THR OXT HXT  sing N N 284 
TRP N   CA   sing N N 285 
TRP N   H    sing N N 286 
TRP N   H2   sing N N 287 
TRP CA  C    sing N N 288 
TRP CA  CB   sing N N 289 
TRP CA  HA   sing N N 290 
TRP C   O    doub N N 291 
TRP C   OXT  sing N N 292 
TRP CB  CG   sing N N 293 
TRP CB  HB2  sing N N 294 
TRP CB  HB3  sing N N 295 
TRP CG  CD1  doub Y N 296 
TRP CG  CD2  sing Y N 297 
TRP CD1 NE1  sing Y N 298 
TRP CD1 HD1  sing N N 299 
TRP CD2 CE2  doub Y N 300 
TRP CD2 CE3  sing Y N 301 
TRP NE1 CE2  sing Y N 302 
TRP NE1 HE1  sing N N 303 
TRP CE2 CZ2  sing Y N 304 
TRP CE3 CZ3  doub Y N 305 
TRP CE3 HE3  sing N N 306 
TRP CZ2 CH2  doub Y N 307 
TRP CZ2 HZ2  sing N N 308 
TRP CZ3 CH2  sing Y N 309 
TRP CZ3 HZ3  sing N N 310 
TRP CH2 HH2  sing N N 311 
TRP OXT HXT  sing N N 312 
TYR N   CA   sing N N 313 
TYR N   H    sing N N 314 
TYR N   H2   sing N N 315 
TYR CA  C    sing N N 316 
TYR CA  CB   sing N N 317 
TYR CA  HA   sing N N 318 
TYR C   O    doub N N 319 
TYR C   OXT  sing N N 320 
TYR CB  CG   sing N N 321 
TYR CB  HB2  sing N N 322 
TYR CB  HB3  sing N N 323 
TYR CG  CD1  doub Y N 324 
TYR CG  CD2  sing Y N 325 
TYR CD1 CE1  sing Y N 326 
TYR CD1 HD1  sing N N 327 
TYR CD2 CE2  doub Y N 328 
TYR CD2 HD2  sing N N 329 
TYR CE1 CZ   doub Y N 330 
TYR CE1 HE1  sing N N 331 
TYR CE2 CZ   sing Y N 332 
TYR CE2 HE2  sing N N 333 
TYR CZ  OH   sing N N 334 
TYR OH  HH   sing N N 335 
TYR OXT HXT  sing N N 336 
VAL N   CA   sing N N 337 
VAL N   H    sing N N 338 
VAL N   H2   sing N N 339 
VAL CA  C    sing N N 340 
VAL CA  CB   sing N N 341 
VAL CA  HA   sing N N 342 
VAL C   O    doub N N 343 
VAL C   OXT  sing N N 344 
VAL CB  CG1  sing N N 345 
VAL CB  CG2  sing N N 346 
VAL CB  HB   sing N N 347 
VAL CG1 HG11 sing N N 348 
VAL CG1 HG12 sing N N 349 
VAL CG1 HG13 sing N N 350 
VAL CG2 HG21 sing N N 351 
VAL CG2 HG22 sing N N 352 
VAL CG2 HG23 sing N N 353 
VAL OXT HXT  sing N N 354 
# 
_atom_sites.entry_id                    1S2B 
_atom_sites.fract_transf_matrix[1][1]   0.00657845 
_atom_sites.fract_transf_matrix[1][2]   -0.00820505 
_atom_sites.fract_transf_matrix[1][3]   0.00156470 
_atom_sites.fract_transf_matrix[2][1]   0.00727622 
_atom_sites.fract_transf_matrix[2][2]   0.00042111 
_atom_sites.fract_transf_matrix[2][3]   0.00774209 
_atom_sites.fract_transf_matrix[3][1]   -0.00574254 
_atom_sites.fract_transf_matrix[3][2]   -0.00353822 
_atom_sites.fract_transf_matrix[3][3]   0.00558944 
_atom_sites.fract_transf_vector[1]      0.882682 
_atom_sites.fract_transf_vector[2]      0.380049 
_atom_sites.fract_transf_vector[3]      0.125758 
# 
loop_
_atom_type.symbol 
C 
N 
O 
S 
# 
loop_
_atom_site.group_PDB 
_atom_site.id 
_atom_site.type_symbol 
_atom_site.label_atom_id 
_atom_site.label_alt_id 
_atom_site.label_comp_id 
_atom_site.label_asym_id 
_atom_site.label_entity_id 
_atom_site.label_seq_id 
_atom_site.pdbx_PDB_ins_code 
_atom_site.Cartn_x 
_atom_site.Cartn_y 
_atom_site.Cartn_z 
_atom_site.occupancy 
_atom_site.B_iso_or_equiv 
_atom_site.pdbx_formal_charge 
_atom_site.auth_seq_id 
_atom_site.auth_comp_id 
_atom_site.auth_asym_id 
_atom_site.auth_atom_id 
_atom_site.pdbx_PDB_model_num 
ATOM   1    N N   . THR A 1 1   ? -5.107  10.179  18.803  1.00 21.96 ? 1   THR A N   1 
ATOM   2    C CA  . THR A 1 1   ? -5.683  8.803   18.792  1.00 21.01 ? 1   THR A CA  1 
ATOM   3    C C   . THR A 1 1   ? -6.029  8.364   17.368  1.00 19.83 ? 1   THR A C   1 
ATOM   4    O O   . THR A 1 1   ? -6.919  8.932   16.730  1.00 18.62 ? 1   THR A O   1 
ATOM   5    C CB  . THR A 1 1   ? -6.958  8.739   19.655  1.00 23.18 ? 1   THR A CB  1 
ATOM   6    O OG1 . THR A 1 1   ? -6.653  9.163   20.986  1.00 25.39 ? 1   THR A OG1 1 
ATOM   7    C CG2 . THR A 1 1   ? -7.517  7.319   19.698  1.00 22.98 ? 1   THR A CG2 1 
ATOM   8    N N   . VAL A 1 2   ? -5.320  7.360   16.867  1.00 18.60 ? 2   VAL A N   1 
ATOM   9    C CA  . VAL A 1 2   ? -5.587  6.860   15.524  1.00 19.65 ? 2   VAL A CA  1 
ATOM   10   C C   . VAL A 1 2   ? -6.614  5.741   15.639  1.00 20.95 ? 2   VAL A C   1 
ATOM   11   O O   . VAL A 1 2   ? -6.341  4.695   16.231  1.00 21.08 ? 2   VAL A O   1 
ATOM   12   C CB  . VAL A 1 2   ? -4.310  6.309   14.851  1.00 19.04 ? 2   VAL A CB  1 
ATOM   13   C CG1 . VAL A 1 2   ? -4.634  5.813   13.450  1.00 17.91 ? 2   VAL A CG1 1 
ATOM   14   C CG2 . VAL A 1 2   ? -3.239  7.397   14.797  1.00 17.83 ? 2   VAL A CG2 1 
ATOM   15   N N   . GLU A 1 3   ? -7.802  5.970   15.087  1.00 20.06 ? 3   GLU A N   1 
ATOM   16   C CA  . GLU A 1 3   ? -8.865  4.975   15.144  1.00 19.10 ? 3   GLU A CA  1 
ATOM   17   C C   . GLU A 1 3   ? -8.854  4.021   13.957  1.00 17.78 ? 3   GLU A C   1 
ATOM   18   O O   . GLU A 1 3   ? -9.244  2.864   14.084  1.00 19.09 ? 3   GLU A O   1 
ATOM   19   C CB  . GLU A 1 3   ? -10.226 5.673   15.242  1.00 19.97 ? 3   GLU A CB  1 
ATOM   20   C CG  . GLU A 1 3   ? -10.682 5.907   16.671  1.00 22.00 ? 3   GLU A CG  1 
ATOM   21   C CD  . GLU A 1 3   ? -11.117 7.336   16.940  1.00 25.92 ? 3   GLU A CD  1 
ATOM   22   O OE1 . GLU A 1 3   ? -11.835 7.544   17.943  1.00 26.76 ? 3   GLU A OE1 1 
ATOM   23   O OE2 . GLU A 1 3   ? -10.735 8.246   16.167  1.00 25.28 ? 3   GLU A OE2 1 
ATOM   24   N N   . SER A 1 4   ? -8.420  4.516   12.803  1.00 16.06 ? 4   SER A N   1 
ATOM   25   C CA  . SER A 1 4   ? -8.352  3.719   11.582  1.00 15.42 ? 4   SER A CA  1 
ATOM   26   C C   . SER A 1 4   ? -7.075  4.151   10.871  1.00 16.00 ? 4   SER A C   1 
ATOM   27   O O   . SER A 1 4   ? -6.901  5.336   10.568  1.00 14.96 ? 4   SER A O   1 
ATOM   28   C CB  . SER A 1 4   ? -9.577  3.993   10.698  1.00 16.32 ? 4   SER A CB  1 
ATOM   29   O OG  . SER A 1 4   ? -9.555  3.194   9.526   1.00 16.73 ? 4   SER A OG  1 
ATOM   30   N N   . ASN A 1 5   ? -6.176  3.203   10.619  1.00 14.26 ? 5   ASN A N   1 
ATOM   31   C CA  . ASN A 1 5   ? -4.919  3.546   9.977   1.00 17.27 ? 5   ASN A CA  1 
ATOM   32   C C   . ASN A 1 5   ? -4.845  3.205   8.493   1.00 17.66 ? 5   ASN A C   1 
ATOM   33   O O   . ASN A 1 5   ? -3.851  3.514   7.834   1.00 18.42 ? 5   ASN A O   1 
ATOM   34   C CB  . ASN A 1 5   ? -3.746  2.903   10.733  1.00 19.37 ? 5   ASN A CB  1 
ATOM   35   C CG  . ASN A 1 5   ? -3.638  1.407   10.498  1.00 22.46 ? 5   ASN A CG  1 
ATOM   36   O OD1 . ASN A 1 5   ? -4.599  0.658   10.688  1.00 23.21 ? 5   ASN A OD1 1 
ATOM   37   N ND2 . ASN A 1 5   ? -2.456  0.963   10.090  1.00 25.37 ? 5   ASN A ND2 1 
ATOM   38   N N   . TRP A 1 6   ? -5.889  2.575   7.966   1.00 15.25 ? 6   TRP A N   1 
ATOM   39   C CA  . TRP A 1 6   ? -5.926  2.236   6.541   1.00 16.30 ? 6   TRP A CA  1 
ATOM   40   C C   . TRP A 1 6   ? -6.976  3.055   5.804   1.00 14.01 ? 6   TRP A C   1 
ATOM   41   O O   . TRP A 1 6   ? -8.088  3.254   6.292   1.00 15.00 ? 6   TRP A O   1 
ATOM   42   C CB  . TRP A 1 6   ? -6.269  0.759   6.319   1.00 15.81 ? 6   TRP A CB  1 
ATOM   43   C CG  . TRP A 1 6   ? -5.151  -0.212  6.473   1.00 19.11 ? 6   TRP A CG  1 
ATOM   44   C CD1 . TRP A 1 6   ? -4.019  -0.060  7.221   1.00 18.72 ? 6   TRP A CD1 1 
ATOM   45   C CD2 . TRP A 1 6   ? -5.113  -1.547  5.952   1.00 17.72 ? 6   TRP A CD2 1 
ATOM   46   N NE1 . TRP A 1 6   ? -3.284  -1.223  7.205   1.00 20.10 ? 6   TRP A NE1 1 
ATOM   47   C CE2 . TRP A 1 6   ? -3.933  -2.151  6.435   1.00 19.02 ? 6   TRP A CE2 1 
ATOM   48   C CE3 . TRP A 1 6   ? -5.968  -2.294  5.128   1.00 19.03 ? 6   TRP A CE3 1 
ATOM   49   C CZ2 . TRP A 1 6   ? -3.583  -3.473  6.123   1.00 17.81 ? 6   TRP A CZ2 1 
ATOM   50   C CZ3 . TRP A 1 6   ? -5.618  -3.611  4.816   1.00 19.88 ? 6   TRP A CZ3 1 
ATOM   51   C CH2 . TRP A 1 6   ? -4.434  -4.183  5.316   1.00 17.36 ? 6   TRP A CH2 1 
ATOM   52   N N   . GLY A 1 7   ? -6.614  3.507   4.614   1.00 13.40 ? 7   GLY A N   1 
ATOM   53   C CA  . GLY A 1 7   ? -7.530  4.254   3.780   1.00 13.93 ? 7   GLY A CA  1 
ATOM   54   C C   . GLY A 1 7   ? -7.418  3.658   2.387   1.00 14.89 ? 7   GLY A C   1 
ATOM   55   O O   . GLY A 1 7   ? -6.310  3.394   1.914   1.00 13.08 ? 7   GLY A O   1 
ATOM   56   N N   . GLY A 1 8   ? -8.540  3.416   1.723   1.00 14.17 ? 8   GLY A N   1 
ATOM   57   C CA  . GLY A 1 8   ? -8.452  2.858   0.388   1.00 13.21 ? 8   GLY A CA  1 
ATOM   58   C C   . GLY A 1 8   ? -9.512  1.835   0.040   1.00 15.89 ? 8   GLY A C   1 
ATOM   59   O O   . GLY A 1 8   ? -10.615 1.843   0.594   1.00 14.52 ? 8   GLY A O   1 
ATOM   60   N N   . ALA A 1 9   ? -9.172  0.944   -0.885  1.00 16.17 ? 9   ALA A N   1 
ATOM   61   C CA  . ALA A 1 9   ? -10.104 -0.078  -1.340  1.00 16.32 ? 9   ALA A CA  1 
ATOM   62   C C   . ALA A 1 9   ? -9.596  -1.480  -1.040  1.00 16.32 ? 9   ALA A C   1 
ATOM   63   O O   . ALA A 1 9   ? -8.416  -1.789  -1.241  1.00 16.28 ? 9   ALA A O   1 
ATOM   64   C CB  . ALA A 1 9   ? -10.365 0.089   -2.843  1.00 14.34 ? 9   ALA A CB  1 
ATOM   65   N N   . ILE A 1 10  ? -10.501 -2.322  -0.552  1.00 15.42 ? 10  ILE A N   1 
ATOM   66   C CA  . ILE A 1 10  ? -10.175 -3.693  -0.198  1.00 17.58 ? 10  ILE A CA  1 
ATOM   67   C C   . ILE A 1 10  ? -11.133 -4.666  -0.874  1.00 19.19 ? 10  ILE A C   1 
ATOM   68   O O   . ILE A 1 10  ? -12.342 -4.587  -0.674  1.00 19.36 ? 10  ILE A O   1 
ATOM   69   C CB  . ILE A 1 10  ? -10.298 -3.922  1.315   1.00 15.62 ? 10  ILE A CB  1 
ATOM   70   C CG1 . ILE A 1 10  ? -9.444  -2.910  2.079   1.00 14.88 ? 10  ILE A CG1 1 
ATOM   71   C CG2 . ILE A 1 10  ? -9.885  -5.346  1.652   1.00 17.56 ? 10  ILE A CG2 1 
ATOM   72   C CD1 . ILE A 1 10  ? -9.674  -2.951  3.585   1.00 14.62 ? 10  ILE A CD1 1 
ATOM   73   N N   . LEU A 1 11  ? -10.589 -5.580  -1.669  1.00 20.85 ? 11  LEU A N   1 
ATOM   74   C CA  . LEU A 1 11  ? -11.397 -6.591  -2.342  1.00 23.25 ? 11  LEU A CA  1 
ATOM   75   C C   . LEU A 1 11  ? -11.265 -7.892  -1.572  1.00 24.78 ? 11  LEU A C   1 
ATOM   76   O O   . LEU A 1 11  ? -10.172 -8.256  -1.136  1.00 24.18 ? 11  LEU A O   1 
ATOM   77   C CB  . LEU A 1 11  ? -10.916 -6.818  -3.773  1.00 23.14 ? 11  LEU A CB  1 
ATOM   78   C CG  . LEU A 1 11  ? -11.245 -5.754  -4.814  1.00 25.00 ? 11  LEU A CG  1 
ATOM   79   C CD1 . LEU A 1 11  ? -10.538 -6.090  -6.118  1.00 27.37 ? 11  LEU A CD1 1 
ATOM   80   C CD2 . LEU A 1 11  ? -12.746 -5.692  -5.022  1.00 24.83 ? 11  LEU A CD2 1 
ATOM   81   N N   . ILE A 1 12  ? -12.378 -8.590  -1.393  1.00 26.23 ? 12  ILE A N   1 
ATOM   82   C CA  . ILE A 1 12  ? -12.349 -9.862  -0.689  1.00 28.04 ? 12  ILE A CA  1 
ATOM   83   C C   . ILE A 1 12  ? -12.787 -10.961 -1.643  1.00 28.59 ? 12  ILE A C   1 
ATOM   84   O O   . ILE A 1 12  ? -13.786 -10.823 -2.346  1.00 29.73 ? 12  ILE A O   1 
ATOM   85   C CB  . ILE A 1 12  ? -13.259 -9.838  0.561   1.00 28.93 ? 12  ILE A CB  1 
ATOM   86   C CG1 . ILE A 1 12  ? -12.683 -8.858  1.588   1.00 29.47 ? 12  ILE A CG1 1 
ATOM   87   C CG2 . ILE A 1 12  ? -13.362 -11.238 1.168   1.00 28.35 ? 12  ILE A CG2 1 
ATOM   88   C CD1 . ILE A 1 12  ? -13.355 -8.898  2.946   1.00 30.80 ? 12  ILE A CD1 1 
ATOM   89   N N   . GLY A 1 13  ? -12.018 -12.043 -1.684  1.00 29.23 ? 13  GLY A N   1 
ATOM   90   C CA  . GLY A 1 13  ? -12.351 -13.139 -2.573  1.00 27.58 ? 13  GLY A CA  1 
ATOM   91   C C   . GLY A 1 13  ? -11.465 -14.342 -2.340  1.00 27.33 ? 13  GLY A C   1 
ATOM   92   O O   . GLY A 1 13  ? -11.166 -14.687 -1.196  1.00 27.08 ? 13  GLY A O   1 
ATOM   93   N N   . SER A 1 14  ? -11.040 -14.983 -3.426  1.00 27.90 ? 14  SER A N   1 
ATOM   94   C CA  . SER A 1 14  ? -10.180 -16.153 -3.322  1.00 29.34 ? 14  SER A CA  1 
ATOM   95   C C   . SER A 1 14  ? -9.275  -16.326 -4.540  1.00 29.93 ? 14  SER A C   1 
ATOM   96   O O   . SER A 1 14  ? -9.559  -15.819 -5.633  1.00 29.34 ? 14  SER A O   1 
ATOM   97   C CB  . SER A 1 14  ? -11.033 -17.413 -3.116  1.00 29.38 ? 14  SER A CB  1 
ATOM   98   O OG  . SER A 1 14  ? -12.011 -17.546 -4.132  1.00 28.06 ? 14  SER A OG  1 
ATOM   99   N N   . ASP A 1 15  ? -8.173  -17.038 -4.328  1.00 30.74 ? 15  ASP A N   1 
ATOM   100  C CA  . ASP A 1 15  ? -7.190  -17.309 -5.371  1.00 31.83 ? 15  ASP A CA  1 
ATOM   101  C C   . ASP A 1 15  ? -6.663  -16.069 -6.078  1.00 31.50 ? 15  ASP A C   1 
ATOM   102  O O   . ASP A 1 15  ? -6.463  -16.077 -7.294  1.00 30.94 ? 15  ASP A O   1 
ATOM   103  C CB  . ASP A 1 15  ? -7.763  -18.274 -6.410  1.00 34.47 ? 15  ASP A CB  1 
ATOM   104  C CG  . ASP A 1 15  ? -8.137  -19.615 -5.812  1.00 37.83 ? 15  ASP A CG  1 
ATOM   105  O OD1 . ASP A 1 15  ? -7.464  -20.045 -4.846  1.00 38.78 ? 15  ASP A OD1 1 
ATOM   106  O OD2 . ASP A 1 15  ? -9.093  -20.244 -6.317  1.00 40.58 ? 15  ASP A OD2 1 
ATOM   107  N N   . PHE A 1 16  ? -6.441  -15.003 -5.317  1.00 31.00 ? 16  PHE A N   1 
ATOM   108  C CA  . PHE A 1 16  ? -5.913  -13.770 -5.888  1.00 30.28 ? 16  PHE A CA  1 
ATOM   109  C C   . PHE A 1 16  ? -4.497  -14.047 -6.387  1.00 30.55 ? 16  PHE A C   1 
ATOM   110  O O   . PHE A 1 16  ? -3.698  -14.673 -5.691  1.00 29.88 ? 16  PHE A O   1 
ATOM   111  C CB  . PHE A 1 16  ? -5.896  -12.667 -4.827  1.00 30.42 ? 16  PHE A CB  1 
ATOM   112  C CG  . PHE A 1 16  ? -7.248  -12.067 -4.554  1.00 28.89 ? 16  PHE A CG  1 
ATOM   113  C CD1 . PHE A 1 16  ? -7.675  -11.851 -3.253  1.00 28.90 ? 16  PHE A CD1 1 
ATOM   114  C CD2 . PHE A 1 16  ? -8.086  -11.700 -5.602  1.00 30.05 ? 16  PHE A CD2 1 
ATOM   115  C CE1 . PHE A 1 16  ? -8.920  -11.275 -2.999  1.00 29.84 ? 16  PHE A CE1 1 
ATOM   116  C CE2 . PHE A 1 16  ? -9.331  -11.124 -5.355  1.00 30.22 ? 16  PHE A CE2 1 
ATOM   117  C CZ  . PHE A 1 16  ? -9.748  -10.912 -4.054  1.00 27.92 ? 16  PHE A CZ  1 
ATOM   118  N N   . ASP A 1 17  ? -4.190  -13.588 -7.595  1.00 30.29 ? 17  ASP A N   1 
ATOM   119  C CA  . ASP A 1 17  ? -2.872  -13.812 -8.172  1.00 31.71 ? 17  ASP A CA  1 
ATOM   120  C C   . ASP A 1 17  ? -2.014  -12.560 -8.196  1.00 30.62 ? 17  ASP A C   1 
ATOM   121  O O   . ASP A 1 17  ? -1.007  -12.483 -7.502  1.00 31.52 ? 17  ASP A O   1 
ATOM   122  C CB  . ASP A 1 17  ? -3.005  -14.363 -9.595  1.00 33.73 ? 17  ASP A CB  1 
ATOM   123  C CG  . ASP A 1 17  ? -3.797  -15.650 -9.642  1.00 35.32 ? 17  ASP A CG  1 
ATOM   124  O OD1 . ASP A 1 17  ? -3.424  -16.600 -8.921  1.00 36.01 ? 17  ASP A OD1 1 
ATOM   125  O OD2 . ASP A 1 17  ? -4.794  -15.709 -10.393 1.00 37.54 ? 17  ASP A OD2 1 
ATOM   126  N N   . THR A 1 18  ? -2.416  -11.583 -9.002  1.00 29.21 ? 18  THR A N   1 
ATOM   127  C CA  . THR A 1 18  ? -1.660  -10.348 -9.121  1.00 29.21 ? 18  THR A CA  1 
ATOM   128  C C   . THR A 1 18  ? -2.477  -9.104  -8.792  1.00 28.76 ? 18  THR A C   1 
ATOM   129  O O   . THR A 1 18  ? -3.637  -8.983  -9.186  1.00 30.21 ? 18  THR A O   1 
ATOM   130  C CB  . THR A 1 18  ? -1.100  -10.180 -10.543 1.00 29.79 ? 18  THR A CB  1 
ATOM   131  O OG1 . THR A 1 18  ? -0.329  -11.333 -10.891 1.00 32.27 ? 18  THR A OG1 1 
ATOM   132  C CG2 . THR A 1 18  ? -0.203  -8.945  -10.619 1.00 31.79 ? 18  THR A CG2 1 
ATOM   133  N N   . VAL A 1 19  ? -1.851  -8.186  -8.066  1.00 25.92 ? 19  VAL A N   1 
ATOM   134  C CA  . VAL A 1 19  ? -2.472  -6.922  -7.691  1.00 23.59 ? 19  VAL A CA  1 
ATOM   135  C C   . VAL A 1 19  ? -1.470  -5.855  -8.093  1.00 22.81 ? 19  VAL A C   1 
ATOM   136  O O   . VAL A 1 19  ? -0.330  -5.874  -7.635  1.00 24.14 ? 19  VAL A O   1 
ATOM   137  C CB  . VAL A 1 19  ? -2.701  -6.810  -6.159  1.00 22.63 ? 19  VAL A CB  1 
ATOM   138  C CG1 . VAL A 1 19  ? -3.345  -5.461  -5.830  1.00 20.61 ? 19  VAL A CG1 1 
ATOM   139  C CG2 . VAL A 1 19  ? -3.574  -7.948  -5.667  1.00 19.23 ? 19  VAL A CG2 1 
ATOM   140  N N   . SER A 1 20  ? -1.879  -4.935  -8.953  1.00 20.62 ? 20  SER A N   1 
ATOM   141  C CA  . SER A 1 20  ? -0.972  -3.885  -9.378  1.00 21.46 ? 20  SER A CA  1 
ATOM   142  C C   . SER A 1 20  ? -1.701  -2.601  -9.735  1.00 22.08 ? 20  SER A C   1 
ATOM   143  O O   . SER A 1 20  ? -2.892  -2.608  -10.046 1.00 21.20 ? 20  SER A O   1 
ATOM   144  C CB  . SER A 1 20  ? -0.159  -4.343  -10.589 1.00 21.47 ? 20  SER A CB  1 
ATOM   145  O OG  . SER A 1 20  ? -0.994  -4.482  -11.724 1.00 22.69 ? 20  SER A OG  1 
ATOM   146  N N   . ALA A 1 21  ? -0.960  -1.501  -9.699  1.00 21.36 ? 21  ALA A N   1 
ATOM   147  C CA  . ALA A 1 21  ? -1.492  -0.192  -10.038 1.00 21.87 ? 21  ALA A CA  1 
ATOM   148  C C   . ALA A 1 21  ? -0.329  0.778   -10.116 1.00 21.58 ? 21  ALA A C   1 
ATOM   149  O O   . ALA A 1 21  ? 0.787   0.458   -9.692  1.00 20.90 ? 21  ALA A O   1 
ATOM   150  C CB  . ALA A 1 21  ? -2.491  0.277   -8.972  1.00 22.94 ? 21  ALA A CB  1 
ATOM   151  N N   . THR A 1 22  ? -0.593  1.951   -10.679 1.00 21.29 ? 22  THR A N   1 
ATOM   152  C CA  . THR A 1 22  ? 0.401   3.002   -10.788 1.00 22.48 ? 22  THR A CA  1 
ATOM   153  C C   . THR A 1 22  ? -0.066  4.149   -9.886  1.00 22.60 ? 22  THR A C   1 
ATOM   154  O O   . THR A 1 22  ? -1.231  4.557   -9.933  1.00 22.55 ? 22  THR A O   1 
ATOM   155  C CB  . THR A 1 22  ? 0.535   3.494   -12.242 1.00 25.13 ? 22  THR A CB  1 
ATOM   156  O OG1 . THR A 1 22  ? 1.058   2.434   -13.058 1.00 26.62 ? 22  THR A OG1 1 
ATOM   157  C CG2 . THR A 1 22  ? 1.465   4.695   -12.317 1.00 25.10 ? 22  THR A CG2 1 
ATOM   158  N N   . ALA A 1 23  ? 0.831   4.649   -9.046  1.00 21.14 ? 23  ALA A N   1 
ATOM   159  C CA  . ALA A 1 23  ? 0.487   5.735   -8.140  1.00 20.08 ? 23  ALA A CA  1 
ATOM   160  C C   . ALA A 1 23  ? 1.454   6.893   -8.289  1.00 19.35 ? 23  ALA A C   1 
ATOM   161  O O   . ALA A 1 23  ? 2.639   6.693   -8.545  1.00 20.43 ? 23  ALA A O   1 
ATOM   162  C CB  . ALA A 1 23  ? 0.494   5.239   -6.701  1.00 17.15 ? 23  ALA A CB  1 
ATOM   163  N N   . ASN A 1 24  ? 0.933   8.105   -8.133  1.00 16.85 ? 24  ASN A N   1 
ATOM   164  C CA  . ASN A 1 24  ? 1.743   9.308   -8.226  1.00 16.05 ? 24  ASN A CA  1 
ATOM   165  C C   . ASN A 1 24  ? 2.332   9.614   -6.853  1.00 15.30 ? 24  ASN A C   1 
ATOM   166  O O   . ASN A 1 24  ? 1.714   9.337   -5.825  1.00 16.30 ? 24  ASN A O   1 
ATOM   167  C CB  . ASN A 1 24  ? 0.884   10.482  -8.709  1.00 17.26 ? 24  ASN A CB  1 
ATOM   168  C CG  . ASN A 1 24  ? -0.317  10.739  -7.804  1.00 20.37 ? 24  ASN A CG  1 
ATOM   169  O OD1 . ASN A 1 24  ? -0.336  11.706  -7.036  1.00 20.17 ? 24  ASN A OD1 1 
ATOM   170  N ND2 . ASN A 1 24  ? -1.319  9.866   -7.886  1.00 15.04 ? 24  ASN A ND2 1 
ATOM   171  N N   . VAL A 1 25  ? 3.540   10.164  -6.838  1.00 15.09 ? 25  VAL A N   1 
ATOM   172  C CA  . VAL A 1 25  ? 4.193   10.505  -5.585  1.00 15.97 ? 25  VAL A CA  1 
ATOM   173  C C   . VAL A 1 25  ? 3.788   11.927  -5.220  1.00 16.34 ? 25  VAL A C   1 
ATOM   174  O O   . VAL A 1 25  ? 4.032   12.869  -5.971  1.00 14.80 ? 25  VAL A O   1 
ATOM   175  C CB  . VAL A 1 25  ? 5.725   10.427  -5.709  1.00 15.39 ? 25  VAL A CB  1 
ATOM   176  C CG1 . VAL A 1 25  ? 6.364   10.780  -4.380  1.00 15.06 ? 25  VAL A CG1 1 
ATOM   177  C CG2 . VAL A 1 25  ? 6.139   9.022   -6.148  1.00 16.42 ? 25  VAL A CG2 1 
ATOM   178  N N   . PRO A 1 26  ? 3.156   12.094  -4.054  1.00 16.44 ? 26  PRO A N   1 
ATOM   179  C CA  . PRO A 1 26  ? 2.724   13.424  -3.628  1.00 16.09 ? 26  PRO A CA  1 
ATOM   180  C C   . PRO A 1 26  ? 3.784   14.224  -2.887  1.00 17.24 ? 26  PRO A C   1 
ATOM   181  O O   . PRO A 1 26  ? 4.867   13.726  -2.566  1.00 16.73 ? 26  PRO A O   1 
ATOM   182  C CB  . PRO A 1 26  ? 1.548   13.115  -2.717  1.00 14.44 ? 26  PRO A CB  1 
ATOM   183  C CG  . PRO A 1 26  ? 2.066   11.889  -1.983  1.00 15.81 ? 26  PRO A CG  1 
ATOM   184  C CD  . PRO A 1 26  ? 2.679   11.058  -3.116  1.00 15.38 ? 26  PRO A CD  1 
ATOM   185  N N   . SER A 1 27  ? 3.437   15.476  -2.621  1.00 17.08 ? 27  SER A N   1 
ATOM   186  C CA  . SER A 1 27  ? 4.273   16.379  -1.856  1.00 17.99 ? 27  SER A CA  1 
ATOM   187  C C   . SER A 1 27  ? 3.756   16.184  -0.428  1.00 16.92 ? 27  SER A C   1 
ATOM   188  O O   . SER A 1 27  ? 2.555   16.023  -0.223  1.00 16.13 ? 27  SER A O   1 
ATOM   189  C CB  . SER A 1 27  ? 4.033   17.818  -2.317  1.00 20.08 ? 27  SER A CB  1 
ATOM   190  O OG  . SER A 1 27  ? 4.649   18.741  -1.443  1.00 26.46 ? 27  SER A OG  1 
ATOM   191  N N   . ALA A 1 28  ? 4.646   16.182  0.557   1.00 17.31 ? 28  ALA A N   1 
ATOM   192  C CA  . ALA A 1 28  ? 4.218   15.988  1.935   1.00 18.33 ? 28  ALA A CA  1 
ATOM   193  C C   . ALA A 1 28  ? 4.692   17.100  2.850   1.00 19.57 ? 28  ALA A C   1 
ATOM   194  O O   . ALA A 1 28  ? 5.686   17.773  2.575   1.00 20.86 ? 28  ALA A O   1 
ATOM   195  C CB  . ALA A 1 28  ? 4.720   14.644  2.461   1.00 15.22 ? 28  ALA A CB  1 
ATOM   196  N N   . SER A 1 29  ? 3.975   17.284  3.947   1.00 20.35 ? 29  SER A N   1 
ATOM   197  C CA  . SER A 1 29  ? 4.336   18.307  4.905   1.00 22.52 ? 29  SER A CA  1 
ATOM   198  C C   . SER A 1 29  ? 3.915   17.882  6.303   1.00 22.45 ? 29  SER A C   1 
ATOM   199  O O   . SER A 1 29  ? 3.244   16.863  6.467   1.00 20.39 ? 29  SER A O   1 
ATOM   200  C CB  . SER A 1 29  ? 3.669   19.630  4.533   1.00 22.26 ? 29  SER A CB  1 
ATOM   201  O OG  . SER A 1 29  ? 4.218   20.679  5.309   1.00 25.67 ? 29  SER A OG  1 
ATOM   202  N N   . GLY A 1 30  ? 4.321   18.663  7.303   1.00 24.33 ? 30  GLY A N   1 
ATOM   203  C CA  . GLY A 1 30  ? 3.982   18.363  8.683   1.00 24.92 ? 30  GLY A CA  1 
ATOM   204  C C   . GLY A 1 30  ? 5.196   18.097  9.561   1.00 26.85 ? 30  GLY A C   1 
ATOM   205  O O   . GLY A 1 30  ? 5.060   17.803  10.744  1.00 28.34 ? 30  GLY A O   1 
ATOM   206  N N   . GLY A 1 31  ? 6.387   18.201  8.988   1.00 29.85 ? 31  GLY A N   1 
ATOM   207  C CA  . GLY A 1 31  ? 7.593   17.957  9.762   1.00 31.89 ? 31  GLY A CA  1 
ATOM   208  C C   . GLY A 1 31  ? 8.252   16.645  9.389   1.00 32.07 ? 31  GLY A C   1 
ATOM   209  O O   . GLY A 1 31  ? 7.625   15.786  8.767   1.00 30.64 ? 31  GLY A O   1 
ATOM   210  N N   . SER A 1 32  ? 9.516   16.484  9.775   1.00 31.78 ? 32  SER A N   1 
ATOM   211  C CA  . SER A 1 32  ? 10.266  15.269  9.463   1.00 31.88 ? 32  SER A CA  1 
ATOM   212  C C   . SER A 1 32  ? 9.685   14.001  10.090  1.00 30.84 ? 32  SER A C   1 
ATOM   213  O O   . SER A 1 32  ? 9.863   12.907  9.555   1.00 31.77 ? 32  SER A O   1 
ATOM   214  C CB  . SER A 1 32  ? 11.728  15.433  9.889   1.00 33.09 ? 32  SER A CB  1 
ATOM   215  O OG  . SER A 1 32  ? 11.823  15.794  11.255  1.00 37.37 ? 32  SER A OG  1 
ATOM   216  N N   . SER A 1 33  ? 8.992   14.142  11.217  1.00 29.08 ? 33  SER A N   1 
ATOM   217  C CA  . SER A 1 33  ? 8.392   12.988  11.885  1.00 29.19 ? 33  SER A CA  1 
ATOM   218  C C   . SER A 1 33  ? 7.030   12.582  11.322  1.00 26.83 ? 33  SER A C   1 
ATOM   219  O O   . SER A 1 33  ? 6.518   11.513  11.651  1.00 28.87 ? 33  SER A O   1 
ATOM   220  C CB  . SER A 1 33  ? 8.250   13.246  13.388  1.00 29.95 ? 33  SER A CB  1 
ATOM   221  O OG  . SER A 1 33  ? 9.511   13.208  14.024  1.00 33.10 ? 33  SER A OG  1 
ATOM   222  N N   . ALA A 1 34  ? 6.436   13.432  10.492  1.00 22.82 ? 34  ALA A N   1 
ATOM   223  C CA  . ALA A 1 34  ? 5.138   13.121  9.900   1.00 19.32 ? 34  ALA A CA  1 
ATOM   224  C C   . ALA A 1 34  ? 5.359   12.288  8.637   1.00 18.27 ? 34  ALA A C   1 
ATOM   225  O O   . ALA A 1 34  ? 6.274   12.556  7.856   1.00 16.93 ? 34  ALA A O   1 
ATOM   226  C CB  . ALA A 1 34  ? 4.389   14.410  9.563   1.00 19.15 ? 34  ALA A CB  1 
ATOM   227  N N   . ALA A 1 35  ? 4.527   11.275  8.436   1.00 16.11 ? 35  ALA A N   1 
ATOM   228  C CA  . ALA A 1 35  ? 4.680   10.425  7.265   1.00 17.22 ? 35  ALA A CA  1 
ATOM   229  C C   . ALA A 1 35  ? 3.366   9.807   6.798   1.00 16.14 ? 35  ALA A C   1 
ATOM   230  O O   . ALA A 1 35  ? 2.314   10.014  7.394   1.00 16.40 ? 35  ALA A O   1 
ATOM   231  C CB  . ALA A 1 35  ? 5.705   9.313   7.553   1.00 13.71 ? 35  ALA A CB  1 
ATOM   232  N N   . GLY A 1 36  ? 3.459   9.049   5.715   1.00 14.76 ? 36  GLY A N   1 
ATOM   233  C CA  . GLY A 1 36  ? 2.314   8.370   5.145   1.00 15.14 ? 36  GLY A CA  1 
ATOM   234  C C   . GLY A 1 36  ? 2.865   7.386   4.128   1.00 15.05 ? 36  GLY A C   1 
ATOM   235  O O   . GLY A 1 36  ? 4.020   7.507   3.721   1.00 15.51 ? 36  GLY A O   1 
ATOM   236  N N   . THR A 1 37  ? 2.069   6.405   3.721   1.00 14.47 ? 37  THR A N   1 
ATOM   237  C CA  . THR A 1 37  ? 2.543   5.438   2.744   1.00 13.35 ? 37  THR A CA  1 
ATOM   238  C C   . THR A 1 37  ? 1.435   5.001   1.802   1.00 12.17 ? 37  THR A C   1 
ATOM   239  O O   . THR A 1 37  ? 0.255   5.017   2.154   1.00 14.48 ? 37  THR A O   1 
ATOM   240  C CB  . THR A 1 37  ? 3.140   4.182   3.441   1.00 14.55 ? 37  THR A CB  1 
ATOM   241  O OG1 . THR A 1 37  ? 3.614   3.257   2.452   1.00 13.87 ? 37  THR A OG1 1 
ATOM   242  C CG2 . THR A 1 37  ? 2.088   3.499   4.303   1.00 12.67 ? 37  THR A CG2 1 
ATOM   243  N N   . ALA A 1 38  ? 1.819   4.633   0.589   1.00 12.52 ? 38  ALA A N   1 
ATOM   244  C CA  . ALA A 1 38  ? 0.869   4.154   -0.406  1.00 13.04 ? 38  ALA A CA  1 
ATOM   245  C C   . ALA A 1 38  ? 1.407   2.809   -0.870  1.00 12.88 ? 38  ALA A C   1 
ATOM   246  O O   . ALA A 1 38  ? 2.585   2.702   -1.219  1.00 13.76 ? 38  ALA A O   1 
ATOM   247  C CB  . ALA A 1 38  ? 0.781   5.131   -1.584  1.00 9.29  ? 38  ALA A CB  1 
ATOM   248  N N   . TRP A 1 39  ? 0.556   1.789   -0.868  1.00 12.85 ? 39  TRP A N   1 
ATOM   249  C CA  . TRP A 1 39  ? 0.976   0.457   -1.283  1.00 12.78 ? 39  TRP A CA  1 
ATOM   250  C C   . TRP A 1 39  ? -0.153  -0.421  -1.811  1.00 16.23 ? 39  TRP A C   1 
ATOM   251  O O   . TRP A 1 39  ? -1.335  -0.129  -1.612  1.00 15.84 ? 39  TRP A O   1 
ATOM   252  C CB  . TRP A 1 39  ? 1.653   -0.275  -0.113  1.00 12.03 ? 39  TRP A CB  1 
ATOM   253  C CG  . TRP A 1 39  ? 0.831   -0.372  1.163   1.00 11.76 ? 39  TRP A CG  1 
ATOM   254  C CD1 . TRP A 1 39  ? 0.837   0.506   2.209   1.00 12.41 ? 39  TRP A CD1 1 
ATOM   255  C CD2 . TRP A 1 39  ? -0.076  -1.429  1.537   1.00 12.45 ? 39  TRP A CD2 1 
ATOM   256  N NE1 . TRP A 1 39  ? 0.004   0.063   3.209   1.00 12.16 ? 39  TRP A NE1 1 
ATOM   257  C CE2 . TRP A 1 39  ? -0.570  -1.119  2.822   1.00 10.35 ? 39  TRP A CE2 1 
ATOM   258  C CE3 . TRP A 1 39  ? -0.513  -2.605  0.908   1.00 12.80 ? 39  TRP A CE3 1 
ATOM   259  C CZ2 . TRP A 1 39  ? -1.481  -1.942  3.496   1.00 12.41 ? 39  TRP A CZ2 1 
ATOM   260  C CZ3 . TRP A 1 39  ? -1.420  -3.426  1.578   1.00 12.71 ? 39  TRP A CZ3 1 
ATOM   261  C CH2 . TRP A 1 39  ? -1.893  -3.088  2.863   1.00 13.47 ? 39  TRP A CH2 1 
ATOM   262  N N   . VAL A 1 40  ? 0.228   -1.495  -2.503  1.00 17.11 ? 40  VAL A N   1 
ATOM   263  C CA  . VAL A 1 40  ? -0.729  -2.465  -3.021  1.00 17.07 ? 40  VAL A CA  1 
ATOM   264  C C   . VAL A 1 40  ? -0.337  -3.780  -2.361  1.00 18.41 ? 40  VAL A C   1 
ATOM   265  O O   . VAL A 1 40  ? 0.830   -3.982  -2.024  1.00 17.47 ? 40  VAL A O   1 
ATOM   266  C CB  . VAL A 1 40  ? -0.638  -2.634  -4.552  1.00 19.29 ? 40  VAL A CB  1 
ATOM   267  C CG1 . VAL A 1 40  ? -0.782  -1.273  -5.238  1.00 18.56 ? 40  VAL A CG1 1 
ATOM   268  C CG2 . VAL A 1 40  ? 0.680   -3.320  -4.934  1.00 18.48 ? 40  VAL A CG2 1 
ATOM   269  N N   . GLY A 1 41  ? -1.298  -4.672  -2.161  1.00 16.43 ? 41  GLY A N   1 
ATOM   270  C CA  . GLY A 1 41  ? -0.962  -5.926  -1.526  1.00 17.48 ? 41  GLY A CA  1 
ATOM   271  C C   . GLY A 1 41  ? -2.043  -6.985  -1.524  1.00 19.12 ? 41  GLY A C   1 
ATOM   272  O O   . GLY A 1 41  ? -3.167  -6.791  -2.012  1.00 17.74 ? 41  GLY A O   1 
ATOM   273  N N   . ILE A 1 42  ? -1.678  -8.131  -0.967  1.00 19.09 ? 42  ILE A N   1 
ATOM   274  C CA  . ILE A 1 42  ? -2.582  -9.258  -0.863  1.00 17.70 ? 42  ILE A CA  1 
ATOM   275  C C   . ILE A 1 42  ? -2.648  -9.677  0.596   1.00 18.62 ? 42  ILE A C   1 
ATOM   276  O O   . ILE A 1 42  ? -1.626  -9.754  1.285   1.00 17.92 ? 42  ILE A O   1 
ATOM   277  C CB  . ILE A 1 42  ? -2.097  -10.432 -1.750  1.00 17.17 ? 42  ILE A CB  1 
ATOM   278  C CG1 . ILE A 1 42  ? -2.170  -10.010 -3.219  1.00 16.03 ? 42  ILE A CG1 1 
ATOM   279  C CG2 . ILE A 1 42  ? -2.932  -11.675 -1.493  1.00 15.62 ? 42  ILE A CG2 1 
ATOM   280  C CD1 . ILE A 1 42  ? -1.631  -11.034 -4.206  1.00 18.35 ? 42  ILE A CD1 1 
ATOM   281  N N   . ASP A 1 43  ? -3.873  -9.903  1.063   1.00 18.64 ? 43  ASP A N   1 
ATOM   282  C CA  . ASP A 1 43  ? -4.136  -10.319 2.430   1.00 19.09 ? 43  ASP A CA  1 
ATOM   283  C C   . ASP A 1 43  ? -3.821  -9.245  3.462   1.00 19.37 ? 43  ASP A C   1 
ATOM   284  O O   . ASP A 1 43  ? -3.453  -8.120  3.119   1.00 19.34 ? 43  ASP A O   1 
ATOM   285  C CB  . ASP A 1 43  ? -3.381  -11.624 2.723   1.00 20.26 ? 43  ASP A CB  1 
ATOM   286  C CG  . ASP A 1 43  ? -3.883  -12.784 1.864   1.00 23.12 ? 43  ASP A CG  1 
ATOM   287  O OD1 . ASP A 1 43  ? -3.127  -13.759 1.658   1.00 24.19 ? 43  ASP A OD1 1 
ATOM   288  O OD2 . ASP A 1 43  ? -5.043  -12.721 1.392   1.00 22.60 ? 43  ASP A OD2 1 
ATOM   289  N N   . GLY A 1 44  ? -3.994  -9.590  4.732   1.00 20.16 ? 44  GLY A N   1 
ATOM   290  C CA  . GLY A 1 44  ? -3.745  -8.635  5.793   1.00 21.42 ? 44  GLY A CA  1 
ATOM   291  C C   . GLY A 1 44  ? -5.037  -8.120  6.404   1.00 22.44 ? 44  GLY A C   1 
ATOM   292  O O   . GLY A 1 44  ? -5.015  -7.494  7.462   1.00 22.50 ? 44  GLY A O   1 
ATOM   293  N N   . ASP A 1 45  ? -6.163  -8.372  5.738   1.00 23.61 ? 45  ASP A N   1 
ATOM   294  C CA  . ASP A 1 45  ? -7.467  -7.936  6.242   1.00 24.25 ? 45  ASP A CA  1 
ATOM   295  C C   . ASP A 1 45  ? -8.152  -9.096  6.968   1.00 24.97 ? 45  ASP A C   1 
ATOM   296  O O   . ASP A 1 45  ? -7.946  -9.281  8.166   1.00 26.04 ? 45  ASP A O   1 
ATOM   297  C CB  . ASP A 1 45  ? -8.357  -7.452  5.100   1.00 23.35 ? 45  ASP A CB  1 
ATOM   298  C CG  . ASP A 1 45  ? -9.661  -6.856  5.599   1.00 23.72 ? 45  ASP A CG  1 
ATOM   299  O OD1 . ASP A 1 45  ? -10.596 -6.708  4.791   1.00 27.20 ? 45  ASP A OD1 1 
ATOM   300  O OD2 . ASP A 1 45  ? -9.752  -6.531  6.799   1.00 25.72 ? 45  ASP A OD2 1 
ATOM   301  N N   . THR A 1 46  ? -8.966  -9.876  6.256   1.00 24.40 ? 46  THR A N   1 
ATOM   302  C CA  . THR A 1 46  ? -9.624  -11.020 6.885   1.00 27.12 ? 46  THR A CA  1 
ATOM   303  C C   . THR A 1 46  ? -8.603  -12.141 7.056   1.00 27.82 ? 46  THR A C   1 
ATOM   304  O O   . THR A 1 46  ? -8.775  -13.034 7.883   1.00 27.92 ? 46  THR A O   1 
ATOM   305  C CB  . THR A 1 46  ? -10.806 -11.542 6.052   1.00 25.47 ? 46  THR A CB  1 
ATOM   306  O OG1 . THR A 1 46  ? -10.351 -11.908 4.746   1.00 25.77 ? 46  THR A OG1 1 
ATOM   307  C CG2 . THR A 1 46  ? -11.885 -10.471 5.941   1.00 28.55 ? 46  THR A CG2 1 
ATOM   308  N N   . CYS A 1 47  ? -7.542  -12.083 6.260   1.00 29.59 ? 47  CYS A N   1 
ATOM   309  C CA  . CYS A 1 47  ? -6.463  -13.061 6.328   1.00 30.49 ? 47  CYS A CA  1 
ATOM   310  C C   . CYS A 1 47  ? -5.370  -12.409 7.146   1.00 32.17 ? 47  CYS A C   1 
ATOM   311  O O   . CYS A 1 47  ? -4.640  -11.551 6.648   1.00 33.14 ? 47  CYS A O   1 
ATOM   312  C CB  . CYS A 1 47  ? -5.938  -13.362 4.935   1.00 29.52 ? 47  CYS A CB  1 
ATOM   313  S SG  . CYS A 1 47  ? -4.455  -14.415 4.869   1.00 27.78 ? 47  CYS A SG  1 
ATOM   314  N N   . GLN A 1 48  ? -5.249  -12.820 8.399   1.00 32.89 ? 48  GLN A N   1 
ATOM   315  C CA  . GLN A 1 48  ? -4.259  -12.223 9.279   1.00 35.82 ? 48  GLN A CA  1 
ATOM   316  C C   . GLN A 1 48  ? -3.004  -13.050 9.541   1.00 35.22 ? 48  GLN A C   1 
ATOM   317  O O   . GLN A 1 48  ? -2.308  -12.813 10.525  1.00 36.40 ? 48  GLN A O   1 
ATOM   318  C CB  . GLN A 1 48  ? -4.936  -11.858 10.600  1.00 37.84 ? 48  GLN A CB  1 
ATOM   319  C CG  . GLN A 1 48  ? -6.150  -10.974 10.392  1.00 41.60 ? 48  GLN A CG  1 
ATOM   320  C CD  . GLN A 1 48  ? -6.846  -10.600 11.679  1.00 46.40 ? 48  GLN A CD  1 
ATOM   321  O OE1 . GLN A 1 48  ? -7.895  -9.948  11.659  1.00 49.81 ? 48  GLN A OE1 1 
ATOM   322  N NE2 . GLN A 1 48  ? -6.271  -11.004 12.810  1.00 46.65 ? 48  GLN A NE2 1 
ATOM   323  N N   . THR A 1 49  ? -2.704  -14.004 8.664   1.00 33.57 ? 49  THR A N   1 
ATOM   324  C CA  . THR A 1 49  ? -1.519  -14.840 8.846   1.00 32.84 ? 49  THR A CA  1 
ATOM   325  C C   . THR A 1 49  ? -0.311  -14.314 8.072   1.00 32.39 ? 49  THR A C   1 
ATOM   326  O O   . THR A 1 49  ? 0.827   -14.685 8.352   1.00 31.97 ? 49  THR A O   1 
ATOM   327  C CB  . THR A 1 49  ? -1.791  -16.298 8.421   1.00 32.46 ? 49  THR A CB  1 
ATOM   328  O OG1 . THR A 1 49  ? -2.342  -16.325 7.099   1.00 33.56 ? 49  THR A OG1 1 
ATOM   329  C CG2 . THR A 1 49  ? -2.765  -16.956 9.388   1.00 34.07 ? 49  THR A CG2 1 
ATOM   330  N N   . ALA A 1 50  ? -0.564  -13.444 7.102   1.00 30.79 ? 50  ALA A N   1 
ATOM   331  C CA  . ALA A 1 50  ? 0.511   -12.871 6.304   1.00 30.03 ? 50  ALA A CA  1 
ATOM   332  C C   . ALA A 1 50  ? -0.024  -11.768 5.409   1.00 28.39 ? 50  ALA A C   1 
ATOM   333  O O   . ALA A 1 50  ? -1.232  -11.644 5.207   1.00 27.72 ? 50  ALA A O   1 
ATOM   334  C CB  . ALA A 1 50  ? 1.174   -13.952 5.450   1.00 27.79 ? 50  ALA A CB  1 
ATOM   335  N N   . ILE A 1 51  ? 0.889   -10.972 4.869   1.00 27.44 ? 51  ILE A N   1 
ATOM   336  C CA  . ILE A 1 51  ? 0.517   -9.887  3.982   1.00 26.97 ? 51  ILE A CA  1 
ATOM   337  C C   . ILE A 1 51  ? 1.680   -9.658  3.011   1.00 24.91 ? 51  ILE A C   1 
ATOM   338  O O   . ILE A 1 51  ? 2.816   -9.440  3.434   1.00 25.52 ? 51  ILE A O   1 
ATOM   339  C CB  . ILE A 1 51  ? 0.199   -8.603  4.817   1.00 27.49 ? 51  ILE A CB  1 
ATOM   340  C CG1 . ILE A 1 51  ? -0.531  -7.559  3.964   1.00 29.66 ? 51  ILE A CG1 1 
ATOM   341  C CG2 . ILE A 1 51  ? 1.468   -8.058  5.439   1.00 28.77 ? 51  ILE A CG2 1 
ATOM   342  C CD1 . ILE A 1 51  ? 0.208   -7.087  2.741   1.00 31.59 ? 51  ILE A CD1 1 
ATOM   343  N N   . LEU A 1 52  ? 1.397   -9.755  1.713   1.00 23.12 ? 52  LEU A N   1 
ATOM   344  C CA  . LEU A 1 52  ? 2.406   -9.539  0.671   1.00 21.66 ? 52  LEU A CA  1 
ATOM   345  C C   . LEU A 1 52  ? 2.138   -8.119  0.191   1.00 20.66 ? 52  LEU A C   1 
ATOM   346  O O   . LEU A 1 52  ? 1.070   -7.839  -0.358  1.00 17.75 ? 52  LEU A O   1 
ATOM   347  C CB  . LEU A 1 52  ? 2.200   -10.511 -0.498  1.00 21.01 ? 52  LEU A CB  1 
ATOM   348  C CG  . LEU A 1 52  ? 3.412   -10.966 -1.321  1.00 22.05 ? 52  LEU A CG  1 
ATOM   349  C CD1 . LEU A 1 52  ? 2.924   -11.470 -2.670  1.00 21.73 ? 52  LEU A CD1 1 
ATOM   350  C CD2 . LEU A 1 52  ? 4.413   -9.843  -1.511  1.00 22.72 ? 52  LEU A CD2 1 
ATOM   351  N N   . GLN A 1 53  ? 3.100   -7.226  0.376   1.00 20.04 ? 53  GLN A N   1 
ATOM   352  C CA  . GLN A 1 53  ? 2.882   -5.840  -0.007  1.00 19.10 ? 53  GLN A CA  1 
ATOM   353  C C   . GLN A 1 53  ? 4.138   -5.104  -0.440  1.00 19.30 ? 53  GLN A C   1 
ATOM   354  O O   . GLN A 1 53  ? 5.256   -5.488  -0.088  1.00 19.37 ? 53  GLN A O   1 
ATOM   355  C CB  . GLN A 1 53  ? 2.258   -5.099  1.179   1.00 18.48 ? 53  GLN A CB  1 
ATOM   356  C CG  . GLN A 1 53  ? 3.137   -5.171  2.428   1.00 18.85 ? 53  GLN A CG  1 
ATOM   357  C CD  . GLN A 1 53  ? 2.515   -4.539  3.661   1.00 20.19 ? 53  GLN A CD  1 
ATOM   358  O OE1 . GLN A 1 53  ? 1.560   -3.752  3.573   1.00 20.75 ? 53  GLN A OE1 1 
ATOM   359  N NE2 . GLN A 1 53  ? 3.069   -4.868  4.823   1.00 17.36 ? 53  GLN A NE2 1 
ATOM   360  N N   . THR A 1 54  ? 3.937   -4.037  -1.204  1.00 17.62 ? 54  THR A N   1 
ATOM   361  C CA  . THR A 1 54  ? 5.033   -3.200  -1.656  1.00 16.49 ? 54  THR A CA  1 
ATOM   362  C C   . THR A 1 54  ? 4.500   -1.801  -1.948  1.00 16.07 ? 54  THR A C   1 
ATOM   363  O O   . THR A 1 54  ? 3.392   -1.644  -2.469  1.00 15.56 ? 54  THR A O   1 
ATOM   364  C CB  . THR A 1 54  ? 5.699   -3.762  -2.920  1.00 15.76 ? 54  THR A CB  1 
ATOM   365  O OG1 . THR A 1 54  ? 6.909   -3.041  -3.169  1.00 16.47 ? 54  THR A OG1 1 
ATOM   366  C CG2 . THR A 1 54  ? 4.776   -3.623  -4.127  1.00 15.73 ? 54  THR A CG2 1 
ATOM   367  N N   . GLY A 1 55  ? 5.290   -0.790  -1.608  1.00 14.89 ? 55  GLY A N   1 
ATOM   368  C CA  . GLY A 1 55  ? 4.878   0.582   -1.845  1.00 16.66 ? 55  GLY A CA  1 
ATOM   369  C C   . GLY A 1 55  ? 5.974   1.570   -1.487  1.00 17.57 ? 55  GLY A C   1 
ATOM   370  O O   . GLY A 1 55  ? 7.149   1.197   -1.429  1.00 16.50 ? 55  GLY A O   1 
ATOM   371  N N   . PHE A 1 56  ? 5.596   2.825   -1.253  1.00 16.08 ? 56  PHE A N   1 
ATOM   372  C CA  . PHE A 1 56  ? 6.560   3.859   -0.898  1.00 15.60 ? 56  PHE A CA  1 
ATOM   373  C C   . PHE A 1 56  ? 6.052   4.763   0.222   1.00 16.55 ? 56  PHE A C   1 
ATOM   374  O O   . PHE A 1 56  ? 4.851   4.826   0.489   1.00 16.24 ? 56  PHE A O   1 
ATOM   375  C CB  . PHE A 1 56  ? 6.929   4.707   -2.129  1.00 14.83 ? 56  PHE A CB  1 
ATOM   376  C CG  . PHE A 1 56  ? 5.760   5.415   -2.771  1.00 15.90 ? 56  PHE A CG  1 
ATOM   377  C CD1 . PHE A 1 56  ? 4.960   4.764   -3.708  1.00 14.77 ? 56  PHE A CD1 1 
ATOM   378  C CD2 . PHE A 1 56  ? 5.471   6.741   -2.449  1.00 16.17 ? 56  PHE A CD2 1 
ATOM   379  C CE1 . PHE A 1 56  ? 3.887   5.418   -4.321  1.00 15.21 ? 56  PHE A CE1 1 
ATOM   380  C CE2 . PHE A 1 56  ? 4.400   7.411   -3.054  1.00 15.93 ? 56  PHE A CE2 1 
ATOM   381  C CZ  . PHE A 1 56  ? 3.606   6.748   -3.993  1.00 15.57 ? 56  PHE A CZ  1 
ATOM   382  N N   . ASP A 1 57  ? 6.979   5.445   0.888   1.00 18.21 ? 57  ASP A N   1 
ATOM   383  C CA  . ASP A 1 57  ? 6.633   6.355   1.979   1.00 19.79 ? 57  ASP A CA  1 
ATOM   384  C C   . ASP A 1 57  ? 7.027   7.786   1.632   1.00 20.02 ? 57  ASP A C   1 
ATOM   385  O O   . ASP A 1 57  ? 7.917   8.019   0.811   1.00 19.89 ? 57  ASP A O   1 
ATOM   386  C CB  . ASP A 1 57  ? 7.374   5.996   3.272   1.00 21.19 ? 57  ASP A CB  1 
ATOM   387  C CG  . ASP A 1 57  ? 7.231   4.543   3.658   1.00 25.57 ? 57  ASP A CG  1 
ATOM   388  O OD1 . ASP A 1 57  ? 6.121   3.987   3.519   1.00 26.13 ? 57  ASP A OD1 1 
ATOM   389  O OD2 . ASP A 1 57  ? 8.235   3.961   4.126   1.00 25.51 ? 57  ASP A OD2 1 
ATOM   390  N N   . TRP A 1 58  ? 6.360   8.740   2.271   1.00 20.17 ? 58  TRP A N   1 
ATOM   391  C CA  . TRP A 1 58  ? 6.677   10.155  2.100   1.00 20.18 ? 58  TRP A CA  1 
ATOM   392  C C   . TRP A 1 58  ? 6.719   10.727  3.507   1.00 20.25 ? 58  TRP A C   1 
ATOM   393  O O   . TRP A 1 58  ? 5.908   10.355  4.351   1.00 19.50 ? 58  TRP A O   1 
ATOM   394  C CB  . TRP A 1 58  ? 5.622   10.884  1.252   1.00 16.59 ? 58  TRP A CB  1 
ATOM   395  C CG  . TRP A 1 58  ? 4.202   10.723  1.721   1.00 16.88 ? 58  TRP A CG  1 
ATOM   396  C CD1 . TRP A 1 58  ? 3.588   11.384  2.754   1.00 13.54 ? 58  TRP A CD1 1 
ATOM   397  C CD2 . TRP A 1 58  ? 3.222   9.826   1.182   1.00 13.40 ? 58  TRP A CD2 1 
ATOM   398  N NE1 . TRP A 1 58  ? 2.291   10.952  2.886   1.00 15.15 ? 58  TRP A NE1 1 
ATOM   399  C CE2 . TRP A 1 58  ? 2.039   9.996   1.936   1.00 13.82 ? 58  TRP A CE2 1 
ATOM   400  C CE3 . TRP A 1 58  ? 3.229   8.895   0.134   1.00 12.02 ? 58  TRP A CE3 1 
ATOM   401  C CZ2 . TRP A 1 58  ? 0.873   9.266   1.676   1.00 13.72 ? 58  TRP A CZ2 1 
ATOM   402  C CZ3 . TRP A 1 58  ? 2.066   8.165   -0.127  1.00 10.05 ? 58  TRP A CZ3 1 
ATOM   403  C CH2 . TRP A 1 58  ? 0.907   8.357   0.643   1.00 11.11 ? 58  TRP A CH2 1 
ATOM   404  N N   . TYR A 1 59  ? 7.687   11.604  3.766   1.00 21.33 ? 59  TYR A N   1 
ATOM   405  C CA  . TYR A 1 59  ? 7.822   12.227  5.073   1.00 21.92 ? 59  TYR A CA  1 
ATOM   406  C C   . TYR A 1 59  ? 7.641   13.730  4.941   1.00 23.16 ? 59  TYR A C   1 
ATOM   407  O O   . TYR A 1 59  ? 7.924   14.309  3.890   1.00 22.86 ? 59  TYR A O   1 
ATOM   408  C CB  . TYR A 1 59  ? 9.186   11.916  5.688   1.00 22.25 ? 59  TYR A CB  1 
ATOM   409  C CG  . TYR A 1 59  ? 9.454   10.438  5.811   1.00 23.06 ? 59  TYR A CG  1 
ATOM   410  C CD1 . TYR A 1 59  ? 9.890   9.700   4.715   1.00 24.28 ? 59  TYR A CD1 1 
ATOM   411  C CD2 . TYR A 1 59  ? 9.229   9.765   7.013   1.00 22.81 ? 59  TYR A CD2 1 
ATOM   412  C CE1 . TYR A 1 59  ? 10.097  8.328   4.809   1.00 27.33 ? 59  TYR A CE1 1 
ATOM   413  C CE2 . TYR A 1 59  ? 9.431   8.388   7.115   1.00 23.91 ? 59  TYR A CE2 1 
ATOM   414  C CZ  . TYR A 1 59  ? 9.863   7.682   6.008   1.00 24.45 ? 59  TYR A CZ  1 
ATOM   415  O OH  . TYR A 1 59  ? 10.057  6.325   6.088   1.00 28.91 ? 59  TYR A OH  1 
ATOM   416  N N   . GLY A 1 60  ? 7.166   14.350  6.015   1.00 23.84 ? 60  GLY A N   1 
ATOM   417  C CA  . GLY A 1 60  ? 6.926   15.781  6.011   1.00 25.51 ? 60  GLY A CA  1 
ATOM   418  C C   . GLY A 1 60  ? 8.135   16.658  5.750   1.00 26.09 ? 60  GLY A C   1 
ATOM   419  O O   . GLY A 1 60  ? 7.984   17.864  5.588   1.00 28.25 ? 60  GLY A O   1 
ATOM   420  N N   . ASP A 1 61  ? 9.327   16.073  5.708   1.00 26.31 ? 61  ASP A N   1 
ATOM   421  C CA  . ASP A 1 61  ? 10.534  16.855  5.458   1.00 28.31 ? 61  ASP A CA  1 
ATOM   422  C C   . ASP A 1 61  ? 10.962  16.769  3.995   1.00 27.82 ? 61  ASP A C   1 
ATOM   423  O O   . ASP A 1 61  ? 12.100  17.083  3.652   1.00 28.50 ? 61  ASP A O   1 
ATOM   424  C CB  . ASP A 1 61  ? 11.681  16.384  6.355   1.00 29.17 ? 61  ASP A CB  1 
ATOM   425  C CG  . ASP A 1 61  ? 12.132  14.980  6.030   1.00 31.66 ? 61  ASP A CG  1 
ATOM   426  O OD1 . ASP A 1 61  ? 13.138  14.527  6.614   1.00 34.80 ? 61  ASP A OD1 1 
ATOM   427  O OD2 . ASP A 1 61  ? 11.478  14.323  5.191   1.00 31.79 ? 61  ASP A OD2 1 
ATOM   428  N N   . GLY A 1 62  ? 10.047  16.331  3.137   1.00 27.50 ? 62  GLY A N   1 
ATOM   429  C CA  . GLY A 1 62  ? 10.349  16.233  1.724   1.00 26.20 ? 62  GLY A CA  1 
ATOM   430  C C   . GLY A 1 62  ? 11.057  14.976  1.250   1.00 25.49 ? 62  GLY A C   1 
ATOM   431  O O   . GLY A 1 62  ? 11.328  14.848  0.055   1.00 25.79 ? 62  GLY A O   1 
ATOM   432  N N   . THR A 1 63  ? 11.358  14.049  2.157   1.00 25.13 ? 63  THR A N   1 
ATOM   433  C CA  . THR A 1 63  ? 12.044  12.811  1.777   1.00 23.99 ? 63  THR A CA  1 
ATOM   434  C C   . THR A 1 63  ? 11.086  11.651  1.488   1.00 24.43 ? 63  THR A C   1 
ATOM   435  O O   . THR A 1 63  ? 9.915   11.688  1.864   1.00 23.33 ? 63  THR A O   1 
ATOM   436  C CB  . THR A 1 63  ? 13.044  12.367  2.860   1.00 24.27 ? 63  THR A CB  1 
ATOM   437  O OG1 . THR A 1 63  ? 12.374  12.243  4.118   1.00 23.55 ? 63  THR A OG1 1 
ATOM   438  C CG2 . THR A 1 63  ? 14.171  13.385  2.989   1.00 25.99 ? 63  THR A CG2 1 
ATOM   439  N N   . TYR A 1 64  ? 11.598  10.630  0.808   1.00 22.17 ? 64  TYR A N   1 
ATOM   440  C CA  . TYR A 1 64  ? 10.810  9.460   0.438   1.00 23.43 ? 64  TYR A CA  1 
ATOM   441  C C   . TYR A 1 64  ? 11.671  8.210   0.504   1.00 23.98 ? 64  TYR A C   1 
ATOM   442  O O   . TYR A 1 64  ? 12.892  8.283   0.606   1.00 22.56 ? 64  TYR A O   1 
ATOM   443  C CB  . TYR A 1 64  ? 10.317  9.572   -1.009  1.00 24.02 ? 64  TYR A CB  1 
ATOM   444  C CG  . TYR A 1 64  ? 9.552   10.828  -1.350  1.00 24.87 ? 64  TYR A CG  1 
ATOM   445  C CD1 . TYR A 1 64  ? 8.173   10.912  -1.139  1.00 25.15 ? 64  TYR A CD1 1 
ATOM   446  C CD2 . TYR A 1 64  ? 10.205  11.929  -1.905  1.00 24.59 ? 64  TYR A CD2 1 
ATOM   447  C CE1 . TYR A 1 64  ? 7.467   12.062  -1.480  1.00 24.72 ? 64  TYR A CE1 1 
ATOM   448  C CE2 . TYR A 1 64  ? 9.507   13.082  -2.246  1.00 25.14 ? 64  TYR A CE2 1 
ATOM   449  C CZ  . TYR A 1 64  ? 8.142   13.141  -2.033  1.00 24.99 ? 64  TYR A CZ  1 
ATOM   450  O OH  . TYR A 1 64  ? 7.453   14.275  -2.381  1.00 26.80 ? 64  TYR A OH  1 
ATOM   451  N N   . ASP A 1 65  ? 11.017  7.058   0.428   1.00 24.82 ? 65  ASP A N   1 
ATOM   452  C CA  . ASP A 1 65  ? 11.715  5.786   0.410   1.00 25.06 ? 65  ASP A CA  1 
ATOM   453  C C   . ASP A 1 65  ? 10.762  4.721   -0.114  1.00 25.47 ? 65  ASP A C   1 
ATOM   454  O O   . ASP A 1 65  ? 9.543   4.922   -0.127  1.00 23.60 ? 65  ASP A O   1 
ATOM   455  C CB  . ASP A 1 65  ? 12.263  5.437   1.801   1.00 27.66 ? 65  ASP A CB  1 
ATOM   456  C CG  . ASP A 1 65  ? 11.184  5.163   2.818   1.00 32.46 ? 65  ASP A CG  1 
ATOM   457  O OD1 . ASP A 1 65  ? 11.453  5.382   4.018   1.00 35.83 ? 65  ASP A OD1 1 
ATOM   458  O OD2 . ASP A 1 65  ? 10.082  4.714   2.438   1.00 36.62 ? 65  ASP A OD2 1 
ATOM   459  N N   . ALA A 1 66  ? 11.317  3.606   -0.576  1.00 23.69 ? 66  ALA A N   1 
ATOM   460  C CA  . ALA A 1 66  ? 10.503  2.528   -1.114  1.00 23.83 ? 66  ALA A CA  1 
ATOM   461  C C   . ALA A 1 66  ? 10.758  1.254   -0.322  1.00 24.20 ? 66  ALA A C   1 
ATOM   462  O O   . ALA A 1 66  ? 11.790  1.123   0.337   1.00 23.73 ? 66  ALA A O   1 
ATOM   463  C CB  . ALA A 1 66  ? 10.823  2.315   -2.588  1.00 23.94 ? 66  ALA A CB  1 
ATOM   464  N N   . TRP A 1 67  ? 9.816   0.318   -0.389  1.00 23.19 ? 67  TRP A N   1 
ATOM   465  C CA  . TRP A 1 67  ? 9.937   -0.929  0.350   1.00 23.61 ? 67  TRP A CA  1 
ATOM   466  C C   . TRP A 1 67  ? 9.044   -2.047  -0.186  1.00 24.25 ? 67  TRP A C   1 
ATOM   467  O O   . TRP A 1 67  ? 8.191   -1.829  -1.048  1.00 22.83 ? 67  TRP A O   1 
ATOM   468  C CB  . TRP A 1 67  ? 9.578   -0.687  1.816   1.00 22.35 ? 67  TRP A CB  1 
ATOM   469  C CG  . TRP A 1 67  ? 8.230   -0.029  1.985   1.00 23.78 ? 67  TRP A CG  1 
ATOM   470  C CD1 . TRP A 1 67  ? 7.977   1.312   2.083   1.00 23.98 ? 67  TRP A CD1 1 
ATOM   471  C CD2 . TRP A 1 67  ? 6.952   -0.680  2.007   1.00 22.92 ? 67  TRP A CD2 1 
ATOM   472  N NE1 . TRP A 1 67  ? 6.620   1.537   2.159   1.00 23.75 ? 67  TRP A NE1 1 
ATOM   473  C CE2 . TRP A 1 67  ? 5.968   0.332   2.115   1.00 23.02 ? 67  TRP A CE2 1 
ATOM   474  C CE3 . TRP A 1 67  ? 6.541   -2.018  1.943   1.00 23.69 ? 67  TRP A CE3 1 
ATOM   475  C CZ2 . TRP A 1 67  ? 4.596   0.046   2.160   1.00 21.96 ? 67  TRP A CZ2 1 
ATOM   476  C CZ3 . TRP A 1 67  ? 5.174   -2.305  1.987   1.00 24.71 ? 67  TRP A CZ3 1 
ATOM   477  C CH2 . TRP A 1 67  ? 4.219   -1.272  2.095   1.00 24.07 ? 67  TRP A CH2 1 
ATOM   478  N N   . TYR A 1 68  ? 9.268   -3.250  0.333   1.00 24.41 ? 68  TYR A N   1 
ATOM   479  C CA  . TYR A 1 68  ? 8.475   -4.421  -0.017  1.00 26.90 ? 68  TYR A CA  1 
ATOM   480  C C   . TYR A 1 68  ? 8.417   -5.202  1.276   1.00 27.17 ? 68  TYR A C   1 
ATOM   481  O O   . TYR A 1 68  ? 9.239   -4.976  2.164   1.00 27.81 ? 68  TYR A O   1 
ATOM   482  C CB  . TYR A 1 68  ? 9.140   -5.275  -1.109  1.00 30.40 ? 68  TYR A CB  1 
ATOM   483  C CG  . TYR A 1 68  ? 10.490  -5.856  -0.729  1.00 36.38 ? 68  TYR A CG  1 
ATOM   484  C CD1 . TYR A 1 68  ? 11.665  -5.137  -0.951  1.00 38.44 ? 68  TYR A CD1 1 
ATOM   485  C CD2 . TYR A 1 68  ? 10.590  -7.109  -0.121  1.00 38.22 ? 68  TYR A CD2 1 
ATOM   486  C CE1 . TYR A 1 68  ? 12.908  -5.650  -0.579  1.00 41.81 ? 68  TYR A CE1 1 
ATOM   487  C CE2 . TYR A 1 68  ? 11.831  -7.632  0.259   1.00 41.10 ? 68  TYR A CE2 1 
ATOM   488  C CZ  . TYR A 1 68  ? 12.987  -6.893  0.027   1.00 41.99 ? 68  TYR A CZ  1 
ATOM   489  O OH  . TYR A 1 68  ? 14.220  -7.382  0.408   1.00 42.48 ? 68  TYR A OH  1 
ATOM   490  N N   . GLU A 1 69  ? 7.458   -6.110  1.400   1.00 28.09 ? 69  GLU A N   1 
ATOM   491  C CA  . GLU A 1 69  ? 7.351   -6.890  2.624   1.00 29.13 ? 69  GLU A CA  1 
ATOM   492  C C   . GLU A 1 69  ? 6.423   -8.097  2.563   1.00 29.63 ? 69  GLU A C   1 
ATOM   493  O O   . GLU A 1 69  ? 5.377   -8.071  1.914   1.00 29.80 ? 69  GLU A O   1 
ATOM   494  C CB  . GLU A 1 69  ? 6.921   -5.975  3.774   1.00 29.09 ? 69  GLU A CB  1 
ATOM   495  C CG  . GLU A 1 69  ? 6.478   -6.700  5.028   1.00 32.71 ? 69  GLU A CG  1 
ATOM   496  C CD  . GLU A 1 69  ? 6.270   -5.759  6.194   1.00 35.64 ? 69  GLU A CD  1 
ATOM   497  O OE1 . GLU A 1 69  ? 5.725   -4.657  5.983   1.00 38.62 ? 69  GLU A OE1 1 
ATOM   498  O OE2 . GLU A 1 69  ? 6.642   -6.122  7.328   1.00 39.90 ? 69  GLU A OE2 1 
ATOM   499  N N   . TRP A 1 70  ? 6.843   -9.161  3.239   1.00 31.15 ? 70  TRP A N   1 
ATOM   500  C CA  . TRP A 1 70  ? 6.070   -10.389 3.353   1.00 31.68 ? 70  TRP A CA  1 
ATOM   501  C C   . TRP A 1 70  ? 6.100   -10.684 4.843   1.00 33.35 ? 70  TRP A C   1 
ATOM   502  O O   . TRP A 1 70  ? 6.880   -11.574 5.241   1.00 35.02 ? 70  TRP A O   1 
ATOM   503  C CB  . TRP A 1 70  ? 6.714   -11.551 2.586   1.00 29.36 ? 70  TRP A CB  1 
ATOM   504  C CG  . TRP A 1 70  ? 5.899   -12.839 2.635   1.00 26.89 ? 70  TRP A CG  1 
ATOM   505  C CD1 . TRP A 1 70  ? 5.469   -13.502 3.756   1.00 25.34 ? 70  TRP A CD1 1 
ATOM   506  C CD2 . TRP A 1 70  ? 5.430   -13.609 1.516   1.00 24.39 ? 70  TRP A CD2 1 
ATOM   507  N NE1 . TRP A 1 70  ? 4.765   -14.629 3.402   1.00 24.25 ? 70  TRP A NE1 1 
ATOM   508  C CE2 . TRP A 1 70  ? 4.726   -14.720 2.036   1.00 22.77 ? 70  TRP A CE2 1 
ATOM   509  C CE3 . TRP A 1 70  ? 5.539   -13.467 0.126   1.00 24.06 ? 70  TRP A CE3 1 
ATOM   510  C CZ2 . TRP A 1 70  ? 4.134   -15.685 1.214   1.00 23.90 ? 70  TRP A CZ2 1 
ATOM   511  C CZ3 . TRP A 1 70  ? 4.946   -14.431 -0.694  1.00 25.19 ? 70  TRP A CZ3 1 
ATOM   512  C CH2 . TRP A 1 70  ? 4.254   -15.525 -0.143  1.00 24.82 ? 70  TRP A CH2 1 
ATOM   513  N N   . GLU A 1 73  ? 11.899  -5.209  3.747   1.00 33.74 ? 73  GLU A N   1 
ATOM   514  C CA  . GLU A 1 73  ? 13.097  -4.354  3.504   1.00 35.31 ? 73  GLU A CA  1 
ATOM   515  C C   . GLU A 1 73  ? 12.708  -3.067  2.791   1.00 35.82 ? 73  GLU A C   1 
ATOM   516  O O   . GLU A 1 73  ? 11.758  -3.050  1.996   1.00 34.78 ? 73  GLU A O   1 
ATOM   517  C CB  . GLU A 1 73  ? 14.115  -5.119  2.662   1.00 33.95 ? 73  GLU A CB  1 
ATOM   518  N N   . VAL A 1 74  ? 13.454  -1.998  3.053   1.00 36.39 ? 74  VAL A N   1 
ATOM   519  C CA  . VAL A 1 74  ? 13.179  -0.714  2.420   1.00 39.79 ? 74  VAL A CA  1 
ATOM   520  C C   . VAL A 1 74  ? 14.239  -0.406  1.369   1.00 40.79 ? 74  VAL A C   1 
ATOM   521  O O   . VAL A 1 74  ? 14.665  -1.312  0.623   1.00 41.25 ? 74  VAL A O   1 
ATOM   522  C CB  . VAL A 1 74  ? 13.119  0.414   3.484   1.00 38.82 ? 74  VAL A CB  1 
ATOM   523  N N   . SER A 1 75  ? 14.648  0.863   1.293   1.00 41.43 ? 75  SER A N   1 
ATOM   524  C CA  . SER A 1 75  ? 15.660  1.305   0.334   1.00 43.39 ? 75  SER A CA  1 
ATOM   525  C C   . SER A 1 75  ? 15.578  2.817   0.100   1.00 45.43 ? 75  SER A C   1 
ATOM   526  O O   . SER A 1 75  ? 14.433  3.339   -0.014  1.00 45.74 ? 75  SER A O   1 
ATOM   527  C CB  . SER A 1 75  ? 15.476  0.570   -1.003  1.00 42.66 ? 75  SER A CB  1 
ATOM   528  N N   . ILE A 1 81  ? 15.851  2.179   -5.816  1.00 51.10 ? 81  ILE A N   1 
ATOM   529  C CA  . ILE A 1 81  ? 15.098  3.237   -6.551  1.00 50.75 ? 81  ILE A CA  1 
ATOM   530  C C   . ILE A 1 81  ? 15.054  4.542   -5.770  1.00 49.27 ? 81  ILE A C   1 
ATOM   531  O O   . ILE A 1 81  ? 14.962  4.540   -4.542  1.00 49.62 ? 81  ILE A O   1 
ATOM   532  C CB  . ILE A 1 81  ? 13.641  2.806   -6.829  1.00 51.58 ? 81  ILE A CB  1 
ATOM   533  C CG1 . ILE A 1 81  ? 13.622  1.633   -7.806  1.00 53.26 ? 81  ILE A CG1 1 
ATOM   534  C CG2 . ILE A 1 81  ? 12.849  3.972   -7.401  1.00 53.52 ? 81  ILE A CG2 1 
ATOM   535  C CD1 . ILE A 1 81  ? 12.227  1.212   -8.226  1.00 55.45 ? 81  ILE A CD1 1 
ATOM   536  N N   . THR A 1 82  ? 15.135  5.653   -6.495  1.00 47.57 ? 82  THR A N   1 
ATOM   537  C CA  . THR A 1 82  ? 15.068  6.973   -5.889  1.00 46.14 ? 82  THR A CA  1 
ATOM   538  C C   . THR A 1 82  ? 13.696  7.536   -6.244  1.00 44.70 ? 82  THR A C   1 
ATOM   539  O O   . THR A 1 82  ? 13.243  7.412   -7.384  1.00 44.62 ? 82  THR A O   1 
ATOM   540  C CB  . THR A 1 82  ? 16.163  7.911   -6.430  1.00 47.05 ? 82  THR A CB  1 
ATOM   541  O OG1 . THR A 1 82  ? 16.039  9.194   -5.801  1.00 49.22 ? 82  THR A OG1 1 
ATOM   542  C CG2 . THR A 1 82  ? 16.036  8.079   -7.934  1.00 45.12 ? 82  THR A CG2 1 
ATOM   543  N N   . ILE A 1 83  ? 13.035  8.152   -5.270  1.00 42.25 ? 83  ILE A N   1 
ATOM   544  C CA  . ILE A 1 83  ? 11.700  8.688   -5.487  1.00 38.96 ? 83  ILE A CA  1 
ATOM   545  C C   . ILE A 1 83  ? 11.592  10.199  -5.297  1.00 37.20 ? 83  ILE A C   1 
ATOM   546  O O   . ILE A 1 83  ? 12.130  10.759  -4.343  1.00 37.27 ? 83  ILE A O   1 
ATOM   547  C CB  . ILE A 1 83  ? 10.703  7.978   -4.553  1.00 39.52 ? 83  ILE A CB  1 
ATOM   548  C CG1 . ILE A 1 83  ? 10.764  6.469   -4.814  1.00 38.69 ? 83  ILE A CG1 1 
ATOM   549  C CG2 . ILE A 1 83  ? 9.293   8.526   -4.763  1.00 40.32 ? 83  ILE A CG2 1 
ATOM   550  C CD1 . ILE A 1 83  ? 9.914   5.644   -3.893  1.00 37.18 ? 83  ILE A CD1 1 
ATOM   551  N N   . SER A 1 84  ? 10.890  10.851  -6.218  1.00 34.36 ? 84  SER A N   1 
ATOM   552  C CA  . SER A 1 84  ? 10.697  12.294  -6.161  1.00 31.71 ? 84  SER A CA  1 
ATOM   553  C C   . SER A 1 84  ? 9.234   12.671  -6.373  1.00 29.67 ? 84  SER A C   1 
ATOM   554  O O   . SER A 1 84  ? 8.484   11.963  -7.051  1.00 27.05 ? 84  SER A O   1 
ATOM   555  C CB  . SER A 1 84  ? 11.547  12.995  -7.226  1.00 32.32 ? 84  SER A CB  1 
ATOM   556  O OG  . SER A 1 84  ? 12.926  12.764  -7.015  1.00 34.12 ? 84  SER A OG  1 
ATOM   557  N N   . GLU A 1 85  ? 8.851   13.800  -5.791  1.00 26.97 ? 85  GLU A N   1 
ATOM   558  C CA  . GLU A 1 85  ? 7.500   14.321  -5.898  1.00 27.10 ? 85  GLU A CA  1 
ATOM   559  C C   . GLU A 1 85  ? 7.102   14.374  -7.369  1.00 24.37 ? 85  GLU A C   1 
ATOM   560  O O   . GLU A 1 85  ? 7.862   14.851  -8.207  1.00 23.88 ? 85  GLU A O   1 
ATOM   561  C CB  . GLU A 1 85  ? 7.449   15.726  -5.276  1.00 29.60 ? 85  GLU A CB  1 
ATOM   562  C CG  . GLU A 1 85  ? 6.058   16.285  -5.015  1.00 31.23 ? 85  GLU A CG  1 
ATOM   563  C CD  . GLU A 1 85  ? 5.287   16.596  -6.289  1.00 35.37 ? 85  GLU A CD  1 
ATOM   564  O OE1 . GLU A 1 85  ? 5.809   17.355  -7.134  1.00 35.92 ? 85  GLU A OE1 1 
ATOM   565  O OE2 . GLU A 1 85  ? 4.151   16.089  -6.440  1.00 38.05 ? 85  GLU A OE2 1 
ATOM   566  N N   . GLY A 1 86  ? 5.918   13.870  -7.686  1.00 24.28 ? 86  GLY A N   1 
ATOM   567  C CA  . GLY A 1 86  ? 5.466   13.889  -9.064  1.00 22.85 ? 86  GLY A CA  1 
ATOM   568  C C   . GLY A 1 86  ? 5.782   12.622  -9.837  1.00 23.79 ? 86  GLY A C   1 
ATOM   569  O O   . GLY A 1 86  ? 5.207   12.387  -10.901 1.00 24.21 ? 86  GLY A O   1 
ATOM   570  N N   . ASP A 1 87  ? 6.691   11.798  -9.322  1.00 23.45 ? 87  ASP A N   1 
ATOM   571  C CA  . ASP A 1 87  ? 7.031   10.560  -10.017 1.00 24.31 ? 87  ASP A CA  1 
ATOM   572  C C   . ASP A 1 87  ? 5.822   9.638   -10.100 1.00 24.13 ? 87  ASP A C   1 
ATOM   573  O O   . ASP A 1 87  ? 4.918   9.692   -9.261  1.00 24.19 ? 87  ASP A O   1 
ATOM   574  C CB  . ASP A 1 87  ? 8.182   9.821   -9.321  1.00 23.31 ? 87  ASP A CB  1 
ATOM   575  C CG  . ASP A 1 87  ? 9.522   10.521  -9.495  1.00 24.98 ? 87  ASP A CG  1 
ATOM   576  O OD1 . ASP A 1 87  ? 9.615   11.427  -10.351 1.00 21.90 ? 87  ASP A OD1 1 
ATOM   577  O OD2 . ASP A 1 87  ? 10.483  10.160  -8.779  1.00 21.58 ? 87  ASP A OD2 1 
ATOM   578  N N   . SER A 1 88  ? 5.817   8.797   -11.125 1.00 23.07 ? 88  SER A N   1 
ATOM   579  C CA  . SER A 1 88  ? 4.743   7.843   -11.341 1.00 21.59 ? 88  SER A CA  1 
ATOM   580  C C   . SER A 1 88  ? 5.296   6.458   -11.016 1.00 22.26 ? 88  SER A C   1 
ATOM   581  O O   . SER A 1 88  ? 6.135   5.935   -11.745 1.00 22.34 ? 88  SER A O   1 
ATOM   582  C CB  . SER A 1 88  ? 4.285   7.915   -12.793 1.00 20.12 ? 88  SER A CB  1 
ATOM   583  O OG  . SER A 1 88  ? 3.295   6.944   -13.063 1.00 24.67 ? 88  SER A OG  1 
ATOM   584  N N   . ILE A 1 89  ? 4.821   5.867   -9.924  1.00 21.62 ? 89  ILE A N   1 
ATOM   585  C CA  . ILE A 1 89  ? 5.299   4.562   -9.478  1.00 21.29 ? 89  ILE A CA  1 
ATOM   586  C C   . ILE A 1 89  ? 4.364   3.385   -9.747  1.00 22.25 ? 89  ILE A C   1 
ATOM   587  O O   . ILE A 1 89  ? 3.223   3.375   -9.285  1.00 20.86 ? 89  ILE A O   1 
ATOM   588  C CB  . ILE A 1 89  ? 5.574   4.569   -7.951  1.00 20.90 ? 89  ILE A CB  1 
ATOM   589  C CG1 . ILE A 1 89  ? 6.501   5.728   -7.578  1.00 20.28 ? 89  ILE A CG1 1 
ATOM   590  C CG2 . ILE A 1 89  ? 6.166   3.235   -7.528  1.00 20.07 ? 89  ILE A CG2 1 
ATOM   591  C CD1 . ILE A 1 89  ? 7.831   5.709   -8.286  1.00 22.89 ? 89  ILE A CD1 1 
ATOM   592  N N   . GLN A 1 90  ? 4.851   2.384   -10.478 1.00 22.73 ? 90  GLN A N   1 
ATOM   593  C CA  . GLN A 1 90  ? 4.041   1.199   -10.737 1.00 23.65 ? 90  GLN A CA  1 
ATOM   594  C C   . GLN A 1 90  ? 4.389   0.138   -9.699  1.00 24.19 ? 90  GLN A C   1 
ATOM   595  O O   . GLN A 1 90  ? 5.544   -0.283  -9.584  1.00 24.33 ? 90  GLN A O   1 
ATOM   596  C CB  . GLN A 1 90  ? 4.281   0.636   -12.131 1.00 23.67 ? 90  GLN A CB  1 
ATOM   597  C CG  . GLN A 1 90  ? 3.388   -0.555  -12.413 1.00 27.54 ? 90  GLN A CG  1 
ATOM   598  C CD  . GLN A 1 90  ? 3.461   -1.017  -13.846 1.00 33.47 ? 90  GLN A CD  1 
ATOM   599  O OE1 . GLN A 1 90  ? 4.505   -1.482  -14.308 1.00 36.95 ? 90  GLN A OE1 1 
ATOM   600  N NE2 . GLN A 1 90  ? 2.349   -0.888  -14.569 1.00 34.87 ? 90  GLN A NE2 1 
ATOM   601  N N   . MET A 1 91  ? 3.379   -0.287  -8.948  1.00 23.51 ? 91  MET A N   1 
ATOM   602  C CA  . MET A 1 91  ? 3.556   -1.267  -7.887  1.00 23.76 ? 91  MET A CA  1 
ATOM   603  C C   . MET A 1 91  ? 2.832   -2.563  -8.203  1.00 23.99 ? 91  MET A C   1 
ATOM   604  O O   . MET A 1 91  ? 1.750   -2.551  -8.785  1.00 24.89 ? 91  MET A O   1 
ATOM   605  C CB  . MET A 1 91  ? 3.036   -0.672  -6.581  1.00 23.19 ? 91  MET A CB  1 
ATOM   606  C CG  . MET A 1 91  ? 3.572   0.731   -6.338  1.00 27.39 ? 91  MET A CG  1 
ATOM   607  S SD  . MET A 1 91  ? 2.792   1.587   -4.973  1.00 29.13 ? 91  MET A SD  1 
ATOM   608  C CE  . MET A 1 91  ? 1.333   2.188   -5.766  1.00 30.73 ? 91  MET A CE  1 
ATOM   609  N N   . SER A 1 92  ? 3.419   -3.684  -7.808  1.00 24.26 ? 92  SER A N   1 
ATOM   610  C CA  . SER A 1 92  ? 2.794   -4.964  -8.093  1.00 23.99 ? 92  SER A CA  1 
ATOM   611  C C   . SER A 1 92  ? 3.286   -6.111  -7.224  1.00 23.99 ? 92  SER A C   1 
ATOM   612  O O   . SER A 1 92  ? 4.470   -6.192  -6.888  1.00 22.24 ? 92  SER A O   1 
ATOM   613  C CB  . SER A 1 92  ? 3.015   -5.314  -9.566  1.00 25.72 ? 92  SER A CB  1 
ATOM   614  O OG  . SER A 1 92  ? 2.553   -6.621  -9.850  1.00 30.70 ? 92  SER A OG  1 
ATOM   615  N N   . VAL A 1 93  ? 2.355   -6.983  -6.843  1.00 22.19 ? 93  VAL A N   1 
ATOM   616  C CA  . VAL A 1 93  ? 2.678   -8.165  -6.059  1.00 23.15 ? 93  VAL A CA  1 
ATOM   617  C C   . VAL A 1 93  ? 1.980   -9.336  -6.731  1.00 26.00 ? 93  VAL A C   1 
ATOM   618  O O   . VAL A 1 93  ? 0.902   -9.183  -7.311  1.00 26.97 ? 93  VAL A O   1 
ATOM   619  C CB  . VAL A 1 93  ? 2.187   -8.079  -4.595  1.00 23.77 ? 93  VAL A CB  1 
ATOM   620  C CG1 . VAL A 1 93  ? 2.996   -7.038  -3.826  1.00 20.85 ? 93  VAL A CG1 1 
ATOM   621  C CG2 . VAL A 1 93  ? 0.693   -7.756  -4.561  1.00 23.05 ? 93  VAL A CG2 1 
ATOM   622  N N   . THR A 1 94  ? 2.609   -10.501 -6.678  1.00 27.98 ? 94  THR A N   1 
ATOM   623  C CA  . THR A 1 94  ? 2.041   -11.702 -7.267  1.00 29.37 ? 94  THR A CA  1 
ATOM   624  C C   . THR A 1 94  ? 2.205   -12.827 -6.267  1.00 30.81 ? 94  THR A C   1 
ATOM   625  O O   . THR A 1 94  ? 3.251   -12.950 -5.637  1.00 30.93 ? 94  THR A O   1 
ATOM   626  C CB  . THR A 1 94  ? 2.766   -12.102 -8.569  1.00 30.06 ? 94  THR A CB  1 
ATOM   627  O OG1 . THR A 1 94  ? 2.515   -11.118 -9.579  1.00 29.84 ? 94  THR A OG1 1 
ATOM   628  C CG2 . THR A 1 94  ? 2.278   -13.464 -9.060  1.00 31.14 ? 94  THR A CG2 1 
ATOM   629  N N   . ALA A 1 95  ? 1.163   -13.627 -6.104  1.00 32.41 ? 95  ALA A N   1 
ATOM   630  C CA  . ALA A 1 95  ? 1.223   -14.761 -5.197  1.00 35.78 ? 95  ALA A CA  1 
ATOM   631  C C   . ALA A 1 95  ? 1.034   -16.008 -6.050  1.00 37.77 ? 95  ALA A C   1 
ATOM   632  O O   . ALA A 1 95  ? -0.084  -16.327 -6.454  1.00 38.81 ? 95  ALA A O   1 
ATOM   633  C CB  . ALA A 1 95  ? 0.129   -14.663 -4.153  1.00 34.31 ? 95  ALA A CB  1 
ATOM   634  N N   . THR A 1 96  ? 2.135   -16.692 -6.347  1.00 39.50 ? 96  THR A N   1 
ATOM   635  C CA  . THR A 1 96  ? 2.082   -17.902 -7.159  1.00 41.34 ? 96  THR A CA  1 
ATOM   636  C C   . THR A 1 96  ? 1.523   -19.072 -6.351  1.00 41.93 ? 96  THR A C   1 
ATOM   637  O O   . THR A 1 96  ? 1.004   -20.035 -6.911  1.00 42.95 ? 96  THR A O   1 
ATOM   638  C CB  . THR A 1 96  ? 3.480   -18.261 -7.708  1.00 41.13 ? 96  THR A CB  1 
ATOM   639  O OG1 . THR A 1 96  ? 4.474   -18.018 -6.703  1.00 42.23 ? 96  THR A OG1 1 
ATOM   640  C CG2 . THR A 1 96  ? 3.791   -17.423 -8.938  1.00 41.68 ? 96  THR A CG2 1 
ATOM   641  N N   . SER A 1 97  ? 1.633   -18.971 -5.031  1.00 42.78 ? 97  SER A N   1 
ATOM   642  C CA  . SER A 1 97  ? 1.119   -19.989 -4.119  1.00 43.17 ? 97  SER A CA  1 
ATOM   643  C C   . SER A 1 97  ? 0.911   -19.308 -2.770  1.00 42.90 ? 97  SER A C   1 
ATOM   644  O O   . SER A 1 97  ? 1.125   -18.104 -2.641  1.00 43.68 ? 97  SER A O   1 
ATOM   645  C CB  . SER A 1 97  ? 2.116   -21.144 -3.966  1.00 42.53 ? 97  SER A CB  1 
ATOM   646  O OG  . SER A 1 97  ? 3.054   -20.882 -2.935  1.00 43.84 ? 97  SER A OG  1 
ATOM   647  N N   . ASP A 1 98  ? 0.500   -20.069 -1.765  1.00 42.50 ? 98  ASP A N   1 
ATOM   648  C CA  . ASP A 1 98  ? 0.276   -19.505 -0.443  1.00 42.10 ? 98  ASP A CA  1 
ATOM   649  C C   . ASP A 1 98  ? 1.577   -19.208 0.285   1.00 42.45 ? 98  ASP A C   1 
ATOM   650  O O   . ASP A 1 98  ? 1.568   -18.609 1.358   1.00 42.71 ? 98  ASP A O   1 
ATOM   651  C CB  . ASP A 1 98  ? -0.570  -20.462 0.401   1.00 42.45 ? 98  ASP A CB  1 
ATOM   652  C CG  . ASP A 1 98  ? -2.055  -20.261 0.197   1.00 42.04 ? 98  ASP A CG  1 
ATOM   653  O OD1 . ASP A 1 98  ? -2.458  -19.825 -0.901  1.00 41.53 ? 98  ASP A OD1 1 
ATOM   654  O OD2 . ASP A 1 98  ? -2.821  -20.550 1.137   1.00 45.54 ? 98  ASP A OD2 1 
ATOM   655  N N   . THR A 1 99  ? 2.699   -19.619 -0.296  1.00 43.22 ? 99  THR A N   1 
ATOM   656  C CA  . THR A 1 99  ? 3.982   -19.387 0.355   1.00 43.12 ? 99  THR A CA  1 
ATOM   657  C C   . THR A 1 99  ? 5.096   -18.909 -0.580  1.00 42.96 ? 99  THR A C   1 
ATOM   658  O O   . THR A 1 99  ? 6.277   -18.963 -0.233  1.00 43.24 ? 99  THR A O   1 
ATOM   659  C CB  . THR A 1 99  ? 4.445   -20.658 1.096   1.00 44.43 ? 99  THR A CB  1 
ATOM   660  O OG1 . THR A 1 99  ? 5.599   -20.353 1.888   1.00 45.41 ? 99  THR A OG1 1 
ATOM   661  C CG2 . THR A 1 99  ? 4.778   -21.769 0.099   1.00 42.80 ? 99  THR A CG2 1 
ATOM   662  N N   . SER A 1 100 ? 4.718   -18.438 -1.764  1.00 42.21 ? 100 SER A N   1 
ATOM   663  C CA  . SER A 1 100 ? 5.689   -17.929 -2.728  1.00 41.20 ? 100 SER A CA  1 
ATOM   664  C C   . SER A 1 100 ? 5.038   -16.861 -3.601  1.00 40.16 ? 100 SER A C   1 
ATOM   665  O O   . SER A 1 100 ? 3.835   -16.911 -3.874  1.00 41.18 ? 100 SER A O   1 
ATOM   666  C CB  . SER A 1 100 ? 6.206   -19.052 -3.622  1.00 40.90 ? 100 SER A CB  1 
ATOM   667  O OG  . SER A 1 100 ? 5.249   -19.378 -4.610  1.00 40.47 ? 100 SER A OG  1 
ATOM   668  N N   . GLY A 1 101 ? 5.838   -15.899 -4.041  1.00 37.86 ? 101 GLY A N   1 
ATOM   669  C CA  . GLY A 1 101 ? 5.318   -14.836 -4.879  1.00 35.64 ? 101 GLY A CA  1 
ATOM   670  C C   . GLY A 1 101 ? 6.393   -13.809 -5.141  1.00 33.86 ? 101 GLY A C   1 
ATOM   671  O O   . GLY A 1 101 ? 7.576   -14.106 -4.993  1.00 34.95 ? 101 GLY A O   1 
ATOM   672  N N   . SER A 1 102 ? 5.995   -12.601 -5.522  1.00 31.52 ? 102 SER A N   1 
ATOM   673  C CA  . SER A 1 102 ? 6.961   -11.549 -5.798  1.00 28.77 ? 102 SER A CA  1 
ATOM   674  C C   . SER A 1 102 ? 6.389   -10.150 -5.611  1.00 28.07 ? 102 SER A C   1 
ATOM   675  O O   . SER A 1 102 ? 5.172   -9.961  -5.564  1.00 27.13 ? 102 SER A O   1 
ATOM   676  C CB  . SER A 1 102 ? 7.479   -11.683 -7.223  1.00 28.27 ? 102 SER A CB  1 
ATOM   677  O OG  . SER A 1 102 ? 6.416   -11.535 -8.142  1.00 29.96 ? 102 SER A OG  1 
ATOM   678  N N   . ALA A 1 103 ? 7.286   -9.175  -5.508  1.00 26.18 ? 103 ALA A N   1 
ATOM   679  C CA  . ALA A 1 103 ? 6.911   -7.776  -5.346  1.00 25.69 ? 103 ALA A CA  1 
ATOM   680  C C   . ALA A 1 103 ? 7.789   -6.955  -6.282  1.00 25.74 ? 103 ALA A C   1 
ATOM   681  O O   . ALA A 1 103 ? 9.003   -7.163  -6.348  1.00 27.08 ? 103 ALA A O   1 
ATOM   682  C CB  . ALA A 1 103 ? 7.119   -7.331  -3.897  1.00 24.69 ? 103 ALA A CB  1 
ATOM   683  N N   . THR A 1 104 ? 7.174   -6.026  -7.007  1.00 23.76 ? 104 THR A N   1 
ATOM   684  C CA  . THR A 1 104 ? 7.908   -5.189  -7.940  1.00 22.81 ? 104 THR A CA  1 
ATOM   685  C C   . THR A 1 104 ? 7.515   -3.723  -7.816  1.00 24.00 ? 104 THR A C   1 
ATOM   686  O O   . THR A 1 104 ? 6.341   -3.391  -7.631  1.00 22.71 ? 104 THR A O   1 
ATOM   687  C CB  . THR A 1 104 ? 7.669   -5.642  -9.396  1.00 22.05 ? 104 THR A CB  1 
ATOM   688  O OG1 . THR A 1 104 ? 8.125   -6.992  -9.560  1.00 23.95 ? 104 THR A OG1 1 
ATOM   689  C CG2 . THR A 1 104 ? 8.416   -4.747  -10.360 1.00 20.33 ? 104 THR A CG2 1 
ATOM   690  N N   . LEU A 1 105 ? 8.513   -2.854  -7.923  1.00 25.15 ? 105 LEU A N   1 
ATOM   691  C CA  . LEU A 1 105 ? 8.322   -1.413  -7.843  1.00 27.62 ? 105 LEU A CA  1 
ATOM   692  C C   . LEU A 1 105 ? 9.108   -0.802  -8.999  1.00 29.08 ? 105 LEU A C   1 
ATOM   693  O O   . LEU A 1 105 ? 10.297  -1.081  -9.158  1.00 29.96 ? 105 LEU A O   1 
ATOM   694  C CB  . LEU A 1 105 ? 8.855   -0.902  -6.507  1.00 28.25 ? 105 LEU A CB  1 
ATOM   695  C CG  . LEU A 1 105 ? 7.959   0.043   -5.716  1.00 27.92 ? 105 LEU A CG  1 
ATOM   696  C CD1 . LEU A 1 105 ? 6.547   -0.518  -5.633  1.00 27.88 ? 105 LEU A CD1 1 
ATOM   697  C CD2 . LEU A 1 105 ? 8.549   0.228   -4.328  1.00 28.51 ? 105 LEU A CD2 1 
ATOM   698  N N   . GLU A 1 106 ? 8.444   0.019   -9.808  1.00 29.40 ? 106 GLU A N   1 
ATOM   699  C CA  . GLU A 1 106 ? 9.078   0.645   -10.967 1.00 30.65 ? 106 GLU A CA  1 
ATOM   700  C C   . GLU A 1 106 ? 8.745   2.135   -11.025 1.00 31.50 ? 106 GLU A C   1 
ATOM   701  O O   . GLU A 1 106 ? 7.582   2.507   -11.211 1.00 31.57 ? 106 GLU A O   1 
ATOM   702  C CB  . GLU A 1 106 ? 8.595   -0.054  -12.241 1.00 31.34 ? 106 GLU A CB  1 
ATOM   703  C CG  . GLU A 1 106 ? 9.193   0.466   -13.537 1.00 34.57 ? 106 GLU A CG  1 
ATOM   704  C CD  . GLU A 1 106 ? 8.696   -0.310  -14.752 1.00 36.62 ? 106 GLU A CD  1 
ATOM   705  O OE1 . GLU A 1 106 ? 9.060   0.059   -15.888 1.00 38.38 ? 106 GLU A OE1 1 
ATOM   706  O OE2 . GLU A 1 106 ? 7.940   -1.290  -14.572 1.00 38.12 ? 106 GLU A OE2 1 
ATOM   707  N N   . ASN A 1 107 ? 9.767   2.980   -10.887 1.00 30.68 ? 107 ASN A N   1 
ATOM   708  C CA  . ASN A 1 107 ? 9.569   4.425   -10.891 1.00 31.95 ? 107 ASN A CA  1 
ATOM   709  C C   . ASN A 1 107 ? 8.978   5.025   -12.167 1.00 35.32 ? 107 ASN A C   1 
ATOM   710  O O   . ASN A 1 107 ? 8.505   6.161   -12.147 1.00 38.71 ? 107 ASN A O   1 
ATOM   711  C CB  . ASN A 1 107 ? 10.872  5.149   -10.548 1.00 28.86 ? 107 ASN A CB  1 
ATOM   712  C CG  . ASN A 1 107 ? 10.659  6.639   -10.296 1.00 25.60 ? 107 ASN A CG  1 
ATOM   713  O OD1 . ASN A 1 107 ? 10.065  7.337   -11.113 1.00 23.29 ? 107 ASN A OD1 1 
ATOM   714  N ND2 . ASN A 1 107 ? 11.153  7.130   -9.168  1.00 22.63 ? 107 ASN A ND2 1 
ATOM   715  N N   . LEU A 1 108 ? 8.996   4.287   -13.270 1.00 35.13 ? 108 LEU A N   1 
ATOM   716  C CA  . LEU A 1 108 ? 8.423   4.789   -14.522 1.00 34.10 ? 108 LEU A CA  1 
ATOM   717  C C   . LEU A 1 108 ? 8.956   6.138   -15.002 1.00 34.21 ? 108 LEU A C   1 
ATOM   718  O O   . LEU A 1 108 ? 9.226   6.314   -16.188 1.00 35.24 ? 108 LEU A O   1 
ATOM   719  C CB  . LEU A 1 108 ? 6.902   4.866   -14.397 1.00 34.10 ? 108 LEU A CB  1 
ATOM   720  C CG  . LEU A 1 108 ? 6.082   3.766   -15.077 1.00 33.87 ? 108 LEU A CG  1 
ATOM   721  C CD1 . LEU A 1 108 ? 6.709   2.400   -14.833 1.00 34.00 ? 108 LEU A CD1 1 
ATOM   722  C CD2 . LEU A 1 108 ? 4.656   3.819   -14.555 1.00 32.19 ? 108 LEU A CD2 1 
ATOM   723  N N   . THR A 1 109 ? 9.087   7.090   -14.086 1.00 32.87 ? 109 THR A N   1 
ATOM   724  C CA  . THR A 1 109 ? 9.594   8.413   -14.421 1.00 32.07 ? 109 THR A CA  1 
ATOM   725  C C   . THR A 1 109 ? 11.122  8.377   -14.578 1.00 32.88 ? 109 THR A C   1 
ATOM   726  O O   . THR A 1 109 ? 11.664  8.954   -15.518 1.00 32.87 ? 109 THR A O   1 
ATOM   727  C CB  . THR A 1 109 ? 9.228   9.441   -13.324 1.00 31.11 ? 109 THR A CB  1 
ATOM   728  O OG1 . THR A 1 109 ? 7.811   9.428   -13.109 1.00 29.13 ? 109 THR A OG1 1 
ATOM   729  C CG2 . THR A 1 109 ? 9.654   10.835  -13.739 1.00 27.78 ? 109 THR A CG2 1 
ATOM   730  N N   . THR A 1 110 ? 11.804  7.695   -13.660 1.00 32.32 ? 110 THR A N   1 
ATOM   731  C CA  . THR A 1 110 ? 13.260  7.593   -13.703 1.00 33.53 ? 110 THR A CA  1 
ATOM   732  C C   . THR A 1 110 ? 13.731  6.344   -14.447 1.00 35.37 ? 110 THR A C   1 
ATOM   733  O O   . THR A 1 110 ? 14.912  6.219   -14.788 1.00 36.85 ? 110 THR A O   1 
ATOM   734  C CB  . THR A 1 110 ? 13.864  7.540   -12.294 1.00 32.76 ? 110 THR A CB  1 
ATOM   735  O OG1 . THR A 1 110 ? 13.437  6.336   -11.647 1.00 32.99 ? 110 THR A OG1 1 
ATOM   736  C CG2 . THR A 1 110 ? 13.424  8.745   -11.472 1.00 31.94 ? 110 THR A CG2 1 
ATOM   737  N N   . GLY A 1 111 ? 12.813  5.415   -14.687 1.00 34.46 ? 111 GLY A N   1 
ATOM   738  C CA  . GLY A 1 111 ? 13.169  4.195   -15.386 1.00 34.17 ? 111 GLY A CA  1 
ATOM   739  C C   . GLY A 1 111 ? 13.830  3.156   -14.499 1.00 34.68 ? 111 GLY A C   1 
ATOM   740  O O   . GLY A 1 111 ? 14.363  2.165   -14.993 1.00 35.38 ? 111 GLY A O   1 
ATOM   741  N N   . GLN A 1 112 ? 13.805  3.374   -13.189 1.00 34.71 ? 112 GLN A N   1 
ATOM   742  C CA  . GLN A 1 112 ? 14.408  2.426   -12.262 1.00 34.83 ? 112 GLN A CA  1 
ATOM   743  C C   . GLN A 1 112 ? 13.394  1.350   -11.926 1.00 35.68 ? 112 GLN A C   1 
ATOM   744  O O   . GLN A 1 112 ? 12.187  1.555   -12.072 1.00 36.21 ? 112 GLN A O   1 
ATOM   745  C CB  . GLN A 1 112 ? 14.840  3.124   -10.979 1.00 34.85 ? 112 GLN A CB  1 
ATOM   746  C CG  . GLN A 1 112 ? 15.693  4.346   -11.206 1.00 37.43 ? 112 GLN A CG  1 
ATOM   747  C CD  . GLN A 1 112 ? 15.957  5.094   -9.920  1.00 39.89 ? 112 GLN A CD  1 
ATOM   748  O OE1 . GLN A 1 112 ? 16.951  4.845   -9.229  1.00 39.08 ? 112 GLN A OE1 1 
ATOM   749  N NE2 . GLN A 1 112 ? 15.051  6.008   -9.577  1.00 38.20 ? 112 GLN A NE2 1 
ATOM   750  N N   . LYS A 1 113 ? 13.885  0.202   -11.475 1.00 33.76 ? 113 LYS A N   1 
ATOM   751  C CA  . LYS A 1 113 ? 13.010  -0.902  -11.123 1.00 32.91 ? 113 LYS A CA  1 
ATOM   752  C C   . LYS A 1 113 ? 13.674  -1.897  -10.180 1.00 33.05 ? 113 LYS A C   1 
ATOM   753  O O   . LYS A 1 113 ? 14.819  -2.307  -10.381 1.00 32.67 ? 113 LYS A O   1 
ATOM   754  C CB  . LYS A 1 113 ? 12.543  -1.621  -12.386 1.00 31.66 ? 113 LYS A CB  1 
ATOM   755  C CG  . LYS A 1 113 ? 11.618  -2.797  -12.116 1.00 32.68 ? 113 LYS A CG  1 
ATOM   756  C CD  . LYS A 1 113 ? 11.136  -3.420  -13.414 1.00 33.82 ? 113 LYS A CD  1 
ATOM   757  C CE  . LYS A 1 113 ? 10.243  -4.618  -13.154 1.00 37.09 ? 113 LYS A CE  1 
ATOM   758  N NZ  . LYS A 1 113 ? 9.651   -5.166  -14.411 1.00 40.50 ? 113 LYS A NZ  1 
ATOM   759  N N   . VAL A 1 114 ? 12.946  -2.263  -9.134  1.00 30.70 ? 114 VAL A N   1 
ATOM   760  C CA  . VAL A 1 114 ? 13.433  -3.226  -8.166  1.00 30.41 ? 114 VAL A CA  1 
ATOM   761  C C   . VAL A 1 114 ? 12.413  -4.351  -8.116  1.00 31.34 ? 114 VAL A C   1 
ATOM   762  O O   . VAL A 1 114 ? 11.223  -4.142  -8.367  1.00 31.19 ? 114 VAL A O   1 
ATOM   763  C CB  . VAL A 1 114 ? 13.589  -2.605  -6.753  1.00 30.99 ? 114 VAL A CB  1 
ATOM   764  C CG1 . VAL A 1 114 ? 14.752  -1.616  -6.744  1.00 31.24 ? 114 VAL A CG1 1 
ATOM   765  C CG2 . VAL A 1 114 ? 12.303  -1.905  -6.343  1.00 29.98 ? 114 VAL A CG2 1 
ATOM   766  N N   . SER A 1 115 ? 12.884  -5.549  -7.807  1.00 30.58 ? 115 SER A N   1 
ATOM   767  C CA  . SER A 1 115 ? 12.009  -6.701  -7.738  1.00 29.80 ? 115 SER A CA  1 
ATOM   768  C C   . SER A 1 115 ? 12.525  -7.642  -6.662  1.00 30.08 ? 115 SER A C   1 
ATOM   769  O O   . SER A 1 115 ? 13.714  -7.640  -6.343  1.00 28.76 ? 115 SER A O   1 
ATOM   770  C CB  . SER A 1 115 ? 11.981  -7.401  -9.093  1.00 29.73 ? 115 SER A CB  1 
ATOM   771  O OG  . SER A 1 115 ? 11.036  -8.449  -9.102  1.00 33.45 ? 115 SER A OG  1 
ATOM   772  N N   . LYS A 1 116 ? 11.622  -8.429  -6.092  1.00 30.98 ? 116 LYS A N   1 
ATOM   773  C CA  . LYS A 1 116 ? 11.983  -9.381  -5.052  1.00 31.95 ? 116 LYS A CA  1 
ATOM   774  C C   . LYS A 1 116 ? 11.134  -10.625 -5.199  1.00 32.32 ? 116 LYS A C   1 
ATOM   775  O O   . LYS A 1 116 ? 9.911   -10.546 -5.295  1.00 32.73 ? 116 LYS A O   1 
ATOM   776  C CB  . LYS A 1 116 ? 11.762  -8.771  -3.667  1.00 32.79 ? 116 LYS A CB  1 
ATOM   777  C CG  . LYS A 1 116 ? 12.122  -9.697  -2.508  1.00 35.43 ? 116 LYS A CG  1 
ATOM   778  C CD  . LYS A 1 116 ? 13.624  -9.898  -2.394  1.00 37.70 ? 116 LYS A CD  1 
ATOM   779  C CE  . LYS A 1 116 ? 13.978  -10.806 -1.226  1.00 38.41 ? 116 LYS A CE  1 
ATOM   780  N NZ  . LYS A 1 116 ? 13.452  -12.183 -1.425  1.00 41.23 ? 116 LYS A NZ  1 
ATOM   781  N N   . SER A 1 117 ? 11.788  -11.778 -5.228  1.00 33.75 ? 117 SER A N   1 
ATOM   782  C CA  . SER A 1 117 ? 11.087  -13.045 -5.353  1.00 35.53 ? 117 SER A CA  1 
ATOM   783  C C   . SER A 1 117 ? 11.060  -13.716 -3.984  1.00 36.13 ? 117 SER A C   1 
ATOM   784  O O   . SER A 1 117 ? 12.051  -13.682 -3.257  1.00 37.12 ? 117 SER A O   1 
ATOM   785  C CB  . SER A 1 117 ? 11.806  -13.935 -6.368  1.00 35.92 ? 117 SER A CB  1 
ATOM   786  O OG  . SER A 1 117 ? 11.138  -15.170 -6.526  1.00 38.47 ? 117 SER A OG  1 
ATOM   787  N N   . PHE A 1 118 ? 9.921   -14.302 -3.625  1.00 37.10 ? 118 PHE A N   1 
ATOM   788  C CA  . PHE A 1 118 ? 9.774   -14.978 -2.339  1.00 37.96 ? 118 PHE A CA  1 
ATOM   789  C C   . PHE A 1 118 ? 9.448   -16.450 -2.556  1.00 39.38 ? 118 PHE A C   1 
ATOM   790  O O   . PHE A 1 118 ? 8.826   -16.814 -3.555  1.00 38.94 ? 118 PHE A O   1 
ATOM   791  C CB  . PHE A 1 118 ? 8.645   -14.354 -1.506  1.00 37.11 ? 118 PHE A CB  1 
ATOM   792  C CG  . PHE A 1 118 ? 8.773   -12.871 -1.300  1.00 35.88 ? 118 PHE A CG  1 
ATOM   793  C CD1 . PHE A 1 118 ? 8.186   -11.978 -2.190  1.00 35.64 ? 118 PHE A CD1 1 
ATOM   794  C CD2 . PHE A 1 118 ? 9.469   -12.365 -0.207  1.00 35.11 ? 118 PHE A CD2 1 
ATOM   795  C CE1 . PHE A 1 118 ? 8.285   -10.600 -1.990  1.00 34.15 ? 118 PHE A CE1 1 
ATOM   796  C CE2 . PHE A 1 118 ? 9.576   -10.989 0.001   1.00 34.47 ? 118 PHE A CE2 1 
ATOM   797  C CZ  . PHE A 1 118 ? 8.983   -10.105 -0.891  1.00 34.15 ? 118 PHE A CZ  1 
ATOM   798  N N   . SER A 1 119 ? 9.866   -17.294 -1.618  1.00 42.03 ? 119 SER A N   1 
ATOM   799  C CA  . SER A 1 119 ? 9.597   -18.726 -1.701  1.00 45.38 ? 119 SER A CA  1 
ATOM   800  C C   . SER A 1 119 ? 9.842   -19.405 -0.360  1.00 46.17 ? 119 SER A C   1 
ATOM   801  O O   . SER A 1 119 ? 10.642  -18.931 0.450   1.00 45.64 ? 119 SER A O   1 
ATOM   802  C CB  . SER A 1 119 ? 10.468  -19.382 -2.780  1.00 46.28 ? 119 SER A CB  1 
ATOM   803  O OG  . SER A 1 119 ? 11.844  -19.271 -2.468  1.00 48.23 ? 119 SER A OG  1 
ATOM   804  N N   . ASN A 1 120 ? 9.140   -20.511 -0.131  1.00 48.99 ? 120 ASN A N   1 
ATOM   805  C CA  . ASN A 1 120 ? 9.270   -21.276 1.107   1.00 52.15 ? 120 ASN A CA  1 
ATOM   806  C C   . ASN A 1 120 ? 9.030   -20.413 2.344   1.00 53.58 ? 120 ASN A C   1 
ATOM   807  O O   . ASN A 1 120 ? 9.645   -20.626 3.390   1.00 53.73 ? 120 ASN A O   1 
ATOM   808  C CB  . ASN A 1 120 ? 10.662  -21.907 1.195   1.00 53.22 ? 120 ASN A CB  1 
ATOM   809  C CG  . ASN A 1 120 ? 11.085  -22.568 -0.101  1.00 53.70 ? 120 ASN A CG  1 
ATOM   810  O OD1 . ASN A 1 120 ? 10.349  -23.371 -0.673  1.00 54.61 ? 120 ASN A OD1 1 
ATOM   811  N ND2 . ASN A 1 120 ? 12.284  -22.235 -0.569  1.00 54.75 ? 120 ASN A ND2 1 
ATOM   812  N N   . GLU A 1 121 ? 8.137   -19.437 2.223   1.00 55.37 ? 121 GLU A N   1 
ATOM   813  C CA  . GLU A 1 121 ? 7.827   -18.555 3.338   1.00 57.35 ? 121 GLU A CA  1 
ATOM   814  C C   . GLU A 1 121 ? 7.065   -19.323 4.418   1.00 58.31 ? 121 GLU A C   1 
ATOM   815  O O   . GLU A 1 121 ? 5.860   -19.548 4.307   1.00 58.15 ? 121 GLU A O   1 
ATOM   816  C CB  . GLU A 1 121 ? 7.001   -17.369 2.841   1.00 58.04 ? 121 GLU A CB  1 
ATOM   817  C CG  . GLU A 1 121 ? 7.615   -16.013 3.153   1.00 58.94 ? 121 GLU A CG  1 
ATOM   818  C CD  . GLU A 1 121 ? 9.038   -15.876 2.645   1.00 58.75 ? 121 GLU A CD  1 
ATOM   819  O OE1 . GLU A 1 121 ? 9.275   -16.106 1.439   1.00 58.28 ? 121 GLU A OE1 1 
ATOM   820  O OE2 . GLU A 1 121 ? 9.920   -15.528 3.455   1.00 59.05 ? 121 GLU A OE2 1 
ATOM   821  N N   . SER A 1 122 ? 7.781   -19.719 5.464   1.00 59.69 ? 122 SER A N   1 
ATOM   822  C CA  . SER A 1 122 ? 7.192   -20.481 6.563   1.00 60.86 ? 122 SER A CA  1 
ATOM   823  C C   . SER A 1 122 ? 6.635   -19.603 7.683   1.00 60.66 ? 122 SER A C   1 
ATOM   824  O O   . SER A 1 122 ? 5.581   -19.898 8.248   1.00 61.40 ? 122 SER A O   1 
ATOM   825  C CB  . SER A 1 122 ? 8.233   -21.444 7.139   1.00 61.83 ? 122 SER A CB  1 
ATOM   826  O OG  . SER A 1 122 ? 9.383   -20.741 7.584   1.00 62.95 ? 122 SER A OG  1 
ATOM   827  N N   . SER A 1 123 ? 7.347   -18.525 7.997   1.00 59.76 ? 123 SER A N   1 
ATOM   828  C CA  . SER A 1 123 ? 6.942   -17.602 9.056   1.00 58.57 ? 123 SER A CA  1 
ATOM   829  C C   . SER A 1 123 ? 5.532   -17.028 8.888   1.00 56.80 ? 123 SER A C   1 
ATOM   830  O O   . SER A 1 123 ? 5.090   -16.216 9.701   1.00 56.57 ? 123 SER A O   1 
ATOM   831  C CB  . SER A 1 123 ? 7.944   -16.446 9.151   1.00 59.36 ? 123 SER A CB  1 
ATOM   832  O OG  . SER A 1 123 ? 7.981   -15.700 7.944   1.00 60.41 ? 123 SER A OG  1 
ATOM   833  N N   . GLY A 1 124 ? 4.832   -17.444 7.836   1.00 54.72 ? 124 GLY A N   1 
ATOM   834  C CA  . GLY A 1 124 ? 3.490   -16.941 7.602   1.00 50.15 ? 124 GLY A CA  1 
ATOM   835  C C   . GLY A 1 124 ? 3.050   -17.136 6.166   1.00 47.21 ? 124 GLY A C   1 
ATOM   836  O O   . GLY A 1 124 ? 3.718   -16.688 5.233   1.00 46.28 ? 124 GLY A O   1 
ATOM   837  N N   . SER A 1 125 ? 1.918   -17.807 5.987   1.00 44.22 ? 125 SER A N   1 
ATOM   838  C CA  . SER A 1 125 ? 1.396   -18.071 4.656   1.00 41.45 ? 125 SER A CA  1 
ATOM   839  C C   . SER A 1 125 ? 0.276   -17.118 4.275   1.00 39.32 ? 125 SER A C   1 
ATOM   840  O O   . SER A 1 125 ? -0.403  -16.554 5.135   1.00 38.27 ? 125 SER A O   1 
ATOM   841  C CB  . SER A 1 125 ? 0.880   -19.509 4.567   1.00 42.39 ? 125 SER A CB  1 
ATOM   842  O OG  . SER A 1 125 ? 1.916   -20.438 4.825   1.00 45.24 ? 125 SER A OG  1 
ATOM   843  N N   . LEU A 1 126 ? 0.095   -16.946 2.973   1.00 36.23 ? 126 LEU A N   1 
ATOM   844  C CA  . LEU A 1 126 ? -0.953  -16.090 2.452   1.00 34.26 ? 126 LEU A CA  1 
ATOM   845  C C   . LEU A 1 126 ? -2.212  -16.937 2.361   1.00 34.00 ? 126 LEU A C   1 
ATOM   846  O O   . LEU A 1 126 ? -2.146  -18.164 2.449   1.00 32.83 ? 126 LEU A O   1 
ATOM   847  C CB  . LEU A 1 126 ? -0.583  -15.586 1.056   1.00 31.84 ? 126 LEU A CB  1 
ATOM   848  C CG  . LEU A 1 126 ? 0.620   -14.647 0.933   1.00 32.74 ? 126 LEU A CG  1 
ATOM   849  C CD1 . LEU A 1 126 ? 0.935   -14.413 -0.530  1.00 30.10 ? 126 LEU A CD1 1 
ATOM   850  C CD2 . LEU A 1 126 ? 0.320   -13.329 1.640   1.00 32.74 ? 126 LEU A CD2 1 
ATOM   851  N N   . CYS A 1 127 ? -3.358  -16.281 2.200   1.00 32.23 ? 127 CYS A N   1 
ATOM   852  C CA  . CYS A 1 127 ? -4.622  -16.987 2.053   1.00 30.40 ? 127 CYS A CA  1 
ATOM   853  C C   . CYS A 1 127 ? -5.077  -16.685 0.638   1.00 30.31 ? 127 CYS A C   1 
ATOM   854  O O   . CYS A 1 127 ? -5.825  -17.450 0.032   1.00 30.90 ? 127 CYS A O   1 
ATOM   855  C CB  . CYS A 1 127 ? -5.683  -16.453 3.014   1.00 30.18 ? 127 CYS A CB  1 
ATOM   856  S SG  . CYS A 1 127 ? -5.249  -16.282 4.772   1.00 30.50 ? 127 CYS A SG  1 
ATOM   857  N N   . ARG A 1 128 ? -4.616  -15.549 0.120   1.00 29.29 ? 128 ARG A N   1 
ATOM   858  C CA  . ARG A 1 128 ? -4.975  -15.103 -1.221  1.00 29.66 ? 128 ARG A CA  1 
ATOM   859  C C   . ARG A 1 128 ? -6.460  -14.731 -1.245  1.00 28.15 ? 128 ARG A C   1 
ATOM   860  O O   . ARG A 1 128 ? -7.136  -14.929 -2.256  1.00 27.84 ? 128 ARG A O   1 
ATOM   861  C CB  . ARG A 1 128 ? -4.716  -16.211 -2.249  1.00 31.92 ? 128 ARG A CB  1 
ATOM   862  C CG  . ARG A 1 128 ? -3.431  -16.995 -2.039  1.00 35.73 ? 128 ARG A CG  1 
ATOM   863  C CD  . ARG A 1 128 ? -2.347  -16.574 -2.991  1.00 38.68 ? 128 ARG A CD  1 
ATOM   864  N NE  . ARG A 1 128 ? -2.702  -16.807 -4.389  1.00 39.93 ? 128 ARG A NE  1 
ATOM   865  C CZ  . ARG A 1 128 ? -2.930  -18.002 -4.923  1.00 40.58 ? 128 ARG A CZ  1 
ATOM   866  N NH1 . ARG A 1 128 ? -2.847  -19.094 -4.175  1.00 44.04 ? 128 ARG A NH1 1 
ATOM   867  N NH2 . ARG A 1 128 ? -3.227  -18.106 -6.211  1.00 39.47 ? 128 ARG A NH2 1 
ATOM   868  N N   . THR A 1 129 ? -6.957  -14.187 -0.133  1.00 27.04 ? 129 THR A N   1 
ATOM   869  C CA  . THR A 1 129 ? -8.366  -13.793 -0.017  1.00 25.94 ? 129 THR A CA  1 
ATOM   870  C C   . THR A 1 129 ? -8.617  -12.281 0.052   1.00 25.04 ? 129 THR A C   1 
ATOM   871  O O   . THR A 1 129 ? -9.769  -11.842 0.009   1.00 25.64 ? 129 THR A O   1 
ATOM   872  C CB  . THR A 1 129 ? -9.023  -14.422 1.225   1.00 26.65 ? 129 THR A CB  1 
ATOM   873  O OG1 . THR A 1 129 ? -8.299  -14.032 2.400   1.00 26.40 ? 129 THR A OG1 1 
ATOM   874  C CG2 . THR A 1 129 ? -9.043  -15.938 1.111   1.00 27.03 ? 129 THR A CG2 1 
ATOM   875  N N   . ASN A 1 130 ? -7.554  -11.492 0.175   1.00 22.39 ? 130 ASN A N   1 
ATOM   876  C CA  . ASN A 1 130 ? -7.691  -10.039 0.226   1.00 20.82 ? 130 ASN A CA  1 
ATOM   877  C C   . ASN A 1 130 ? -6.771  -9.412  -0.806  1.00 21.06 ? 130 ASN A C   1 
ATOM   878  O O   . ASN A 1 130 ? -5.627  -9.840  -0.978  1.00 22.63 ? 130 ASN A O   1 
ATOM   879  C CB  . ASN A 1 130 ? -7.293  -9.478  1.595   1.00 21.74 ? 130 ASN A CB  1 
ATOM   880  C CG  . ASN A 1 130 ? -8.057  -10.097 2.736   1.00 22.74 ? 130 ASN A CG  1 
ATOM   881  O OD1 . ASN A 1 130 ? -7.557  -10.153 3.861   1.00 24.23 ? 130 ASN A OD1 1 
ATOM   882  N ND2 . ASN A 1 130 ? -9.276  -10.557 2.467   1.00 24.43 ? 130 ASN A ND2 1 
ATOM   883  N N   . ALA A 1 131 ? -7.281  -8.401  -1.493  1.00 19.12 ? 131 ALA A N   1 
ATOM   884  C CA  . ALA A 1 131 ? -6.509  -7.658  -2.481  1.00 20.88 ? 131 ALA A CA  1 
ATOM   885  C C   . ALA A 1 131 ? -6.781  -6.204  -2.097  1.00 21.23 ? 131 ALA A C   1 
ATOM   886  O O   . ALA A 1 131 ? -7.933  -5.850  -1.839  1.00 21.42 ? 131 ALA A O   1 
ATOM   887  C CB  . ALA A 1 131 ? -7.024  -7.939  -3.885  1.00 19.76 ? 131 ALA A CB  1 
ATOM   888  N N   . GLU A 1 132 ? -5.748  -5.367  -2.046  1.00 19.43 ? 132 GLU A N   1 
ATOM   889  C CA  . GLU A 1 132 ? -5.967  -3.979  -1.660  1.00 18.72 ? 132 GLU A CA  1 
ATOM   890  C C   . GLU A 1 132 ? -5.020  -2.907  -2.213  1.00 18.84 ? 132 GLU A C   1 
ATOM   891  O O   . GLU A 1 132 ? -3.889  -3.182  -2.626  1.00 16.36 ? 132 GLU A O   1 
ATOM   892  C CB  . GLU A 1 132 ? -6.002  -3.876  -0.123  1.00 18.55 ? 132 GLU A CB  1 
ATOM   893  C CG  . GLU A 1 132 ? -4.712  -4.290  0.580   1.00 19.49 ? 132 GLU A CG  1 
ATOM   894  C CD  . GLU A 1 132 ? -4.656  -5.767  0.944   1.00 23.25 ? 132 GLU A CD  1 
ATOM   895  O OE1 . GLU A 1 132 ? -3.573  -6.226  1.384   1.00 21.38 ? 132 GLU A OE1 1 
ATOM   896  O OE2 . GLU A 1 132 ? -5.685  -6.470  0.805   1.00 23.28 ? 132 GLU A OE2 1 
ATOM   897  N N   . PHE A 1 133 ? -5.523  -1.675  -2.201  1.00 16.66 ? 133 PHE A N   1 
ATOM   898  C CA  . PHE A 1 133 ? -4.804  -0.484  -2.640  1.00 15.87 ? 133 PHE A CA  1 
ATOM   899  C C   . PHE A 1 133 ? -5.014  0.420   -1.429  1.00 16.14 ? 133 PHE A C   1 
ATOM   900  O O   . PHE A 1 133 ? -6.135  0.840   -1.145  1.00 15.19 ? 133 PHE A O   1 
ATOM   901  C CB  . PHE A 1 133 ? -5.458  0.071   -3.903  1.00 17.44 ? 133 PHE A CB  1 
ATOM   902  C CG  . PHE A 1 133 ? -5.554  -0.940  -5.012  1.00 19.67 ? 133 PHE A CG  1 
ATOM   903  C CD1 . PHE A 1 133 ? -6.572  -1.892  -5.022  1.00 20.17 ? 133 PHE A CD1 1 
ATOM   904  C CD2 . PHE A 1 133 ? -4.577  -0.998  -6.003  1.00 19.70 ? 133 PHE A CD2 1 
ATOM   905  C CE1 . PHE A 1 133 ? -6.613  -2.893  -6.003  1.00 20.37 ? 133 PHE A CE1 1 
ATOM   906  C CE2 . PHE A 1 133 ? -4.607  -1.992  -6.986  1.00 21.12 ? 133 PHE A CE2 1 
ATOM   907  C CZ  . PHE A 1 133 ? -5.626  -2.941  -6.985  1.00 19.78 ? 133 PHE A CZ  1 
ATOM   908  N N   . ILE A 1 134 ? -3.931  0.716   -0.718  1.00 14.48 ? 134 ILE A N   1 
ATOM   909  C CA  . ILE A 1 134 ? -4.036  1.457   0.530   1.00 11.47 ? 134 ILE A CA  1 
ATOM   910  C C   . ILE A 1 134 ? -3.123  2.668   0.736   1.00 13.55 ? 134 ILE A C   1 
ATOM   911  O O   . ILE A 1 134 ? -2.014  2.737   0.195   1.00 12.69 ? 134 ILE A O   1 
ATOM   912  C CB  . ILE A 1 134 ? -3.759  0.473   1.719   1.00 11.58 ? 134 ILE A CB  1 
ATOM   913  C CG1 . ILE A 1 134 ? -4.727  -0.717  1.675   1.00 11.92 ? 134 ILE A CG1 1 
ATOM   914  C CG2 . ILE A 1 134 ? -3.848  1.197   3.047   1.00 7.19  ? 134 ILE A CG2 1 
ATOM   915  C CD1 . ILE A 1 134 ? -6.190  -0.370  2.000   1.00 13.55 ? 134 ILE A CD1 1 
ATOM   916  N N   . ILE A 1 135 ? -3.622  3.609   1.538   1.00 12.15 ? 135 ILE A N   1 
ATOM   917  C CA  . ILE A 1 135 ? -2.891  4.795   1.971   1.00 13.02 ? 135 ILE A CA  1 
ATOM   918  C C   . ILE A 1 135 ? -2.934  4.548   3.477   1.00 13.75 ? 135 ILE A C   1 
ATOM   919  O O   . ILE A 1 135 ? -4.017  4.411   4.052   1.00 12.88 ? 135 ILE A O   1 
ATOM   920  C CB  . ILE A 1 135 ? -3.623  6.118   1.680   1.00 14.07 ? 135 ILE A CB  1 
ATOM   921  C CG1 . ILE A 1 135 ? -3.743  6.345   0.168   1.00 14.23 ? 135 ILE A CG1 1 
ATOM   922  C CG2 . ILE A 1 135 ? -2.865  7.264   2.332   1.00 13.51 ? 135 ILE A CG2 1 
ATOM   923  C CD1 . ILE A 1 135 ? -2.425  6.410   -0.563  1.00 11.72 ? 135 ILE A CD1 1 
ATOM   924  N N   . GLU A 1 136 ? -1.775  4.496   4.122   1.00 12.46 ? 136 GLU A N   1 
ATOM   925  C CA  . GLU A 1 136 ? -1.743  4.179   5.541   1.00 12.25 ? 136 GLU A CA  1 
ATOM   926  C C   . GLU A 1 136 ? -0.918  5.066   6.465   1.00 13.61 ? 136 GLU A C   1 
ATOM   927  O O   . GLU A 1 136 ? 0.066   5.670   6.054   1.00 13.24 ? 136 GLU A O   1 
ATOM   928  C CB  . GLU A 1 136 ? -1.263  2.729   5.688   1.00 13.23 ? 136 GLU A CB  1 
ATOM   929  C CG  . GLU A 1 136 ? -0.942  2.276   7.104   1.00 12.36 ? 136 GLU A CG  1 
ATOM   930  C CD  . GLU A 1 136 ? -0.349  0.874   7.144   1.00 15.96 ? 136 GLU A CD  1 
ATOM   931  O OE1 . GLU A 1 136 ? -0.109  0.355   8.257   1.00 21.17 ? 136 GLU A OE1 1 
ATOM   932  O OE2 . GLU A 1 136 ? -0.116  0.291   6.067   1.00 14.67 ? 136 GLU A OE2 1 
ATOM   933  N N   . ASP A 1 137 ? -1.352  5.134   7.722   1.00 13.58 ? 137 ASP A N   1 
ATOM   934  C CA  . ASP A 1 137 ? -0.638  5.859   8.769   1.00 15.77 ? 137 ASP A CA  1 
ATOM   935  C C   . ASP A 1 137 ? 0.056   4.687   9.466   1.00 16.29 ? 137 ASP A C   1 
ATOM   936  O O   . ASP A 1 137 ? -0.484  4.099   10.400  1.00 16.80 ? 137 ASP A O   1 
ATOM   937  C CB  . ASP A 1 137 ? -1.614  6.546   9.731   1.00 11.56 ? 137 ASP A CB  1 
ATOM   938  C CG  . ASP A 1 137 ? -0.902  7.267   10.872  1.00 15.22 ? 137 ASP A CG  1 
ATOM   939  O OD1 . ASP A 1 137 ? -1.589  7.886   11.716  1.00 12.03 ? 137 ASP A OD1 1 
ATOM   940  O OD2 . ASP A 1 137 ? 0.349   7.209   10.929  1.00 14.09 ? 137 ASP A OD2 1 
ATOM   941  N N   . PHE A 1 138 ? 1.244   4.336   8.988   1.00 18.11 ? 138 PHE A N   1 
ATOM   942  C CA  . PHE A 1 138 ? 1.964   3.186   9.524   1.00 19.19 ? 138 PHE A CA  1 
ATOM   943  C C   . PHE A 1 138 ? 2.504   3.315   10.934  1.00 21.90 ? 138 PHE A C   1 
ATOM   944  O O   . PHE A 1 138 ? 2.593   4.410   11.492  1.00 20.65 ? 138 PHE A O   1 
ATOM   945  C CB  . PHE A 1 138 ? 3.100   2.765   8.576   1.00 19.12 ? 138 PHE A CB  1 
ATOM   946  C CG  . PHE A 1 138 ? 4.109   3.851   8.300   1.00 19.46 ? 138 PHE A CG  1 
ATOM   947  C CD1 . PHE A 1 138 ? 3.923   4.743   7.248   1.00 17.23 ? 138 PHE A CD1 1 
ATOM   948  C CD2 . PHE A 1 138 ? 5.254   3.973   9.089   1.00 19.49 ? 138 PHE A CD2 1 
ATOM   949  C CE1 . PHE A 1 138 ? 4.866   5.741   6.979   1.00 20.40 ? 138 PHE A CE1 1 
ATOM   950  C CE2 . PHE A 1 138 ? 6.206   4.967   8.834   1.00 18.11 ? 138 PHE A CE2 1 
ATOM   951  C CZ  . PHE A 1 138 ? 6.012   5.852   7.775   1.00 20.72 ? 138 PHE A CZ  1 
ATOM   952  N N   . GLU A 1 139 ? 2.850   2.165   11.505  1.00 25.70 ? 139 GLU A N   1 
ATOM   953  C CA  . GLU A 1 139 ? 3.384   2.084   12.858  1.00 31.35 ? 139 GLU A CA  1 
ATOM   954  C C   . GLU A 1 139 ? 4.898   2.047   12.860  1.00 31.14 ? 139 GLU A C   1 
ATOM   955  O O   . GLU A 1 139 ? 5.523   1.643   11.888  1.00 30.44 ? 139 GLU A O   1 
ATOM   956  C CB  . GLU A 1 139 ? 2.895   0.815   13.556  1.00 33.84 ? 139 GLU A CB  1 
ATOM   957  C CG  . GLU A 1 139 ? 1.394   0.628   13.586  1.00 40.09 ? 139 GLU A CG  1 
ATOM   958  C CD  . GLU A 1 139 ? 0.997   -0.710  14.188  1.00 41.88 ? 139 GLU A CD  1 
ATOM   959  O OE1 . GLU A 1 139 ? -0.216  -1.017  14.197  1.00 44.75 ? 139 GLU A OE1 1 
ATOM   960  O OE2 . GLU A 1 139 ? 1.895   -1.453  14.649  1.00 41.98 ? 139 GLU A OE2 1 
ATOM   961  N N   . GLU A 1 140 ? 5.471   2.471   13.977  1.00 34.19 ? 140 GLU A N   1 
ATOM   962  C CA  . GLU A 1 140 ? 6.910   2.458   14.183  1.00 38.85 ? 140 GLU A CA  1 
ATOM   963  C C   . GLU A 1 140 ? 7.091   1.830   15.555  1.00 40.50 ? 140 GLU A C   1 
ATOM   964  O O   . GLU A 1 140 ? 6.558   2.331   16.549  1.00 38.97 ? 140 GLU A O   1 
ATOM   965  C CB  . GLU A 1 140 ? 7.482   3.877   14.189  1.00 40.73 ? 140 GLU A CB  1 
ATOM   966  C CG  . GLU A 1 140 ? 7.472   4.560   12.838  1.00 47.88 ? 140 GLU A CG  1 
ATOM   967  C CD  . GLU A 1 140 ? 8.603   4.109   11.927  1.00 51.31 ? 140 GLU A CD  1 
ATOM   968  O OE1 . GLU A 1 140 ? 8.760   2.883   11.720  1.00 53.69 ? 140 GLU A OE1 1 
ATOM   969  O OE2 . GLU A 1 140 ? 9.330   4.987   11.411  1.00 53.23 ? 140 GLU A OE2 1 
ATOM   970  N N   . CYS A 1 141 ? 7.816   0.720   15.603  1.00 43.98 ? 141 CYS A N   1 
ATOM   971  C CA  . CYS A 1 141 ? 8.071   0.027   16.859  1.00 47.62 ? 141 CYS A CA  1 
ATOM   972  C C   . CYS A 1 141 ? 9.556   0.101   17.194  1.00 51.55 ? 141 CYS A C   1 
ATOM   973  O O   . CYS A 1 141 ? 10.362  0.567   16.390  1.00 52.45 ? 141 CYS A O   1 
ATOM   974  C CB  . CYS A 1 141 ? 7.685   -1.442  16.751  1.00 45.52 ? 141 CYS A CB  1 
ATOM   975  S SG  . CYS A 1 141 ? 6.002   -1.851  16.190  1.00 43.87 ? 141 CYS A SG  1 
ATOM   976  N N   . ASN A 1 142 ? 9.908   -0.379  18.382  1.00 56.63 ? 142 ASN A N   1 
ATOM   977  C CA  . ASN A 1 142 ? 11.291  -0.399  18.847  1.00 61.39 ? 142 ASN A CA  1 
ATOM   978  C C   . ASN A 1 142 ? 11.302  -0.983  20.253  1.00 64.14 ? 142 ASN A C   1 
ATOM   979  O O   . ASN A 1 142 ? 10.346  -1.649  20.659  1.00 63.43 ? 142 ASN A O   1 
ATOM   980  C CB  . ASN A 1 142 ? 11.889  1.015   18.870  1.00 64.28 ? 142 ASN A CB  1 
ATOM   981  C CG  . ASN A 1 142 ? 13.400  1.014   19.115  1.00 66.53 ? 142 ASN A CG  1 
ATOM   982  O OD1 . ASN A 1 142 ? 14.172  0.491   18.308  1.00 67.42 ? 142 ASN A OD1 1 
ATOM   983  N ND2 . ASN A 1 142 ? 13.821  1.598   20.235  1.00 66.57 ? 142 ASN A ND2 1 
ATOM   984  N N   . SER A 1 143 ? 12.378  -0.718  20.992  1.00 67.10 ? 143 SER A N   1 
ATOM   985  C CA  . SER A 1 143 ? 12.521  -1.227  22.352  1.00 69.27 ? 143 SER A CA  1 
ATOM   986  C C   . SER A 1 143 ? 12.190  -2.720  22.357  1.00 70.51 ? 143 SER A C   1 
ATOM   987  O O   . SER A 1 143 ? 11.298  -3.172  23.084  1.00 71.67 ? 143 SER A O   1 
ATOM   988  C CB  . SER A 1 143 ? 11.591  -0.462  23.304  1.00 69.71 ? 143 SER A CB  1 
ATOM   989  O OG  . SER A 1 143 ? 10.258  -0.423  22.814  1.00 69.08 ? 143 SER A OG  1 
ATOM   990  N N   . ASN A 1 144 ? 12.918  -3.468  21.528  1.00 70.40 ? 144 ASN A N   1 
ATOM   991  C CA  . ASN A 1 144 ? 12.737  -4.911  21.382  1.00 70.13 ? 144 ASN A CA  1 
ATOM   992  C C   . ASN A 1 144 ? 11.590  -5.185  20.413  1.00 68.32 ? 144 ASN A C   1 
ATOM   993  O O   . ASN A 1 144 ? 11.810  -5.552  19.256  1.00 68.05 ? 144 ASN A O   1 
ATOM   994  C CB  . ASN A 1 144 ? 12.440  -5.556  22.742  1.00 72.40 ? 144 ASN A CB  1 
ATOM   995  C CG  . ASN A 1 144 ? 13.415  -5.114  23.821  1.00 74.83 ? 144 ASN A CG  1 
ATOM   996  O OD1 . ASN A 1 144 ? 14.626  -5.318  23.705  1.00 76.08 ? 144 ASN A OD1 1 
ATOM   997  N ND2 . ASN A 1 144 ? 12.889  -4.500  24.876  1.00 75.60 ? 144 ASN A ND2 1 
ATOM   998  N N   . GLY A 1 145 ? 10.367  -4.996  20.894  1.00 66.14 ? 145 GLY A N   1 
ATOM   999  C CA  . GLY A 1 145 ? 9.192   -5.212  20.070  1.00 62.85 ? 145 GLY A CA  1 
ATOM   1000 C C   . GLY A 1 145 ? 7.957   -4.768  20.824  1.00 60.19 ? 145 GLY A C   1 
ATOM   1001 O O   . GLY A 1 145 ? 6.831   -4.908  20.352  1.00 60.13 ? 145 GLY A O   1 
ATOM   1002 N N   . SER A 1 146 ? 8.184   -4.221  22.012  1.00 57.38 ? 146 SER A N   1 
ATOM   1003 C CA  . SER A 1 146 ? 7.105   -3.758  22.865  1.00 53.99 ? 146 SER A CA  1 
ATOM   1004 C C   . SER A 1 146 ? 6.403   -2.506  22.351  1.00 52.41 ? 146 SER A C   1 
ATOM   1005 O O   . SER A 1 146 ? 5.334   -2.595  21.746  1.00 54.06 ? 146 SER A O   1 
ATOM   1006 C CB  . SER A 1 146 ? 7.637   -3.517  24.283  1.00 53.75 ? 146 SER A CB  1 
ATOM   1007 O OG  . SER A 1 146 ? 8.801   -2.711  24.271  1.00 51.00 ? 146 SER A OG  1 
ATOM   1008 N N   . ASP A 1 147 ? 7.016   -1.347  22.584  1.00 48.57 ? 147 ASP A N   1 
ATOM   1009 C CA  . ASP A 1 147 ? 6.456   -0.055  22.189  1.00 44.85 ? 147 ASP A CA  1 
ATOM   1010 C C   . ASP A 1 147 ? 6.310   0.231   20.697  1.00 42.47 ? 147 ASP A C   1 
ATOM   1011 O O   . ASP A 1 147 ? 7.295   0.407   19.982  1.00 41.70 ? 147 ASP A O   1 
ATOM   1012 C CB  . ASP A 1 147 ? 7.270   1.076   22.825  1.00 45.61 ? 147 ASP A CB  1 
ATOM   1013 C CG  . ASP A 1 147 ? 6.699   2.458   22.524  1.00 46.55 ? 147 ASP A CG  1 
ATOM   1014 O OD1 . ASP A 1 147 ? 7.309   3.455   22.960  1.00 46.51 ? 147 ASP A OD1 1 
ATOM   1015 O OD2 . ASP A 1 147 ? 5.645   2.556   21.860  1.00 46.10 ? 147 ASP A OD2 1 
ATOM   1016 N N   . CYS A 1 148 ? 5.064   0.290   20.241  1.00 39.10 ? 148 CYS A N   1 
ATOM   1017 C CA  . CYS A 1 148 ? 4.767   0.602   18.851  1.00 36.97 ? 148 CYS A CA  1 
ATOM   1018 C C   . CYS A 1 148 ? 3.853   1.819   18.853  1.00 35.19 ? 148 CYS A C   1 
ATOM   1019 O O   . CYS A 1 148 ? 2.994   1.960   19.725  1.00 33.67 ? 148 CYS A O   1 
ATOM   1020 C CB  . CYS A 1 148 ? 4.047   -0.547  18.159  1.00 38.57 ? 148 CYS A CB  1 
ATOM   1021 S SG  . CYS A 1 148 ? 4.958   -2.106  17.915  1.00 42.04 ? 148 CYS A SG  1 
ATOM   1022 N N   . GLU A 1 149 ? 4.032   2.693   17.873  1.00 32.95 ? 149 GLU A N   1 
ATOM   1023 C CA  . GLU A 1 149 ? 3.226   3.898   17.777  1.00 30.62 ? 149 GLU A CA  1 
ATOM   1024 C C   . GLU A 1 149 ? 2.968   4.256   16.323  1.00 26.75 ? 149 GLU A C   1 
ATOM   1025 O O   . GLU A 1 149 ? 3.783   3.961   15.453  1.00 25.28 ? 149 GLU A O   1 
ATOM   1026 C CB  . GLU A 1 149 ? 3.948   5.060   18.466  1.00 34.29 ? 149 GLU A CB  1 
ATOM   1027 C CG  . GLU A 1 149 ? 3.804   5.086   19.979  1.00 40.67 ? 149 GLU A CG  1 
ATOM   1028 C CD  . GLU A 1 149 ? 2.695   6.024   20.436  1.00 45.70 ? 149 GLU A CD  1 
ATOM   1029 O OE1 . GLU A 1 149 ? 2.321   5.981   21.629  1.00 48.71 ? 149 GLU A OE1 1 
ATOM   1030 O OE2 . GLU A 1 149 ? 2.203   6.815   19.600  1.00 49.20 ? 149 GLU A OE2 1 
ATOM   1031 N N   . PHE A 1 150 ? 1.825   4.875   16.056  1.00 22.35 ? 150 PHE A N   1 
ATOM   1032 C CA  . PHE A 1 150 ? 1.516   5.295   14.700  1.00 20.64 ? 150 PHE A CA  1 
ATOM   1033 C C   . PHE A 1 150 ? 2.282   6.588   14.473  1.00 18.95 ? 150 PHE A C   1 
ATOM   1034 O O   . PHE A 1 150 ? 2.285   7.466   15.335  1.00 18.13 ? 150 PHE A O   1 
ATOM   1035 C CB  . PHE A 1 150 ? 0.021   5.579   14.523  1.00 20.00 ? 150 PHE A CB  1 
ATOM   1036 C CG  . PHE A 1 150 ? -0.855  4.366   14.651  1.00 19.09 ? 150 PHE A CG  1 
ATOM   1037 C CD1 . PHE A 1 150 ? -1.627  4.166   15.794  1.00 19.67 ? 150 PHE A CD1 1 
ATOM   1038 C CD2 . PHE A 1 150 ? -0.920  3.433   13.628  1.00 18.06 ? 150 PHE A CD2 1 
ATOM   1039 C CE1 . PHE A 1 150 ? -2.455  3.052   15.912  1.00 17.01 ? 150 PHE A CE1 1 
ATOM   1040 C CE2 . PHE A 1 150 ? -1.746  2.313   13.738  1.00 19.26 ? 150 PHE A CE2 1 
ATOM   1041 C CZ  . PHE A 1 150 ? -2.515  2.126   14.884  1.00 17.87 ? 150 PHE A CZ  1 
ATOM   1042 N N   . VAL A 1 151 ? 2.941   6.704   13.329  1.00 17.92 ? 151 VAL A N   1 
ATOM   1043 C CA  . VAL A 1 151 ? 3.675   7.922   13.014  1.00 18.39 ? 151 VAL A CA  1 
ATOM   1044 C C   . VAL A 1 151 ? 2.675   9.056   12.822  1.00 18.03 ? 151 VAL A C   1 
ATOM   1045 O O   . VAL A 1 151 ? 1.532   8.824   12.424  1.00 15.14 ? 151 VAL A O   1 
ATOM   1046 C CB  . VAL A 1 151 ? 4.472   7.790   11.688  1.00 20.24 ? 151 VAL A CB  1 
ATOM   1047 C CG1 . VAL A 1 151 ? 5.483   6.682   11.796  1.00 22.32 ? 151 VAL A CG1 1 
ATOM   1048 C CG2 . VAL A 1 151 ? 3.518   7.515   10.527  1.00 19.23 ? 151 VAL A CG2 1 
ATOM   1049 N N   . PRO A 1 152 ? 3.078   10.298  13.131  1.00 18.80 ? 152 PRO A N   1 
ATOM   1050 C CA  . PRO A 1 152 ? 2.114   11.382  12.923  1.00 16.85 ? 152 PRO A CA  1 
ATOM   1051 C C   . PRO A 1 152 ? 1.782   11.327  11.428  1.00 15.62 ? 152 PRO A C   1 
ATOM   1052 O O   . PRO A 1 152 ? 2.663   11.076  10.609  1.00 16.22 ? 152 PRO A O   1 
ATOM   1053 C CB  . PRO A 1 152 ? 2.911   12.622  13.298  1.00 16.25 ? 152 PRO A CB  1 
ATOM   1054 C CG  . PRO A 1 152 ? 3.826   12.104  14.389  1.00 18.18 ? 152 PRO A CG  1 
ATOM   1055 C CD  . PRO A 1 152 ? 4.290   10.781  13.818  1.00 17.94 ? 152 PRO A CD  1 
ATOM   1056 N N   . PHE A 1 153 ? 0.523   11.545  11.071  1.00 15.67 ? 153 PHE A N   1 
ATOM   1057 C CA  . PHE A 1 153 ? 0.118   11.478  9.669   1.00 14.32 ? 153 PHE A CA  1 
ATOM   1058 C C   . PHE A 1 153 ? 0.433   12.775  8.929   1.00 13.97 ? 153 PHE A C   1 
ATOM   1059 O O   . PHE A 1 153 ? -0.038  13.848  9.307   1.00 13.63 ? 153 PHE A O   1 
ATOM   1060 C CB  . PHE A 1 153 ? -1.380  11.183  9.574   1.00 11.80 ? 153 PHE A CB  1 
ATOM   1061 C CG  . PHE A 1 153 ? -1.806  10.596  8.251   1.00 12.25 ? 153 PHE A CG  1 
ATOM   1062 C CD1 . PHE A 1 153 ? -2.863  11.157  7.533   1.00 11.41 ? 153 PHE A CD1 1 
ATOM   1063 C CD2 . PHE A 1 153 ? -1.178  9.456   7.746   1.00 10.14 ? 153 PHE A CD2 1 
ATOM   1064 C CE1 . PHE A 1 153 ? -3.296  10.586  6.323   1.00 12.17 ? 153 PHE A CE1 1 
ATOM   1065 C CE2 . PHE A 1 153 ? -1.597  8.878   6.547   1.00 11.40 ? 153 PHE A CE2 1 
ATOM   1066 C CZ  . PHE A 1 153 ? -2.664  9.445   5.830   1.00 11.73 ? 153 PHE A CZ  1 
ATOM   1067 N N   . ALA A 1 154 ? 1.227   12.670  7.870   1.00 11.75 ? 154 ALA A N   1 
ATOM   1068 C CA  . ALA A 1 154 ? 1.596   13.839  7.087   1.00 11.24 ? 154 ALA A CA  1 
ATOM   1069 C C   . ALA A 1 154 ? 0.476   14.287  6.150   1.00 12.60 ? 154 ALA A C   1 
ATOM   1070 O O   . ALA A 1 154 ? -0.315  13.476  5.664   1.00 10.79 ? 154 ALA A O   1 
ATOM   1071 C CB  . ALA A 1 154 ? 2.840   13.540  6.273   1.00 10.30 ? 154 ALA A CB  1 
ATOM   1072 N N   . SER A 1 155 ? 0.402   15.587  5.904   1.00 13.63 ? 155 SER A N   1 
ATOM   1073 C CA  . SER A 1 155 ? -0.589  16.092  4.968   1.00 14.26 ? 155 SER A CA  1 
ATOM   1074 C C   . SER A 1 155 ? 0.097   15.863  3.623   1.00 14.77 ? 155 SER A C   1 
ATOM   1075 O O   . SER A 1 155 ? 1.329   15.859  3.549   1.00 15.32 ? 155 SER A O   1 
ATOM   1076 C CB  . SER A 1 155 ? -0.824  17.587  5.178   1.00 16.35 ? 155 SER A CB  1 
ATOM   1077 O OG  . SER A 1 155 ? 0.320   18.325  4.796   1.00 18.21 ? 155 SER A OG  1 
ATOM   1078 N N   . PHE A 1 156 ? -0.679  15.643  2.571   1.00 13.03 ? 156 PHE A N   1 
ATOM   1079 C CA  . PHE A 1 156 ? -0.087  15.431  1.255   1.00 15.45 ? 156 PHE A CA  1 
ATOM   1080 C C   . PHE A 1 156 ? -0.968  15.972  0.150   1.00 15.73 ? 156 PHE A C   1 
ATOM   1081 O O   . PHE A 1 156 ? -2.185  16.095  0.315   1.00 15.61 ? 156 PHE A O   1 
ATOM   1082 C CB  . PHE A 1 156 ? 0.202   13.937  1.011   1.00 13.66 ? 156 PHE A CB  1 
ATOM   1083 C CG  . PHE A 1 156 ? -1.022  13.056  1.034   1.00 14.74 ? 156 PHE A CG  1 
ATOM   1084 C CD1 . PHE A 1 156 ? -1.850  12.958  -0.078  1.00 14.09 ? 156 PHE A CD1 1 
ATOM   1085 C CD2 . PHE A 1 156 ? -1.334  12.310  2.168   1.00 15.15 ? 156 PHE A CD2 1 
ATOM   1086 C CE1 . PHE A 1 156 ? -2.972  12.129  -0.060  1.00 14.89 ? 156 PHE A CE1 1 
ATOM   1087 C CE2 . PHE A 1 156 ? -2.455  11.476  2.197   1.00 15.83 ? 156 PHE A CE2 1 
ATOM   1088 C CZ  . PHE A 1 156 ? -3.275  11.386  1.081   1.00 13.37 ? 156 PHE A CZ  1 
ATOM   1089 N N   . SER A 1 157 ? -0.339  16.301  -0.974  1.00 16.53 ? 157 SER A N   1 
ATOM   1090 C CA  . SER A 1 157 ? -1.055  16.813  -2.135  1.00 18.08 ? 157 SER A CA  1 
ATOM   1091 C C   . SER A 1 157 ? -0.147  16.745  -3.352  1.00 17.34 ? 157 SER A C   1 
ATOM   1092 O O   . SER A 1 157 ? 1.067   16.878  -3.226  1.00 19.18 ? 157 SER A O   1 
ATOM   1093 C CB  . SER A 1 157 ? -1.495  18.259  -1.900  1.00 18.96 ? 157 SER A CB  1 
ATOM   1094 O OG  . SER A 1 157 ? -0.381  19.078  -1.618  1.00 22.84 ? 157 SER A OG  1 
ATOM   1095 N N   . PRO A 1 158 ? -0.724  16.512  -4.544  1.00 16.69 ? 158 PRO A N   1 
ATOM   1096 C CA  . PRO A 1 158 ? -2.168  16.319  -4.729  1.00 16.62 ? 158 PRO A CA  1 
ATOM   1097 C C   . PRO A 1 158 ? -2.598  14.960  -4.171  1.00 17.14 ? 158 PRO A C   1 
ATOM   1098 O O   . PRO A 1 158 ? -1.854  14.312  -3.428  1.00 15.90 ? 158 PRO A O   1 
ATOM   1099 C CB  . PRO A 1 158 ? -2.333  16.398  -6.247  1.00 17.54 ? 158 PRO A CB  1 
ATOM   1100 C CG  . PRO A 1 158 ? -1.063  15.741  -6.734  1.00 18.43 ? 158 PRO A CG  1 
ATOM   1101 C CD  . PRO A 1 158 ? -0.007  16.368  -5.826  1.00 16.07 ? 158 PRO A CD  1 
ATOM   1102 N N   . ALA A 1 159 ? -3.801  14.535  -4.531  1.00 16.13 ? 159 ALA A N   1 
ATOM   1103 C CA  . ALA A 1 159 ? -4.317  13.259  -4.074  1.00 17.09 ? 159 ALA A CA  1 
ATOM   1104 C C   . ALA A 1 159 ? -3.479  12.125  -4.664  1.00 16.65 ? 159 ALA A C   1 
ATOM   1105 O O   . ALA A 1 159 ? -2.990  12.226  -5.791  1.00 15.80 ? 159 ALA A O   1 
ATOM   1106 C CB  . ALA A 1 159 ? -5.769  13.107  -4.505  1.00 14.75 ? 159 ALA A CB  1 
ATOM   1107 N N   . VAL A 1 160 ? -3.307  11.055  -3.898  1.00 15.48 ? 160 VAL A N   1 
ATOM   1108 C CA  . VAL A 1 160 ? -2.563  9.902   -4.385  1.00 16.29 ? 160 VAL A CA  1 
ATOM   1109 C C   . VAL A 1 160 ? -3.568  9.031   -5.107  1.00 16.49 ? 160 VAL A C   1 
ATOM   1110 O O   . VAL A 1 160 ? -4.529  8.549   -4.512  1.00 16.29 ? 160 VAL A O   1 
ATOM   1111 C CB  . VAL A 1 160 ? -1.931  9.096   -3.248  1.00 14.12 ? 160 VAL A CB  1 
ATOM   1112 C CG1 . VAL A 1 160 ? -1.238  7.849   -3.820  1.00 14.99 ? 160 VAL A CG1 1 
ATOM   1113 C CG2 . VAL A 1 160 ? -0.930  9.961   -2.510  1.00 16.82 ? 160 VAL A CG2 1 
ATOM   1114 N N   . GLU A 1 161 ? -3.352  8.842   -6.400  1.00 19.06 ? 161 GLU A N   1 
ATOM   1115 C CA  . GLU A 1 161 ? -4.269  8.041   -7.188  1.00 20.31 ? 161 GLU A CA  1 
ATOM   1116 C C   . GLU A 1 161 ? -3.667  6.762   -7.728  1.00 19.58 ? 161 GLU A C   1 
ATOM   1117 O O   . GLU A 1 161 ? -2.628  6.782   -8.394  1.00 19.39 ? 161 GLU A O   1 
ATOM   1118 C CB  . GLU A 1 161 ? -4.813  8.882   -8.339  1.00 24.09 ? 161 GLU A CB  1 
ATOM   1119 C CG  . GLU A 1 161 ? -5.686  10.022  -7.852  1.00 30.72 ? 161 GLU A CG  1 
ATOM   1120 C CD  . GLU A 1 161 ? -6.267  10.833  -8.979  1.00 34.03 ? 161 GLU A CD  1 
ATOM   1121 O OE1 . GLU A 1 161 ? -6.800  10.226  -9.933  1.00 38.24 ? 161 GLU A OE1 1 
ATOM   1122 O OE2 . GLU A 1 161 ? -6.198  12.077  -8.904  1.00 35.95 ? 161 GLU A OE2 1 
ATOM   1123 N N   . PHE A 1 162 ? -4.317  5.649   -7.408  1.00 18.58 ? 162 PHE A N   1 
ATOM   1124 C CA  . PHE A 1 162 ? -3.890  4.342   -7.892  1.00 18.79 ? 162 PHE A CA  1 
ATOM   1125 C C   . PHE A 1 162 ? -4.639  4.190   -9.209  1.00 19.79 ? 162 PHE A C   1 
ATOM   1126 O O   . PHE A 1 162 ? -5.841  3.927   -9.206  1.00 19.34 ? 162 PHE A O   1 
ATOM   1127 C CB  . PHE A 1 162 ? -4.338  3.225   -6.951  1.00 16.69 ? 162 PHE A CB  1 
ATOM   1128 C CG  . PHE A 1 162 ? -3.694  3.258   -5.593  1.00 17.53 ? 162 PHE A CG  1 
ATOM   1129 C CD1 . PHE A 1 162 ? -2.481  2.617   -5.369  1.00 16.44 ? 162 PHE A CD1 1 
ATOM   1130 C CD2 . PHE A 1 162 ? -4.326  3.889   -4.525  1.00 17.60 ? 162 PHE A CD2 1 
ATOM   1131 C CE1 . PHE A 1 162 ? -1.909  2.600   -4.099  1.00 18.80 ? 162 PHE A CE1 1 
ATOM   1132 C CE2 . PHE A 1 162 ? -3.764  3.879   -3.248  1.00 17.79 ? 162 PHE A CE2 1 
ATOM   1133 C CZ  . PHE A 1 162 ? -2.557  3.234   -3.032  1.00 17.37 ? 162 PHE A CZ  1 
ATOM   1134 N N   . THR A 1 163 ? -3.945  4.379   -10.325 1.00 21.28 ? 163 THR A N   1 
ATOM   1135 C CA  . THR A 1 163 ? -4.578  4.244   -11.635 1.00 23.95 ? 163 THR A CA  1 
ATOM   1136 C C   . THR A 1 163 ? -4.239  2.901   -12.272 1.00 26.64 ? 163 THR A C   1 
ATOM   1137 O O   . THR A 1 163 ? -3.271  2.239   -11.881 1.00 25.76 ? 163 THR A O   1 
ATOM   1138 C CB  . THR A 1 163 ? -4.158  5.380   -12.575 1.00 25.66 ? 163 THR A CB  1 
ATOM   1139 O OG1 . THR A 1 163 ? -2.730  5.489   -12.586 1.00 27.84 ? 163 THR A OG1 1 
ATOM   1140 C CG2 . THR A 1 163 ? -4.758  6.704   -12.105 1.00 25.59 ? 163 THR A CG2 1 
ATOM   1141 N N   . ASP A 1 164 ? -5.051  2.504   -13.248 1.00 29.09 ? 164 ASP A N   1 
ATOM   1142 C CA  . ASP A 1 164 ? -4.892  1.229   -13.941 1.00 29.41 ? 164 ASP A CA  1 
ATOM   1143 C C   . ASP A 1 164 ? -4.837  0.072   -12.958 1.00 29.63 ? 164 ASP A C   1 
ATOM   1144 O O   . ASP A 1 164 ? -4.137  -0.914  -13.186 1.00 30.79 ? 164 ASP A O   1 
ATOM   1145 C CB  . ASP A 1 164 ? -3.632  1.227   -14.815 1.00 31.43 ? 164 ASP A CB  1 
ATOM   1146 C CG  . ASP A 1 164 ? -3.762  2.137   -16.023 1.00 33.72 ? 164 ASP A CG  1 
ATOM   1147 O OD1 . ASP A 1 164 ? -4.853  2.158   -16.637 1.00 35.57 ? 164 ASP A OD1 1 
ATOM   1148 O OD2 . ASP A 1 164 ? -2.776  2.822   -16.369 1.00 36.73 ? 164 ASP A OD2 1 
ATOM   1149 N N   . CYS A 1 165 ? -5.581  0.194   -11.862 1.00 28.45 ? 165 CYS A N   1 
ATOM   1150 C CA  . CYS A 1 165 ? -5.617  -0.858  -10.855 1.00 28.53 ? 165 CYS A CA  1 
ATOM   1151 C C   . CYS A 1 165 ? -5.991  -2.180  -11.507 1.00 29.45 ? 165 CYS A C   1 
ATOM   1152 O O   . CYS A 1 165 ? -6.894  -2.235  -12.345 1.00 28.64 ? 165 CYS A O   1 
ATOM   1153 C CB  . CYS A 1 165 ? -6.623  -0.514  -9.756  1.00 28.67 ? 165 CYS A CB  1 
ATOM   1154 S SG  . CYS A 1 165 ? -6.148  0.936   -8.777  1.00 28.11 ? 165 CYS A SG  1 
ATOM   1155 N N   . SER A 1 166 ? -5.295  -3.242  -11.116 1.00 28.55 ? 166 SER A N   1 
ATOM   1156 C CA  . SER A 1 166 ? -5.545  -4.556  -11.677 1.00 29.14 ? 166 SER A CA  1 
ATOM   1157 C C   . SER A 1 166 ? -5.493  -5.645  -10.610 1.00 28.89 ? 166 SER A C   1 
ATOM   1158 O O   . SER A 1 166 ? -4.537  -5.731  -9.841  1.00 29.16 ? 166 SER A O   1 
ATOM   1159 C CB  . SER A 1 166 ? -4.520  -4.847  -12.780 1.00 30.63 ? 166 SER A CB  1 
ATOM   1160 O OG  . SER A 1 166 ? -4.802  -6.064  -13.444 1.00 30.90 ? 166 SER A OG  1 
ATOM   1161 N N   . VAL A 1 167 ? -6.537  -6.465  -10.568 1.00 28.00 ? 167 VAL A N   1 
ATOM   1162 C CA  . VAL A 1 167 ? -6.630  -7.562  -9.615  1.00 29.18 ? 167 VAL A CA  1 
ATOM   1163 C C   . VAL A 1 167 ? -6.996  -8.835  -10.376 1.00 31.54 ? 167 VAL A C   1 
ATOM   1164 O O   . VAL A 1 167 ? -7.895  -8.829  -11.218 1.00 31.41 ? 167 VAL A O   1 
ATOM   1165 C CB  . VAL A 1 167 ? -7.701  -7.277  -8.535  1.00 28.26 ? 167 VAL A CB  1 
ATOM   1166 C CG1 . VAL A 1 167 ? -7.858  -8.477  -7.622  1.00 26.34 ? 167 VAL A CG1 1 
ATOM   1167 C CG2 . VAL A 1 167 ? -7.298  -6.054  -7.718  1.00 27.54 ? 167 VAL A CG2 1 
ATOM   1168 N N   . THR A 1 168 ? -6.293  -9.921  -10.081 1.00 33.85 ? 168 THR A N   1 
ATOM   1169 C CA  . THR A 1 168 ? -6.543  -11.191 -10.748 1.00 36.69 ? 168 THR A CA  1 
ATOM   1170 C C   . THR A 1 168 ? -6.731  -12.343 -9.770  1.00 38.17 ? 168 THR A C   1 
ATOM   1171 O O   . THR A 1 168 ? -6.068  -12.412 -8.739  1.00 37.20 ? 168 THR A O   1 
ATOM   1172 C CB  . THR A 1 168 ? -5.380  -11.551 -11.706 1.00 36.14 ? 168 THR A CB  1 
ATOM   1173 O OG1 . THR A 1 168 ? -5.377  -10.646 -12.817 1.00 36.65 ? 168 THR A OG1 1 
ATOM   1174 C CG2 . THR A 1 168 ? -5.529  -12.967 -12.225 1.00 38.99 ? 168 THR A CG2 1 
ATOM   1175 N N   . SER A 1 169 ? -7.654  -13.239 -10.100 1.00 41.66 ? 169 SER A N   1 
ATOM   1176 C CA  . SER A 1 169 ? -7.922  -14.417 -9.285  1.00 46.01 ? 169 SER A CA  1 
ATOM   1177 C C   . SER A 1 169 ? -8.210  -15.557 -10.254 1.00 48.17 ? 169 SER A C   1 
ATOM   1178 O O   . SER A 1 169 ? -9.021  -15.410 -11.169 1.00 47.97 ? 169 SER A O   1 
ATOM   1179 C CB  . SER A 1 169 ? -9.120  -14.188 -8.361  1.00 46.38 ? 169 SER A CB  1 
ATOM   1180 O OG  . SER A 1 169 ? -10.301 -13.970 -9.104  1.00 50.27 ? 169 SER A OG  1 
ATOM   1181 N N   . ASP A 1 170 ? -7.532  -16.684 -10.061 1.00 50.66 ? 170 ASP A N   1 
ATOM   1182 C CA  . ASP A 1 170 ? -7.703  -17.840 -10.935 1.00 52.49 ? 170 ASP A CA  1 
ATOM   1183 C C   . ASP A 1 170 ? -7.436  -17.454 -12.387 1.00 53.02 ? 170 ASP A C   1 
ATOM   1184 O O   . ASP A 1 170 ? -7.992  -18.053 -13.308 1.00 54.20 ? 170 ASP A O   1 
ATOM   1185 C CB  . ASP A 1 170 ? -9.120  -18.409 -10.816 1.00 53.74 ? 170 ASP A CB  1 
ATOM   1186 C CG  . ASP A 1 170 ? -9.443  -18.887 -9.414  1.00 55.67 ? 170 ASP A CG  1 
ATOM   1187 O OD1 . ASP A 1 170 ? -8.647  -19.674 -8.854  1.00 55.11 ? 170 ASP A OD1 1 
ATOM   1188 O OD2 . ASP A 1 170 ? -10.499 -18.483 -8.878  1.00 55.92 ? 170 ASP A OD2 1 
ATOM   1189 N N   . GLY A 1 171 ? -6.597  -16.445 -12.586 1.00 53.22 ? 171 GLY A N   1 
ATOM   1190 C CA  . GLY A 1 171 ? -6.271  -16.009 -13.932 1.00 53.39 ? 171 GLY A CA  1 
ATOM   1191 C C   . GLY A 1 171 ? -7.222  -14.993 -14.541 1.00 53.36 ? 171 GLY A C   1 
ATOM   1192 O O   . GLY A 1 171 ? -6.910  -14.388 -15.566 1.00 54.04 ? 171 GLY A O   1 
ATOM   1193 N N   . GLU A 1 172 ? -8.379  -14.795 -13.920 1.00 53.01 ? 172 GLU A N   1 
ATOM   1194 C CA  . GLU A 1 172 ? -9.354  -13.841 -14.439 1.00 52.78 ? 172 GLU A CA  1 
ATOM   1195 C C   . GLU A 1 172 ? -9.318  -12.492 -13.732 1.00 51.14 ? 172 GLU A C   1 
ATOM   1196 O O   . GLU A 1 172 ? -8.901  -12.393 -12.579 1.00 51.56 ? 172 GLU A O   1 
ATOM   1197 C CB  . GLU A 1 172 ? -10.762 -14.430 -14.352 1.00 55.04 ? 172 GLU A CB  1 
ATOM   1198 C CG  . GLU A 1 172 ? -11.019 -15.531 -15.365 1.00 58.90 ? 172 GLU A CG  1 
ATOM   1199 C CD  . GLU A 1 172 ? -10.854 -15.047 -16.794 1.00 60.64 ? 172 GLU A CD  1 
ATOM   1200 O OE1 . GLU A 1 172 ? -11.656 -14.194 -17.232 1.00 62.14 ? 172 GLU A OE1 1 
ATOM   1201 O OE2 . GLU A 1 172 ? -9.918  -15.513 -17.478 1.00 62.16 ? 172 GLU A OE2 1 
ATOM   1202 N N   . SER A 1 173 ? -9.766  -11.459 -14.435 1.00 49.46 ? 173 SER A N   1 
ATOM   1203 C CA  . SER A 1 173 ? -9.796  -10.108 -13.890 1.00 48.49 ? 173 SER A CA  1 
ATOM   1204 C C   . SER A 1 173 ? -10.972 -9.873  -12.949 1.00 47.00 ? 173 SER A C   1 
ATOM   1205 O O   . SER A 1 173 ? -12.066 -10.404 -13.150 1.00 46.05 ? 173 SER A O   1 
ATOM   1206 C CB  . SER A 1 173 ? -9.852  -9.085  -15.025 1.00 48.33 ? 173 SER A CB  1 
ATOM   1207 O OG  . SER A 1 173 ? -8.675  -9.141  -15.807 1.00 53.09 ? 173 SER A OG  1 
ATOM   1208 N N   . VAL A 1 174 ? -10.730 -9.070  -11.919 1.00 45.21 ? 174 VAL A N   1 
ATOM   1209 C CA  . VAL A 1 174 ? -11.752 -8.735  -10.938 1.00 44.34 ? 174 VAL A CA  1 
ATOM   1210 C C   . VAL A 1 174 ? -11.849 -7.217  -10.851 1.00 43.04 ? 174 VAL A C   1 
ATOM   1211 O O   . VAL A 1 174 ? -10.840 -6.541  -10.664 1.00 43.10 ? 174 VAL A O   1 
ATOM   1212 C CB  . VAL A 1 174 ? -11.394 -9.284  -9.541  1.00 44.71 ? 174 VAL A CB  1 
ATOM   1213 C CG1 . VAL A 1 174 ? -12.520 -8.989  -8.564  1.00 44.98 ? 174 VAL A CG1 1 
ATOM   1214 C CG2 . VAL A 1 174 ? -11.123 -10.781 -9.619  1.00 43.93 ? 174 VAL A CG2 1 
ATOM   1215 N N   . SER A 1 175 ? -13.057 -6.683  -10.994 1.00 41.14 ? 175 SER A N   1 
ATOM   1216 C CA  . SER A 1 175 ? -13.246 -5.239  -10.924 1.00 40.47 ? 175 SER A CA  1 
ATOM   1217 C C   . SER A 1 175 ? -13.276 -4.776  -9.473  1.00 39.89 ? 175 SER A C   1 
ATOM   1218 O O   . SER A 1 175 ? -13.455 -5.578  -8.555  1.00 39.35 ? 175 SER A O   1 
ATOM   1219 C CB  . SER A 1 175 ? -14.555 -4.835  -11.598 1.00 39.36 ? 175 SER A CB  1 
ATOM   1220 O OG  . SER A 1 175 ? -15.654 -5.173  -10.775 1.00 35.60 ? 175 SER A OG  1 
ATOM   1221 N N   . LEU A 1 176 ? -13.103 -3.474  -9.276  1.00 40.01 ? 176 LEU A N   1 
ATOM   1222 C CA  . LEU A 1 176 ? -13.121 -2.884  -7.943  1.00 41.41 ? 176 LEU A CA  1 
ATOM   1223 C C   . LEU A 1 176 ? -14.533 -2.443  -7.561  1.00 41.77 ? 176 LEU A C   1 
ATOM   1224 O O   . LEU A 1 176 ? -14.735 -1.808  -6.530  1.00 41.62 ? 176 LEU A O   1 
ATOM   1225 C CB  . LEU A 1 176 ? -12.169 -1.685  -7.885  1.00 40.60 ? 176 LEU A CB  1 
ATOM   1226 C CG  . LEU A 1 176 ? -10.675 -1.999  -7.731  1.00 41.94 ? 176 LEU A CG  1 
ATOM   1227 C CD1 . LEU A 1 176 ? -10.221 -2.974  -8.811  1.00 42.28 ? 176 LEU A CD1 1 
ATOM   1228 C CD2 . LEU A 1 176 ? -9.880  -0.705  -7.805  1.00 40.48 ? 176 LEU A CD2 1 
ATOM   1229 N N   . ASP A 1 177 ? -15.503 -2.795  -8.400  1.00 43.40 ? 177 ASP A N   1 
ATOM   1230 C CA  . ASP A 1 177 ? -16.899 -2.433  -8.168  1.00 43.82 ? 177 ASP A CA  1 
ATOM   1231 C C   . ASP A 1 177 ? -17.401 -2.795  -6.779  1.00 41.97 ? 177 ASP A C   1 
ATOM   1232 O O   . ASP A 1 177 ? -18.044 -1.984  -6.113  1.00 42.44 ? 177 ASP A O   1 
ATOM   1233 C CB  . ASP A 1 177 ? -17.812 -3.110  -9.200  1.00 46.62 ? 177 ASP A CB  1 
ATOM   1234 C CG  . ASP A 1 177 ? -17.653 -2.533  -10.593 1.00 49.68 ? 177 ASP A CG  1 
ATOM   1235 O OD1 . ASP A 1 177 ? -17.657 -1.290  -10.727 1.00 52.34 ? 177 ASP A OD1 1 
ATOM   1236 O OD2 . ASP A 1 177 ? -17.537 -3.322  -11.556 1.00 51.02 ? 177 ASP A OD2 1 
ATOM   1237 N N   . ASP A 1 178 ? -17.103 -4.012  -6.345  1.00 39.71 ? 178 ASP A N   1 
ATOM   1238 C CA  . ASP A 1 178 ? -17.566 -4.485  -5.052  1.00 36.91 ? 178 ASP A CA  1 
ATOM   1239 C C   . ASP A 1 178 ? -16.546 -4.399  -3.914  1.00 34.55 ? 178 ASP A C   1 
ATOM   1240 O O   . ASP A 1 178 ? -16.657 -5.118  -2.919  1.00 33.92 ? 178 ASP A O   1 
ATOM   1241 C CB  . ASP A 1 178 ? -18.055 -5.923  -5.198  1.00 39.96 ? 178 ASP A CB  1 
ATOM   1242 C CG  . ASP A 1 178 ? -18.845 -6.385  -4.005  1.00 42.69 ? 178 ASP A CG  1 
ATOM   1243 O OD1 . ASP A 1 178 ? -19.854 -5.724  -3.680  1.00 43.74 ? 178 ASP A OD1 1 
ATOM   1244 O OD2 . ASP A 1 178 ? -18.456 -7.403  -3.392  1.00 45.51 ? 178 ASP A OD2 1 
ATOM   1245 N N   . ALA A 1 179 ? -15.558 -3.524  -4.053  1.00 30.32 ? 179 ALA A N   1 
ATOM   1246 C CA  . ALA A 1 179 ? -14.545 -3.370  -3.017  1.00 29.12 ? 179 ALA A CA  1 
ATOM   1247 C C   . ALA A 1 179 ? -15.082 -2.574  -1.829  1.00 27.96 ? 179 ALA A C   1 
ATOM   1248 O O   . ALA A 1 179 ? -15.913 -1.686  -1.998  1.00 28.11 ? 179 ALA A O   1 
ATOM   1249 C CB  . ALA A 1 179 ? -13.316 -2.665  -3.590  1.00 29.01 ? 179 ALA A CB  1 
ATOM   1250 N N   . GLN A 1 180 ? -14.615 -2.905  -0.630  1.00 25.12 ? 180 GLN A N   1 
ATOM   1251 C CA  . GLN A 1 180 ? -15.017 -2.170  0.559   1.00 23.57 ? 180 GLN A CA  1 
ATOM   1252 C C   . GLN A 1 180 ? -14.111 -0.951  0.583   1.00 23.11 ? 180 GLN A C   1 
ATOM   1253 O O   . GLN A 1 180 ? -12.973 -1.004  0.103   1.00 21.18 ? 180 GLN A O   1 
ATOM   1254 C CB  . GLN A 1 180 ? -14.766 -2.974  1.834   1.00 25.85 ? 180 GLN A CB  1 
ATOM   1255 C CG  . GLN A 1 180 ? -15.456 -4.315  1.903   1.00 31.22 ? 180 GLN A CG  1 
ATOM   1256 C CD  . GLN A 1 180 ? -15.278 -4.977  3.258   1.00 35.08 ? 180 GLN A CD  1 
ATOM   1257 O OE1 . GLN A 1 180 ? -15.538 -6.173  3.420   1.00 37.13 ? 180 GLN A OE1 1 
ATOM   1258 N NE2 . GLN A 1 180 ? -14.839 -4.198  4.247   1.00 34.89 ? 180 GLN A NE2 1 
ATOM   1259 N N   . ILE A 1 181 ? -14.603 0.140   1.152   1.00 21.17 ? 181 ILE A N   1 
ATOM   1260 C CA  . ILE A 1 181 ? -13.815 1.356   1.227   1.00 19.95 ? 181 ILE A CA  1 
ATOM   1261 C C   . ILE A 1 181 ? -13.553 1.716   2.668   1.00 17.96 ? 181 ILE A C   1 
ATOM   1262 O O   . ILE A 1 181 ? -14.431 1.571   3.517   1.00 17.39 ? 181 ILE A O   1 
ATOM   1263 C CB  . ILE A 1 181 ? -14.524 2.528   0.543   1.00 22.88 ? 181 ILE A CB  1 
ATOM   1264 C CG1 . ILE A 1 181 ? -14.739 2.193   -0.936  1.00 27.53 ? 181 ILE A CG1 1 
ATOM   1265 C CG2 . ILE A 1 181 ? -13.692 3.799   0.702   1.00 23.47 ? 181 ILE A CG2 1 
ATOM   1266 C CD1 . ILE A 1 181 ? -15.202 3.360   -1.785  1.00 31.38 ? 181 ILE A CD1 1 
ATOM   1267 N N   . THR A 1 182 ? -12.336 2.173   2.948   1.00 14.92 ? 182 THR A N   1 
ATOM   1268 C CA  . THR A 1 182 ? -11.965 2.555   4.303   1.00 13.38 ? 182 THR A CA  1 
ATOM   1269 C C   . THR A 1 182 ? -11.276 3.920   4.256   1.00 13.75 ? 182 THR A C   1 
ATOM   1270 O O   . THR A 1 182 ? -10.845 4.364   3.188   1.00 12.93 ? 182 THR A O   1 
ATOM   1271 C CB  . THR A 1 182 ? -11.021 1.485   4.950   1.00 13.50 ? 182 THR A CB  1 
ATOM   1272 O OG1 . THR A 1 182 ? -10.714 1.860   6.299   1.00 14.57 ? 182 THR A OG1 1 
ATOM   1273 C CG2 . THR A 1 182 ? -9.714  1.351   4.159   1.00 12.48 ? 182 THR A CG2 1 
ATOM   1274 N N   . GLN A 1 183 ? -11.200 4.595   5.398   1.00 11.98 ? 183 GLN A N   1 
ATOM   1275 C CA  . GLN A 1 183 ? -10.547 5.901   5.468   1.00 12.34 ? 183 GLN A CA  1 
ATOM   1276 C C   . GLN A 1 183 ? -9.665  5.956   6.705   1.00 12.30 ? 183 GLN A C   1 
ATOM   1277 O O   . GLN A 1 183 ? -9.985  5.348   7.723   1.00 12.79 ? 183 GLN A O   1 
ATOM   1278 C CB  . GLN A 1 183 ? -11.580 7.035   5.580   1.00 12.85 ? 183 GLN A CB  1 
ATOM   1279 C CG  . GLN A 1 183 ? -12.765 6.951   4.614   1.00 12.90 ? 183 GLN A CG  1 
ATOM   1280 C CD  . GLN A 1 183 ? -12.370 7.144   3.160   1.00 13.40 ? 183 GLN A CD  1 
ATOM   1281 O OE1 . GLN A 1 183 ? -13.143 6.829   2.251   1.00 16.25 ? 183 GLN A OE1 1 
ATOM   1282 N NE2 . GLN A 1 183 ? -11.176 7.678   2.931   1.00 10.02 ? 183 GLN A NE2 1 
ATOM   1283 N N   . VAL A 1 184 ? -8.548  6.675   6.621   1.00 11.93 ? 184 VAL A N   1 
ATOM   1284 C CA  . VAL A 1 184 ? -7.703  6.835   7.794   1.00 10.52 ? 184 VAL A CA  1 
ATOM   1285 C C   . VAL A 1 184 ? -8.513  7.787   8.671   1.00 11.71 ? 184 VAL A C   1 
ATOM   1286 O O   . VAL A 1 184 ? -9.006  8.810   8.189   1.00 11.86 ? 184 VAL A O   1 
ATOM   1287 C CB  . VAL A 1 184 ? -6.351  7.492   7.447   1.00 10.84 ? 184 VAL A CB  1 
ATOM   1288 C CG1 . VAL A 1 184 ? -5.526  7.671   8.712   1.00 6.55  ? 184 VAL A CG1 1 
ATOM   1289 C CG2 . VAL A 1 184 ? -5.601  6.630   6.420   1.00 12.13 ? 184 VAL A CG2 1 
ATOM   1290 N N   . ILE A 1 185 ? -8.656  7.452   9.948   1.00 11.41 ? 185 ILE A N   1 
ATOM   1291 C CA  . ILE A 1 185 ? -9.431  8.269   10.876  1.00 11.05 ? 185 ILE A CA  1 
ATOM   1292 C C   . ILE A 1 185 ? -8.624  8.555   12.131  1.00 13.10 ? 185 ILE A C   1 
ATOM   1293 O O   . ILE A 1 185 ? -8.202  7.632   12.834  1.00 12.64 ? 185 ILE A O   1 
ATOM   1294 C CB  . ILE A 1 185 ? -10.755 7.550   11.265  1.00 11.08 ? 185 ILE A CB  1 
ATOM   1295 C CG1 . ILE A 1 185 ? -11.636 7.390   10.026  1.00 8.61  ? 185 ILE A CG1 1 
ATOM   1296 C CG2 . ILE A 1 185 ? -11.494 8.322   12.361  1.00 8.22  ? 185 ILE A CG2 1 
ATOM   1297 C CD1 . ILE A 1 185 ? -12.902 6.579   10.280  1.00 9.77  ? 185 ILE A CD1 1 
ATOM   1298 N N   . ILE A 1 186 ? -8.421  9.841   12.406  1.00 12.85 ? 186 ILE A N   1 
ATOM   1299 C CA  . ILE A 1 186 ? -7.647  10.276  13.566  1.00 13.41 ? 186 ILE A CA  1 
ATOM   1300 C C   . ILE A 1 186 ? -8.469  11.272  14.375  1.00 15.68 ? 186 ILE A C   1 
ATOM   1301 O O   . ILE A 1 186 ? -9.093  12.167  13.813  1.00 16.50 ? 186 ILE A O   1 
ATOM   1302 C CB  . ILE A 1 186 ? -6.321  10.938  13.115  1.00 13.65 ? 186 ILE A CB  1 
ATOM   1303 C CG1 . ILE A 1 186 ? -5.562  9.981   12.188  1.00 15.62 ? 186 ILE A CG1 1 
ATOM   1304 C CG2 . ILE A 1 186 ? -5.463  11.278  14.317  1.00 11.58 ? 186 ILE A CG2 1 
ATOM   1305 C CD1 . ILE A 1 186 ? -4.284  10.558  11.600  1.00 14.59 ? 186 ILE A CD1 1 
ATOM   1306 N N   . ASN A 1 187 ? -8.474  11.106  15.694  1.00 16.89 ? 187 ASN A N   1 
ATOM   1307 C CA  . ASN A 1 187 ? -9.233  11.981  16.579  1.00 18.73 ? 187 ASN A CA  1 
ATOM   1308 C C   . ASN A 1 187 ? -10.663 12.159  16.086  1.00 18.77 ? 187 ASN A C   1 
ATOM   1309 O O   . ASN A 1 187 ? -11.179 13.278  16.006  1.00 17.97 ? 187 ASN A O   1 
ATOM   1310 C CB  . ASN A 1 187 ? -8.544  13.344  16.710  1.00 19.09 ? 187 ASN A CB  1 
ATOM   1311 C CG  . ASN A 1 187 ? -7.187  13.238  17.384  1.00 22.14 ? 187 ASN A CG  1 
ATOM   1312 O OD1 . ASN A 1 187 ? -7.032  12.515  18.367  1.00 22.99 ? 187 ASN A OD1 1 
ATOM   1313 N ND2 . ASN A 1 187 ? -6.199  13.964  16.863  1.00 23.82 ? 187 ASN A ND2 1 
ATOM   1314 N N   . ASN A 1 188 ? -11.294 11.034  15.761  1.00 18.61 ? 188 ASN A N   1 
ATOM   1315 C CA  . ASN A 1 188 ? -12.666 10.999  15.276  1.00 17.66 ? 188 ASN A CA  1 
ATOM   1316 C C   . ASN A 1 188 ? -12.903 11.884  14.053  1.00 17.13 ? 188 ASN A C   1 
ATOM   1317 O O   . ASN A 1 188 ? -13.961 12.495  13.911  1.00 17.73 ? 188 ASN A O   1 
ATOM   1318 C CB  . ASN A 1 188 ? -13.635 11.394  16.393  1.00 19.09 ? 188 ASN A CB  1 
ATOM   1319 C CG  . ASN A 1 188 ? -14.994 10.761  16.220  1.00 20.63 ? 188 ASN A CG  1 
ATOM   1320 O OD1 . ASN A 1 188 ? -15.100 9.537   16.124  1.00 19.10 ? 188 ASN A OD1 1 
ATOM   1321 N ND2 . ASN A 1 188 ? -16.045 11.584  16.166  1.00 19.93 ? 188 ASN A ND2 1 
ATOM   1322 N N   . GLN A 1 189 ? -11.924 11.941  13.161  1.00 15.42 ? 189 GLN A N   1 
ATOM   1323 C CA  . GLN A 1 189 ? -12.067 12.755  11.965  1.00 15.01 ? 189 GLN A CA  1 
ATOM   1324 C C   . GLN A 1 189 ? -11.445 12.054  10.762  1.00 13.95 ? 189 GLN A C   1 
ATOM   1325 O O   . GLN A 1 189 ? -10.325 11.546  10.853  1.00 12.76 ? 189 GLN A O   1 
ATOM   1326 C CB  . GLN A 1 189 ? -11.381 14.111  12.182  1.00 13.32 ? 189 GLN A CB  1 
ATOM   1327 C CG  . GLN A 1 189 ? -11.692 15.140  11.114  1.00 17.59 ? 189 GLN A CG  1 
ATOM   1328 C CD  . GLN A 1 189 ? -11.038 16.490  11.393  1.00 18.91 ? 189 GLN A CD  1 
ATOM   1329 O OE1 . GLN A 1 189 ? -10.715 16.815  12.542  1.00 19.06 ? 189 GLN A OE1 1 
ATOM   1330 N NE2 . GLN A 1 189 ? -10.859 17.288  10.347  1.00 13.90 ? 189 GLN A NE2 1 
ATOM   1331 N N   . ASP A 1 190 ? -12.162 12.014  9.640   1.00 12.06 ? 190 ASP A N   1 
ATOM   1332 C CA  . ASP A 1 190 ? -11.594 11.401  8.441   1.00 12.54 ? 190 ASP A CA  1 
ATOM   1333 C C   . ASP A 1 190 ? -10.406 12.257  8.012   1.00 14.28 ? 190 ASP A C   1 
ATOM   1334 O O   . ASP A 1 190 ? -10.541 13.477  7.900   1.00 15.10 ? 190 ASP A O   1 
ATOM   1335 C CB  . ASP A 1 190 ? -12.581 11.399  7.267   1.00 14.26 ? 190 ASP A CB  1 
ATOM   1336 C CG  . ASP A 1 190 ? -13.765 10.484  7.482   1.00 16.58 ? 190 ASP A CG  1 
ATOM   1337 O OD1 . ASP A 1 190 ? -13.560 9.295   7.804   1.00 15.66 ? 190 ASP A OD1 1 
ATOM   1338 O OD2 . ASP A 1 190 ? -14.905 10.958  7.312   1.00 18.21 ? 190 ASP A OD2 1 
ATOM   1339 N N   . VAL A 1 191 ? -9.248  11.644  7.776   1.00 12.04 ? 191 VAL A N   1 
ATOM   1340 C CA  . VAL A 1 191 ? -8.100  12.412  7.315   1.00 9.61  ? 191 VAL A CA  1 
ATOM   1341 C C   . VAL A 1 191 ? -7.776  12.055  5.862   1.00 10.48 ? 191 VAL A C   1 
ATOM   1342 O O   . VAL A 1 191 ? -6.807  12.538  5.280   1.00 7.16  ? 191 VAL A O   1 
ATOM   1343 C CB  . VAL A 1 191 ? -6.872  12.238  8.239   1.00 10.91 ? 191 VAL A CB  1 
ATOM   1344 C CG1 . VAL A 1 191 ? -7.132  12.986  9.553   1.00 13.02 ? 191 VAL A CG1 1 
ATOM   1345 C CG2 . VAL A 1 191 ? -6.607  10.764  8.512   1.00 8.21  ? 191 VAL A CG2 1 
ATOM   1346 N N   . THR A 1 192 ? -8.616  11.203  5.282   1.00 8.47  ? 192 THR A N   1 
ATOM   1347 C CA  . THR A 1 192 ? -8.489  10.848  3.878   1.00 10.35 ? 192 THR A CA  1 
ATOM   1348 C C   . THR A 1 192 ? -9.891  10.766  3.294   1.00 10.75 ? 192 THR A C   1 
ATOM   1349 O O   . THR A 1 192 ? -10.877 10.587  4.011   1.00 10.27 ? 192 THR A O   1 
ATOM   1350 C CB  . THR A 1 192 ? -7.840  9.444   3.628   1.00 10.26 ? 192 THR A CB  1 
ATOM   1351 O OG1 . THR A 1 192 ? -8.638  8.424   4.254   1.00 9.21  ? 192 THR A OG1 1 
ATOM   1352 C CG2 . THR A 1 192 ? -6.403  9.389   4.158   1.00 9.29  ? 192 THR A CG2 1 
ATOM   1353 N N   . ASP A 1 193 ? -9.967  10.958  1.990   1.00 10.68 ? 193 ASP A N   1 
ATOM   1354 C CA  . ASP A 1 193 ? -11.204 10.774  1.276   1.00 12.29 ? 193 ASP A CA  1 
ATOM   1355 C C   . ASP A 1 193 ? -10.789 9.908   0.093   1.00 13.31 ? 193 ASP A C   1 
ATOM   1356 O O   . ASP A 1 193 ? -10.396 10.422  -0.958  1.00 11.36 ? 193 ASP A O   1 
ATOM   1357 C CB  . ASP A 1 193 ? -11.826 12.059  0.741   1.00 13.82 ? 193 ASP A CB  1 
ATOM   1358 C CG  . ASP A 1 193 ? -13.032 11.763  -0.136  1.00 14.88 ? 193 ASP A CG  1 
ATOM   1359 O OD1 . ASP A 1 193 ? -13.611 12.685  -0.740  1.00 17.85 ? 193 ASP A OD1 1 
ATOM   1360 O OD2 . ASP A 1 193 ? -13.403 10.570  -0.220  1.00 13.55 ? 193 ASP A OD2 1 
ATOM   1361 N N   . CYS A 1 194 ? -10.828 8.596   0.302   1.00 12.82 ? 194 CYS A N   1 
ATOM   1362 C CA  . CYS A 1 194 ? -10.495 7.629   -0.731  1.00 15.28 ? 194 CYS A CA  1 
ATOM   1363 C C   . CYS A 1 194 ? -11.793 7.175   -1.392  1.00 16.47 ? 194 CYS A C   1 
ATOM   1364 O O   . CYS A 1 194 ? -12.763 6.867   -0.705  1.00 16.55 ? 194 CYS A O   1 
ATOM   1365 C CB  . CYS A 1 194 ? -9.837  6.392   -0.129  1.00 14.25 ? 194 CYS A CB  1 
ATOM   1366 S SG  . CYS A 1 194 ? -8.164  6.524   0.578   1.00 15.63 ? 194 CYS A SG  1 
ATOM   1367 N N   . SER A 1 195 ? -11.813 7.123   -2.715  1.00 21.56 ? 195 SER A N   1 
ATOM   1368 C CA  . SER A 1 195 ? -13.005 6.674   -3.432  1.00 26.14 ? 195 SER A CA  1 
ATOM   1369 C C   . SER A 1 195 ? -12.615 5.829   -4.643  1.00 28.00 ? 195 SER A C   1 
ATOM   1370 O O   . SER A 1 195 ? -11.475 5.885   -5.100  1.00 28.39 ? 195 SER A O   1 
ATOM   1371 C CB  . SER A 1 195 ? -13.842 7.877   -3.883  1.00 24.50 ? 195 SER A CB  1 
ATOM   1372 O OG  . SER A 1 195 ? -13.085 8.765   -4.679  1.00 25.31 ? 195 SER A OG  1 
ATOM   1373 N N   . VAL A 1 196 ? -13.566 5.052   -5.155  1.00 31.66 ? 196 VAL A N   1 
ATOM   1374 C CA  . VAL A 1 196 ? -13.329 4.196   -6.318  1.00 35.23 ? 196 VAL A CA  1 
ATOM   1375 C C   . VAL A 1 196 ? -14.133 4.649   -7.539  1.00 38.19 ? 196 VAL A C   1 
ATOM   1376 O O   . VAL A 1 196 ? -15.155 5.330   -7.408  1.00 40.54 ? 196 VAL A O   1 
ATOM   1377 C CB  . VAL A 1 196 ? -13.697 2.726   -6.019  1.00 34.68 ? 196 VAL A CB  1 
ATOM   1378 C CG1 . VAL A 1 196 ? -13.387 1.858   -7.228  1.00 36.25 ? 196 VAL A CG1 1 
ATOM   1379 C CG2 . VAL A 1 196 ? -12.926 2.227   -4.813  1.00 33.75 ? 196 VAL A CG2 1 
ATOM   1380 N N   . SER A 1 197 ? -13.659 4.266   -8.724  1.00 39.89 ? 197 SER A N   1 
ATOM   1381 C CA  . SER A 1 197 ? -14.311 4.609   -9.987  1.00 40.51 ? 197 SER A CA  1 
ATOM   1382 C C   . SER A 1 197 ? -13.555 4.000   -11.170 1.00 40.17 ? 197 SER A C   1 
ATOM   1383 O O   . SER A 1 197 ? -12.486 4.484   -11.555 1.00 40.96 ? 197 SER A O   1 
ATOM   1384 C CB  . SER A 1 197 ? -14.381 6.127   -10.162 1.00 41.36 ? 197 SER A CB  1 
ATOM   1385 O OG  . SER A 1 197 ? -13.088 6.704   -10.212 1.00 45.26 ? 197 SER A OG  1 
ATOM   1386 N N   . GLY A 1 198 ? -14.115 2.939   -11.743 1.00 37.64 ? 198 GLY A N   1 
ATOM   1387 C CA  . GLY A 1 198 ? -13.474 2.289   -12.870 1.00 33.98 ? 198 GLY A CA  1 
ATOM   1388 C C   . GLY A 1 198 ? -12.281 1.470   -12.419 1.00 31.44 ? 198 GLY A C   1 
ATOM   1389 O O   . GLY A 1 198 ? -12.435 0.463   -11.727 1.00 31.62 ? 198 GLY A O   1 
ATOM   1390 N N   . THR A 1 199 ? -11.087 1.896   -12.812 1.00 29.12 ? 199 THR A N   1 
ATOM   1391 C CA  . THR A 1 199 ? -9.871  1.192   -12.426 1.00 27.79 ? 199 THR A CA  1 
ATOM   1392 C C   . THR A 1 199 ? -8.988  2.143   -11.626 1.00 27.53 ? 199 THR A C   1 
ATOM   1393 O O   . THR A 1 199 ? -7.765  1.976   -11.560 1.00 27.15 ? 199 THR A O   1 
ATOM   1394 C CB  . THR A 1 199 ? -9.101  0.690   -13.665 1.00 27.31 ? 199 THR A CB  1 
ATOM   1395 O OG1 . THR A 1 199 ? -8.772  1.800   -14.508 1.00 28.53 ? 199 THR A OG1 1 
ATOM   1396 C CG2 . THR A 1 199 ? -9.951  -0.298  -14.452 1.00 27.02 ? 199 THR A CG2 1 
ATOM   1397 N N   . THR A 1 200 ? -9.628  3.139   -11.017 1.00 25.45 ? 200 THR A N   1 
ATOM   1398 C CA  . THR A 1 200 ? -8.932  4.144   -10.225 1.00 23.16 ? 200 THR A CA  1 
ATOM   1399 C C   . THR A 1 200 ? -9.376  4.193   -8.762  1.00 22.14 ? 200 THR A C   1 
ATOM   1400 O O   . THR A 1 200 ? -10.565 4.147   -8.455  1.00 20.83 ? 200 THR A O   1 
ATOM   1401 C CB  . THR A 1 200 ? -9.140  5.552   -10.827 1.00 23.80 ? 200 THR A CB  1 
ATOM   1402 O OG1 . THR A 1 200 ? -8.585  5.597   -12.144 1.00 23.09 ? 200 THR A OG1 1 
ATOM   1403 C CG2 . THR A 1 200 ? -8.471  6.614   -9.970  1.00 22.32 ? 200 THR A CG2 1 
ATOM   1404 N N   . VAL A 1 201 ? -8.397  4.269   -7.865  1.00 21.14 ? 201 VAL A N   1 
ATOM   1405 C CA  . VAL A 1 201 ? -8.642  4.388   -6.432  1.00 19.00 ? 201 VAL A CA  1 
ATOM   1406 C C   . VAL A 1 201 ? -7.953  5.708   -6.095  1.00 19.72 ? 201 VAL A C   1 
ATOM   1407 O O   . VAL A 1 201 ? -6.726  5.797   -6.102  1.00 20.75 ? 201 VAL A O   1 
ATOM   1408 C CB  . VAL A 1 201 ? -8.001  3.222   -5.638  1.00 19.03 ? 201 VAL A CB  1 
ATOM   1409 C CG1 . VAL A 1 201 ? -8.101  3.483   -4.137  1.00 17.35 ? 201 VAL A CG1 1 
ATOM   1410 C CG2 . VAL A 1 201 ? -8.716  1.917   -5.977  1.00 17.31 ? 201 VAL A CG2 1 
ATOM   1411 N N   . SER A 1 202 ? -8.753  6.735   -5.830  1.00 19.12 ? 202 SER A N   1 
ATOM   1412 C CA  . SER A 1 202 ? -8.237  8.071   -5.545  1.00 20.05 ? 202 SER A CA  1 
ATOM   1413 C C   . SER A 1 202 ? -8.387  8.484   -4.080  1.00 19.17 ? 202 SER A C   1 
ATOM   1414 O O   . SER A 1 202 ? -9.494  8.497   -3.534  1.00 17.20 ? 202 SER A O   1 
ATOM   1415 C CB  . SER A 1 202 ? -8.947  9.084   -6.442  1.00 21.42 ? 202 SER A CB  1 
ATOM   1416 O OG  . SER A 1 202 ? -8.500  10.404  -6.175  1.00 29.16 ? 202 SER A OG  1 
ATOM   1417 N N   . CYS A 1 203 ? -7.267  8.827   -3.455  1.00 17.25 ? 203 CYS A N   1 
ATOM   1418 C CA  . CYS A 1 203 ? -7.268  9.220   -2.054  1.00 16.08 ? 203 CYS A CA  1 
ATOM   1419 C C   . CYS A 1 203 ? -6.742  10.629  -1.811  1.00 16.06 ? 203 CYS A C   1 
ATOM   1420 O O   . CYS A 1 203 ? -5.558  10.903  -2.007  1.00 16.42 ? 203 CYS A O   1 
ATOM   1421 C CB  . CYS A 1 203 ? -6.420  8.262   -1.228  1.00 15.33 ? 203 CYS A CB  1 
ATOM   1422 S SG  . CYS A 1 203 ? -6.963  6.527   -1.063  1.00 16.68 ? 203 CYS A SG  1 
ATOM   1423 N N   . SER A 1 204 ? -7.630  11.511  -1.365  1.00 14.96 ? 204 SER A N   1 
ATOM   1424 C CA  . SER A 1 204 ? -7.262  12.882  -1.054  1.00 14.15 ? 204 SER A CA  1 
ATOM   1425 C C   . SER A 1 204 ? -7.017  13.007  0.441   1.00 13.38 ? 204 SER A C   1 
ATOM   1426 O O   . SER A 1 204 ? -7.712  12.393  1.255   1.00 11.19 ? 204 SER A O   1 
ATOM   1427 C CB  . SER A 1 204 ? -8.382  13.850  -1.438  1.00 12.74 ? 204 SER A CB  1 
ATOM   1428 O OG  . SER A 1 204 ? -8.506  13.966  -2.841  1.00 14.70 ? 204 SER A OG  1 
ATOM   1429 N N   . TYR A 1 205 ? -6.011  13.789  0.803   1.00 13.57 ? 205 TYR A N   1 
ATOM   1430 C CA  . TYR A 1 205 ? -5.747  14.026  2.206   1.00 10.91 ? 205 TYR A CA  1 
ATOM   1431 C C   . TYR A 1 205 ? -6.810  15.032  2.641   1.00 11.74 ? 205 TYR A C   1 
ATOM   1432 O O   . TYR A 1 205 ? -7.230  15.875  1.842   1.00 12.72 ? 205 TYR A O   1 
ATOM   1433 C CB  . TYR A 1 205 ? -4.351  14.614  2.407   1.00 10.92 ? 205 TYR A CB  1 
ATOM   1434 C CG  . TYR A 1 205 ? -4.112  15.090  3.830   1.00 12.97 ? 205 TYR A CG  1 
ATOM   1435 C CD1 . TYR A 1 205 ? -4.338  16.422  4.193   1.00 11.24 ? 205 TYR A CD1 1 
ATOM   1436 C CD2 . TYR A 1 205 ? -3.717  14.194  4.823   1.00 11.69 ? 205 TYR A CD2 1 
ATOM   1437 C CE1 . TYR A 1 205 ? -4.175  16.846  5.516   1.00 12.36 ? 205 TYR A CE1 1 
ATOM   1438 C CE2 . TYR A 1 205 ? -3.553  14.604  6.143   1.00 12.80 ? 205 TYR A CE2 1 
ATOM   1439 C CZ  . TYR A 1 205 ? -3.781  15.927  6.484   1.00 14.29 ? 205 TYR A CZ  1 
ATOM   1440 O OH  . TYR A 1 205 ? -3.602  16.321  7.788   1.00 15.61 ? 205 TYR A OH  1 
ATOM   1441 N N   . VAL A 1 206 ? -7.259  14.930  3.888   1.00 10.99 ? 206 VAL A N   1 
ATOM   1442 C CA  . VAL A 1 206 ? -8.262  15.841  4.425   1.00 11.32 ? 206 VAL A CA  1 
ATOM   1443 C C   . VAL A 1 206 ? -7.750  16.417  5.743   1.00 11.63 ? 206 VAL A C   1 
ATOM   1444 O O   . VAL A 1 206 ? -7.653  17.652  5.844   1.00 10.62 ? 206 VAL A O   1 
ATOM   1445 C CB  . VAL A 1 206 ? -9.617  15.133  4.705   1.00 11.17 ? 206 VAL A CB  1 
ATOM   1446 C CG1 . VAL A 1 206 ? -10.603 16.136  5.318   1.00 10.64 ? 206 VAL A CG1 1 
ATOM   1447 C CG2 . VAL A 1 206 ? -10.197 14.549  3.413   1.00 11.92 ? 206 VAL A CG2 1 
ATOM   1448 O OXT . VAL A 1 206 ? -7.452  15.618  6.656   1.00 11.75 ? 206 VAL A OXT 1 
HETATM 1449 O O   . HOH B 2 .   ? -15.005 13.935  9.839   1.00 12.04 ? 207 HOH A O   1 
HETATM 1450 O O   . HOH B 2 .   ? -10.276 18.589  2.614   0.33 21.04 ? 208 HOH A O   1 
HETATM 1451 O O   . HOH B 2 .   ? 7.992   13.734  1.151   1.00 20.55 ? 209 HOH A O   1 
HETATM 1452 O O   . HOH B 2 .   ? -6.122  -3.664  9.537   1.00 38.01 ? 210 HOH A O   1 
HETATM 1453 O O   . HOH B 2 .   ? -12.457 16.049  8.327   1.00 31.13 ? 211 HOH A O   1 
HETATM 1454 O O   . HOH B 2 .   ? -3.820  14.474  9.635   1.00 31.22 ? 212 HOH A O   1 
HETATM 1455 O O   . HOH B 2 .   ? -15.696 9.520   -1.417  1.00 27.10 ? 213 HOH A O   1 
HETATM 1456 O O   . HOH B 2 .   ? 13.523  -5.796  -12.275 0.5  25.23 ? 214 HOH A O   1 
HETATM 1457 O O   . HOH B 2 .   ? -17.841 11.893  11.319  0.5  40.58 ? 215 HOH A O   1 
HETATM 1458 O O   . HOH B 2 .   ? 13.783  -0.512  -15.834 1.00 35.73 ? 216 HOH A O   1 
HETATM 1459 O O   . HOH B 2 .   ? -7.919  16.379  -3.836  1.00 20.95 ? 217 HOH A O   1 
HETATM 1460 O O   . HOH B 2 .   ? 0.897   7.984   -11.712 1.00 26.19 ? 218 HOH A O   1 
HETATM 1461 O O   . HOH B 2 .   ? -1.499  12.581  12.968  1.00 21.05 ? 219 HOH A O   1 
HETATM 1462 O O   . HOH B 2 .   ? 12.835  -15.279 0.849   1.00 32.65 ? 220 HOH A O   1 
HETATM 1463 O O   . HOH B 2 .   ? 0.381   9.402   15.840  1.00 31.09 ? 221 HOH A O   1 
HETATM 1464 O O   . HOH B 2 .   ? 6.130   -8.552  -8.707  1.00 30.83 ? 222 HOH A O   1 
HETATM 1465 O O   . HOH B 2 .   ? 1.909   13.691  -7.348  1.00 23.49 ? 223 HOH A O   1 
HETATM 1466 O O   . HOH B 2 .   ? -7.415  3.955   -13.947 1.00 21.38 ? 224 HOH A O   1 
HETATM 1467 O O   . HOH B 2 .   ? 0.076   5.569   18.662  1.00 34.11 ? 225 HOH A O   1 
HETATM 1468 O O   . HOH B 2 .   ? -8.065  10.992  22.593  1.00 27.69 ? 226 HOH A O   1 
HETATM 1469 O O   . HOH B 2 .   ? -16.557 2.376   5.163   1.00 39.96 ? 227 HOH A O   1 
HETATM 1470 O O   . HOH B 2 .   ? -1.892  22.212  -0.206  1.00 27.70 ? 228 HOH A O   1 
HETATM 1471 O O   . HOH B 2 .   ? 16.778  1.585   -8.341  1.00 38.22 ? 229 HOH A O   1 
HETATM 1472 O O   . HOH B 2 .   ? 6.034   21.267  7.086   1.00 36.35 ? 230 HOH A O   1 
HETATM 1473 O O   . HOH B 2 .   ? -5.447  -20.204 3.964   1.00 46.99 ? 231 HOH A O   1 
HETATM 1474 O O   . HOH B 2 .   ? -10.590 4.934   -14.298 1.00 34.72 ? 232 HOH A O   1 
HETATM 1475 O O   . HOH B 2 .   ? 0.779   11.954  16.785  1.00 40.46 ? 233 HOH A O   1 
HETATM 1476 O O   . HOH B 2 .   ? 5.760   1.273   5.975   1.00 39.30 ? 234 HOH A O   1 
HETATM 1477 O O   . HOH B 2 .   ? -9.469  11.903  -4.413  1.00 20.29 ? 235 HOH A O   1 
HETATM 1478 O O   . HOH B 2 .   ? -5.313  3.709   19.058  1.00 40.65 ? 236 HOH A O   1 
HETATM 1479 O O   . HOH B 2 .   ? 6.902   13.768  -13.581 1.00 39.21 ? 237 HOH A O   1 
HETATM 1480 O O   . HOH B 2 .   ? 0.762   -2.562  6.109   1.00 27.06 ? 238 HOH A O   1 
HETATM 1481 O O   . HOH B 2 .   ? -8.589  0.834   9.214   1.00 32.09 ? 239 HOH A O   1 
HETATM 1482 O O   . HOH B 2 .   ? -3.687  13.232  -8.033  1.00 27.70 ? 240 HOH A O   1 
HETATM 1483 O O   . HOH B 2 .   ? -4.419  15.160  -1.107  1.00 13.64 ? 241 HOH A O   1 
HETATM 1484 O O   . HOH B 2 .   ? 2.676   19.444  0.665   1.00 35.99 ? 242 HOH A O   1 
HETATM 1485 O O   . HOH B 2 .   ? -6.070  18.354  0.975   1.00 25.99 ? 243 HOH A O   1 
HETATM 1486 O O   . HOH B 2 .   ? 17.345  -0.314  -5.568  1.00 43.25 ? 244 HOH A O   1 
HETATM 1487 O O   . HOH B 2 .   ? -15.818 4.810   4.873   1.00 35.43 ? 245 HOH A O   1 
HETATM 1488 O O   . HOH B 2 .   ? -12.612 -15.297 1.207   1.00 36.23 ? 246 HOH A O   1 
HETATM 1489 O O   . HOH B 2 .   ? -9.514  6.188   -16.867 1.00 50.58 ? 247 HOH A O   1 
HETATM 1490 O O   . HOH B 2 .   ? -1.091  8.247   17.944  1.00 40.90 ? 248 HOH A O   1 
HETATM 1491 O O   . HOH B 2 .   ? 11.087  15.474  -4.342  1.00 32.77 ? 249 HOH A O   1 
HETATM 1492 O O   . HOH B 2 .   ? -7.596  -18.160 -2.042  1.00 29.39 ? 250 HOH A O   1 
HETATM 1493 O O   . HOH B 2 .   ? 8.075   19.505  3.299   1.00 38.89 ? 251 HOH A O   1 
HETATM 1494 O O   . HOH B 2 .   ? 5.481   -2.993  -10.795 1.00 34.36 ? 252 HOH A O   1 
HETATM 1495 O O   . HOH B 2 .   ? 1.184   -22.965 4.977   1.00 51.25 ? 253 HOH A O   1 
HETATM 1496 O O   . HOH B 2 .   ? 5.570   -14.514 -9.314  1.00 42.51 ? 254 HOH A O   1 
HETATM 1497 O O   . HOH B 2 .   ? 0.755   19.062  2.069   1.00 30.24 ? 255 HOH A O   1 
HETATM 1498 O O   . HOH B 2 .   ? 14.124  10.984  -0.614  1.00 30.74 ? 256 HOH A O   1 
HETATM 1499 O O   . HOH B 2 .   ? -15.787 -6.469  -7.314  1.00 40.96 ? 257 HOH A O   1 
HETATM 1500 O O   . HOH B 2 .   ? -15.984 5.227   -3.868  1.00 27.64 ? 258 HOH A O   1 
HETATM 1501 O O   . HOH B 2 .   ? -15.056 -7.278  -2.261  1.00 35.32 ? 259 HOH A O   1 
HETATM 1502 O O   . HOH B 2 .   ? -8.734  -5.962  -12.155 1.00 29.11 ? 260 HOH A O   1 
HETATM 1503 O O   . HOH B 2 .   ? 8.788   3.158   18.619  1.00 46.54 ? 261 HOH A O   1 
HETATM 1504 O O   . HOH B 2 .   ? 12.946  -16.860 -3.378  1.00 37.05 ? 262 HOH A O   1 
HETATM 1505 O O   . HOH B 2 .   ? -0.852  -22.808 -1.930  1.00 35.74 ? 263 HOH A O   1 
HETATM 1506 O O   . HOH B 2 .   ? 18.383  1.480   -4.032  1.00 53.64 ? 264 HOH A O   1 
HETATM 1507 O O   . HOH B 2 .   ? -16.809 0.028   -5.062  1.00 40.20 ? 265 HOH A O   1 
HETATM 1508 O O   . HOH B 2 .   ? -18.696 5.199   -14.257 1.00 50.29 ? 266 HOH A O   1 
HETATM 1509 O O   . HOH B 2 .   ? -1.069  -2.803  8.555   1.00 34.12 ? 267 HOH A O   1 
HETATM 1510 O O   . HOH B 2 .   ? 8.338   17.668  -2.600  1.00 37.48 ? 268 HOH A O   1 
HETATM 1511 O O   . HOH B 2 .   ? 7.426   18.785  0.541   1.00 41.79 ? 269 HOH A O   1 
HETATM 1512 O O   . HOH B 2 .   ? 10.520  16.440  -7.774  1.00 47.49 ? 270 HOH A O   1 
HETATM 1513 O O   . HOH B 2 .   ? -3.209  -8.072  -11.935 1.00 48.74 ? 271 HOH A O   1 
HETATM 1514 O O   . HOH B 2 .   ? -12.454 -13.865 -6.065  1.00 29.36 ? 272 HOH A O   1 
HETATM 1515 O O   . HOH B 2 .   ? -3.501  6.306   18.453  1.00 30.75 ? 273 HOH A O   1 
HETATM 1516 O O   . HOH B 2 .   ? 8.569   -17.136 -6.456  1.00 43.54 ? 274 HOH A O   1 
HETATM 1517 O O   . HOH B 2 .   ? -9.464  16.783  0.465   1.00 9.01  ? 275 HOH A O   1 
HETATM 1518 O O   . HOH B 2 .   ? 3.899   -8.923  -9.522  1.00 31.98 ? 276 HOH A O   1 
HETATM 1519 O O   . HOH B 2 .   ? -1.236  9.999   13.590  1.00 20.22 ? 277 HOH A O   1 
HETATM 1520 O O   . HOH B 2 .   ? 7.385   16.106  -0.121  1.00 24.07 ? 278 HOH A O   1 
HETATM 1521 O O   . HOH B 2 .   ? 0.049   16.744  9.032   1.00 32.18 ? 279 HOH A O   1 
HETATM 1522 O O   . HOH B 2 .   ? -16.004 7.166   3.617   1.00 31.92 ? 280 HOH A O   1 
HETATM 1523 O O   . HOH B 2 .   ? -3.477  18.526  1.215   1.00 30.21 ? 281 HOH A O   1 
HETATM 1524 O O   . HOH B 2 .   ? -1.955  -22.399 3.518   1.00 57.02 ? 282 HOH A O   1 
HETATM 1525 O O   . HOH B 2 .   ? -2.980  -19.295 5.391   1.00 39.65 ? 283 HOH A O   1 
HETATM 1526 O O   . HOH B 2 .   ? 12.256  11.905  7.784   1.00 45.10 ? 284 HOH A O   1 
HETATM 1527 O O   . HOH B 2 .   ? -7.832  10.042  -16.839 1.00 44.60 ? 285 HOH A O   1 
HETATM 1528 O O   . HOH B 2 .   ? 0.131   13.808  18.693  1.00 53.57 ? 286 HOH A O   1 
HETATM 1529 O O   . HOH B 2 .   ? 12.343  -15.974 -9.901  1.00 39.97 ? 287 HOH A O   1 
HETATM 1530 O O   . HOH B 2 .   ? -11.599 10.966  -3.402  1.00 23.30 ? 288 HOH A O   1 
HETATM 1531 O O   . HOH B 2 .   ? 6.940   21.553  4.344   1.00 55.57 ? 289 HOH A O   1 
HETATM 1532 O O   . HOH B 2 .   ? 13.824  17.490  1.397   1.00 39.32 ? 290 HOH A O   1 
HETATM 1533 O O   . HOH B 2 .   ? -6.943  20.642  -0.630  0.33 48.54 ? 291 HOH A O   1 
HETATM 1534 O O   . HOH B 2 .   ? -1.037  -6.653  -13.299 1.00 43.66 ? 292 HOH A O   1 
HETATM 1535 O O   . HOH B 2 .   ? 7.464   16.053  12.519  1.00 35.97 ? 293 HOH A O   1 
HETATM 1536 O O   . HOH B 2 .   ? -10.171 -0.963  7.540   1.00 34.28 ? 294 HOH A O   1 
HETATM 1537 O O   . HOH B 2 .   ? -9.442  -2.333  14.285  1.00 58.04 ? 295 HOH A O   1 
HETATM 1538 O O   . HOH B 2 .   ? 8.805   8.523   11.080  1.00 46.99 ? 296 HOH A O   1 
HETATM 1539 O O   . HOH B 2 .   ? -0.109  19.938  -4.544  1.00 51.50 ? 297 HOH A O   1 
HETATM 1540 O O   . HOH B 2 .   ? -12.409 1.179   -16.388 1.00 59.25 ? 298 HOH A O   1 
HETATM 1541 O O   . HOH B 2 .   ? -1.755  -2.310  -12.877 1.00 40.49 ? 299 HOH A O   1 
HETATM 1542 O O   . HOH B 2 .   ? 11.282  7.033   13.864  1.00 47.50 ? 300 HOH A O   1 
HETATM 1543 O O   . HOH B 2 .   ? 3.908   -0.542  6.133   1.00 39.15 ? 301 HOH A O   1 
HETATM 1544 O O   . HOH B 2 .   ? 17.078  8.762   -13.664 1.00 50.01 ? 302 HOH A O   1 
HETATM 1545 O O   . HOH B 2 .   ? -13.003 -5.465  5.747   1.00 53.18 ? 303 HOH A O   1 
HETATM 1546 O O   . HOH B 2 .   ? 0.901   -19.325 8.265   1.00 49.80 ? 304 HOH A O   1 
HETATM 1547 O O   . HOH B 2 .   ? -15.223 -11.833 -9.616  1.00 55.65 ? 305 HOH A O   1 
HETATM 1548 O O   . HOH B 2 .   ? -1.542  7.384   -10.990 1.00 30.83 ? 306 HOH A O   1 
HETATM 1549 O O   . HOH B 2 .   ? -12.104 -2.143  -11.883 1.00 33.60 ? 307 HOH A O   1 
HETATM 1550 O O   . HOH B 2 .   ? -9.943  -19.295 -0.811  1.00 50.83 ? 308 HOH A O   1 
HETATM 1551 O O   . HOH B 2 .   ? -11.983 5.249   -16.586 1.00 40.98 ? 309 HOH A O   1 
HETATM 1552 O O   . HOH B 2 .   ? -0.432  19.557  -7.951  1.00 48.60 ? 310 HOH A O   1 
HETATM 1553 O O   . HOH B 2 .   ? -15.284 9.920   11.437  1.00 38.78 ? 311 HOH A O   1 
HETATM 1554 O O   . HOH B 2 .   ? 9.071   -13.714 6.563   1.00 37.36 ? 312 HOH A O   1 
HETATM 1555 O O   . HOH B 2 .   ? 11.857  -2.157  -2.994  1.00 37.99 ? 313 HOH A O   1 
HETATM 1556 O O   . HOH B 2 .   ? -8.619  0.209   14.629  1.00 31.14 ? 314 HOH A O   1 
HETATM 1557 O O   . HOH B 2 .   ? -5.619  17.343  -2.081  1.00 28.61 ? 315 HOH A O   1 
HETATM 1558 O O   . HOH B 2 .   ? 1.018   15.649  11.523  1.00 39.22 ? 316 HOH A O   1 
HETATM 1559 O O   . HOH B 2 .   ? 1.583   22.288  -0.519  1.00 56.10 ? 317 HOH A O   1 
HETATM 1560 O O   . HOH B 2 .   ? -17.755 2.678   -3.430  1.00 46.39 ? 318 HOH A O   1 
HETATM 1561 O O   . HOH B 2 .   ? -0.728  10.878  19.342  1.00 57.56 ? 319 HOH A O   1 
HETATM 1562 O O   . HOH B 2 .   ? -3.243  -2.245  11.824  1.00 59.74 ? 320 HOH A O   1 
HETATM 1563 O O   . HOH B 2 .   ? 4.806   -8.832  -11.962 1.00 53.52 ? 321 HOH A O   1 
HETATM 1564 O O   . HOH B 2 .   ? 8.489   13.714  -11.038 1.00 28.71 ? 322 HOH A O   1 
HETATM 1565 O O   . HOH B 2 .   ? 5.831   20.879  1.403   1.00 52.90 ? 323 HOH A O   1 
HETATM 1566 O O   . HOH B 2 .   ? -11.970 -16.250 3.358   1.00 39.11 ? 324 HOH A O   1 
HETATM 1567 O O   . HOH B 2 .   ? 13.014  10.276  5.669   1.00 46.85 ? 325 HOH A O   1 
HETATM 1568 O O   . HOH B 2 .   ? -1.720  -19.512 8.046   1.00 49.35 ? 326 HOH A O   1 
HETATM 1569 O O   . HOH B 2 .   ? -2.063  12.795  -10.227 1.00 45.21 ? 327 HOH A O   1 
HETATM 1570 O O   . HOH B 2 .   ? 14.372  5.674   -2.138  1.00 47.22 ? 328 HOH A O   1 
HETATM 1571 O O   . HOH B 2 .   ? 2.574   -4.233  7.396   1.00 43.75 ? 329 HOH A O   1 
HETATM 1572 O O   . HOH B 2 .   ? 10.845  16.513  -2.014  1.00 38.13 ? 330 HOH A O   1 
HETATM 1573 O O   . HOH B 2 .   ? -9.294  -6.967  10.102  1.00 44.46 ? 331 HOH A O   1 
HETATM 1574 O O   . HOH B 2 .   ? 13.376  14.103  -2.293  1.00 49.72 ? 332 HOH A O   1 
HETATM 1575 O O   . HOH B 2 .   ? -15.585 -8.930  -6.118  1.00 47.49 ? 333 HOH A O   1 
HETATM 1576 O O   . HOH B 2 .   ? 11.941  15.222  -10.287 1.00 46.69 ? 334 HOH A O   1 
HETATM 1577 O O   . HOH B 2 .   ? -14.887 -15.073 -3.829  1.00 56.07 ? 335 HOH A O   1 
HETATM 1578 O O   . HOH B 2 .   ? -2.734  -10.335 -14.266 1.00 56.96 ? 336 HOH A O   1 
HETATM 1579 O O   . HOH B 2 .   ? -2.020  4.029   19.342  1.00 43.15 ? 337 HOH A O   1 
HETATM 1580 O O   . HOH B 2 .   ? 8.078   5.917   17.706  1.00 44.58 ? 338 HOH A O   1 
HETATM 1581 O O   . HOH B 2 .   ? -5.241  11.151  22.019  1.00 57.33 ? 339 HOH A O   1 
HETATM 1582 O O   . HOH B 2 .   ? -18.659 -3.021  -0.485  1.00 53.70 ? 340 HOH A O   1 
HETATM 1583 O O   . HOH B 2 .   ? -14.275 16.125  6.506   0.33 29.20 ? 341 HOH A O   1 
HETATM 1584 O O   . HOH B 2 .   ? -5.936  16.587  -5.572  1.00 24.16 ? 342 HOH A O   1 
HETATM 1585 O O   . HOH B 2 .   ? 8.481   -8.907  8.282   1.00 31.37 ? 343 HOH A O   1 
HETATM 1586 O O   . HOH B 2 .   ? 4.169   -9.114  7.516   1.00 42.19 ? 344 HOH A O   1 
HETATM 1587 O O   . HOH B 2 .   ? 10.294  -11.518 -9.473  1.00 39.01 ? 345 HOH A O   1 
HETATM 1588 O O   . HOH B 2 .   ? -3.359  11.200  17.367  1.00 45.00 ? 346 HOH A O   1 
HETATM 1589 O O   . HOH B 2 .   ? 19.235  1.282   -0.025  1.00 37.76 ? 347 HOH A O   1 
HETATM 1590 O O   . HOH B 2 .   ? 7.184   -21.991 -1.885  1.00 56.65 ? 348 HOH A O   1 
HETATM 1591 O O   . HOH B 2 .   ? -21.542 7.231   -15.523 1.00 60.18 ? 349 HOH A O   1 
HETATM 1592 O O   . HOH B 2 .   ? 15.598  -17.354 -3.328  1.00 51.52 ? 350 HOH A O   1 
HETATM 1593 O O   . HOH B 2 .   ? -5.508  15.780  14.906  1.00 34.07 ? 351 HOH A O   1 
HETATM 1594 O O   . HOH B 2 .   ? 12.318  -4.753  -4.322  1.00 42.17 ? 352 HOH A O   1 
HETATM 1595 O O   . HOH B 2 .   ? 3.053   11.280  18.013  1.00 51.67 ? 353 HOH A O   1 
HETATM 1596 O O   . HOH B 2 .   ? -15.654 -9.100  -11.145 1.00 51.39 ? 354 HOH A O   1 
HETATM 1597 O O   . HOH B 2 .   ? -16.884 3.543   -12.906 1.00 55.22 ? 355 HOH A O   1 
HETATM 1598 O O   . HOH B 2 .   ? -13.347 -9.951  -4.908  1.00 54.63 ? 356 HOH A O   1 
HETATM 1599 O O   . HOH B 2 .   ? 3.915   -11.590 6.817   1.00 35.30 ? 357 HOH A O   1 
HETATM 1600 O O   . HOH B 2 .   ? 4.619   -2.185  9.198   1.00 47.79 ? 358 HOH A O   1 
HETATM 1601 O O   . HOH B 2 .   ? 5.403   -1.050  24.739  1.00 37.42 ? 359 HOH A O   1 
HETATM 1602 O O   . HOH B 2 .   ? 13.064  10.919  -9.009  1.00 29.46 ? 360 HOH A O   1 
HETATM 1603 O O   . HOH B 2 .   ? -10.114 -2.188  11.797  1.00 42.10 ? 361 HOH A O   1 
HETATM 1604 O O   . HOH B 2 .   ? 4.889   -5.556  -13.184 1.00 48.47 ? 362 HOH A O   1 
HETATM 1605 O O   . HOH B 2 .   ? -0.676  -9.358  8.973   1.00 45.25 ? 363 HOH A O   1 
HETATM 1606 O O   . HOH B 2 .   ? 19.950  2.234   -6.586  1.00 66.58 ? 364 HOH A O   1 
HETATM 1607 O O   . HOH B 2 .   ? -13.604 -7.589  -14.212 1.00 46.77 ? 365 HOH A O   1 
HETATM 1608 O O   . HOH B 2 .   ? -0.145  -16.027 -10.208 1.00 57.30 ? 366 HOH A O   1 
HETATM 1609 O O   . HOH B 2 .   ? -1.789  4.979   -15.081 1.00 36.68 ? 367 HOH A O   1 
HETATM 1610 O O   . HOH B 2 .   ? -9.400  -3.028  -11.654 1.00 50.15 ? 368 HOH A O   1 
HETATM 1611 O O   . HOH B 2 .   ? 2.411   16.177  -8.446  1.00 50.44 ? 369 HOH A O   1 
HETATM 1612 O O   . HOH B 2 .   ? 12.130  12.395  -10.953 1.00 30.08 ? 370 HOH A O   1 
HETATM 1613 O O   . HOH B 2 .   ? 4.318   19.711  -9.073  1.00 52.24 ? 371 HOH A O   1 
HETATM 1614 O O   . HOH B 2 .   ? -18.039 0.864   -8.698  1.00 58.05 ? 372 HOH A O   1 
HETATM 1615 O O   . HOH B 2 .   ? 1.349   -23.296 -0.527  1.00 55.56 ? 373 HOH A O   1 
# 
